data_9SDS
#
_entry.id   9SDS
#
_cell.length_a   111.157
_cell.length_b   111.157
_cell.length_c   241.477
_cell.angle_alpha   90.00
_cell.angle_beta   90.00
_cell.angle_gamma   90.00
#
_symmetry.space_group_name_H-M   'P 43 21 2'
#
loop_
_entity.id
_entity.type
_entity.pdbx_description
1 polymer 'Myeloperoxidase light chain'
2 polymer 'Myeloperoxidase inhibitor SPIN'
3 polymer Myeloperoxidase
4 branched alpha-D-mannopyranose-(1-3)-[alpha-D-mannopyranose-(1-6)]beta-D-mannopyranose-(1-4)-2-acetamido-2-deoxy-beta-D-glucopyranose-(1-4)-[alpha-L-fucopyranose-(1-6)]2-acetamido-2-deoxy-beta-D-glucopyranose
5 branched 2-acetamido-2-deoxy-beta-D-glucopyranose-(1-4)-2-acetamido-2-deoxy-beta-D-glucopyranose
6 non-polymer 'PROTOPORPHYRIN IX CONTAINING FE'
7 non-polymer 'IODIDE ION'
8 non-polymer 'CALCIUM ION'
9 non-polymer 'CHLORIDE ION'
10 non-polymer 2-acetamido-2-deoxy-beta-D-glucopyranose
11 water water
#
loop_
_entity_poly.entity_id
_entity_poly.type
_entity_poly.pdbx_seq_one_letter_code
_entity_poly.pdbx_strand_id
1 'polypeptide(L)'
;VTCPEQDKYRTITGMCNNRRSPTLGASNRAFVRWLPAEYEDGFSLPYGWTPGVKRNGFPVALARAVSNEIVRFPTDQLTP
DQERSLMFMQWGQLLDHDLDFTPEPAARASFVTG
;
A,B
2 'polypeptide(L)' ANFLEHELSYIDVLLDKNADQATKDNLRSYFADKGLHSIKDIINKAKQDGFDVSKYEHVK E,F
3 'polypeptide(L)'
;VNCETSCVQQPPCFPLKIPPNDPRIKNQADCIPFFRSCPACPGSNITIRNQINALTSFVDASMVYGSEEPLARNLRNMSN
QLGLLAVNQRFQDNGRALLPFDNLHDDPCLLTNRSARIPCFLAGDTRSSEMPELTSMHTLLLREHNRLATELKSLNPRWD
GERLYQEARKIVGAMVQIITYRDYLPLVLGPTAMRKYLPTYRSYNDSVDPRIANVFTNAFRYGHTLIQPFMFRLDNRYQP
MEPNPRVPLSRVFFASWRVVLEGGIDPILRGLMATPAKLNRQNQIAVDEIRERLFEQVMRIGLDLPALNMQRSRDHGLPG
YNAWRRFCGLPQPETVGQLGTVLRNLKLARKLMEQYGTPNNIDIWMGGVSEPLKRKGRVGPLLACIIGTQFRKLRDGDRF
WWENEGVFSMQQRQALAQISLPRIICDNTGITTVSKNNIFMSNSYPRDFVNCSTLPALNLASWREAS
;
C,D
#
loop_
_chem_comp.id
_chem_comp.type
_chem_comp.name
_chem_comp.formula
BMA D-saccharide, beta linking beta-D-mannopyranose 'C6 H12 O6'
CA non-polymer 'CALCIUM ION' 'Ca 2'
CL non-polymer 'CHLORIDE ION' 'Cl -1'
FUC L-saccharide, alpha linking alpha-L-fucopyranose 'C6 H12 O5'
HEM non-polymer 'PROTOPORPHYRIN IX CONTAINING FE' 'C34 H32 Fe N4 O4'
IOD non-polymer 'IODIDE ION' 'I -1'
MAN D-saccharide, alpha linking alpha-D-mannopyranose 'C6 H12 O6'
NAG D-saccharide, beta linking 2-acetamido-2-deoxy-beta-D-glucopyranose 'C8 H15 N O6'
#
# COMPACT_ATOMS: atom_id res chain seq x y z
N CYS A 3 -21.17 -7.25 2.49
CA CYS A 3 -21.55 -7.41 1.06
C CYS A 3 -22.66 -8.44 0.91
N PRO A 4 -23.61 -8.28 -0.08
CA PRO A 4 -24.60 -9.32 -0.37
C PRO A 4 -23.97 -10.61 -0.90
N GLU A 5 -24.79 -11.67 -0.93
CA GLU A 5 -24.44 -13.01 -1.39
C GLU A 5 -24.88 -13.14 -2.84
N GLN A 6 -26.17 -12.92 -3.08
CA GLN A 6 -26.74 -12.90 -4.41
C GLN A 6 -26.74 -11.47 -4.89
N ASP A 7 -26.14 -11.28 -6.06
CA ASP A 7 -26.39 -10.06 -6.82
C ASP A 7 -26.50 -10.40 -8.30
N LYS A 8 -26.89 -9.42 -9.11
CA LYS A 8 -27.01 -9.60 -10.54
C LYS A 8 -26.26 -8.49 -11.27
N TYR A 9 -26.15 -7.31 -10.65
CA TYR A 9 -25.60 -6.15 -11.34
C TYR A 9 -24.49 -5.54 -10.49
N ARG A 10 -23.59 -4.83 -11.17
CA ARG A 10 -22.55 -4.05 -10.52
C ARG A 10 -23.21 -2.97 -9.69
N THR A 11 -22.63 -2.70 -8.52
CA THR A 11 -22.95 -1.49 -7.79
C THR A 11 -22.38 -0.29 -8.58
N ILE A 12 -22.91 0.92 -8.33
CA ILE A 12 -22.40 2.15 -8.93
C ILE A 12 -20.96 2.41 -8.51
N THR A 13 -20.65 2.23 -7.21
CA THR A 13 -19.38 2.61 -6.59
C THR A 13 -18.26 1.61 -6.89
N GLY A 14 -18.61 0.42 -7.41
CA GLY A 14 -17.70 -0.70 -7.61
C GLY A 14 -17.50 -1.55 -6.36
N MET A 15 -17.99 -1.07 -5.20
CA MET A 15 -18.08 -1.81 -3.95
C MET A 15 -18.60 -3.20 -4.32
N CYS A 16 -17.97 -4.22 -3.75
CA CYS A 16 -18.51 -5.57 -3.70
C CYS A 16 -18.26 -6.37 -4.97
N ASN A 17 -17.42 -5.82 -5.87
CA ASN A 17 -16.99 -6.55 -7.06
C ASN A 17 -16.14 -7.74 -6.61
N ASN A 18 -15.14 -7.46 -5.79
CA ASN A 18 -14.32 -8.47 -5.15
C ASN A 18 -14.96 -8.79 -3.81
N ARG A 19 -15.44 -10.03 -3.61
CA ARG A 19 -16.12 -10.40 -2.39
C ARG A 19 -15.21 -10.39 -1.15
N ARG A 20 -13.96 -10.82 -1.28
CA ARG A 20 -13.05 -10.96 -0.15
C ARG A 20 -12.47 -9.60 0.26
N SER A 21 -12.30 -8.69 -0.69
CA SER A 21 -11.74 -7.39 -0.38
C SER A 21 -12.57 -6.32 -1.08
N PRO A 22 -13.78 -6.04 -0.51
CA PRO A 22 -14.84 -5.37 -1.25
C PRO A 22 -14.59 -3.92 -1.70
N THR A 23 -13.52 -3.25 -1.26
CA THR A 23 -13.27 -1.90 -1.75
C THR A 23 -12.44 -1.92 -3.03
N LEU A 24 -11.91 -3.08 -3.44
CA LEU A 24 -10.95 -3.10 -4.52
C LEU A 24 -11.64 -2.76 -5.83
N GLY A 25 -11.26 -1.60 -6.39
CA GLY A 25 -11.81 -1.06 -7.63
C GLY A 25 -12.94 -0.04 -7.37
N ALA A 26 -13.44 0.02 -6.13
CA ALA A 26 -14.44 0.98 -5.72
C ALA A 26 -13.86 2.40 -5.77
N SER A 27 -14.75 3.39 -5.86
CA SER A 27 -14.43 4.79 -6.01
C SER A 27 -14.08 5.37 -4.64
N ASN A 28 -13.23 6.44 -4.68
CA ASN A 28 -12.81 7.22 -3.51
C ASN A 28 -11.92 6.38 -2.62
N ARG A 29 -10.98 5.71 -3.26
CA ARG A 29 -10.00 4.89 -2.58
C ARG A 29 -8.63 5.25 -3.15
N ALA A 30 -7.60 4.95 -2.36
CA ALA A 30 -6.20 5.16 -2.70
C ALA A 30 -5.87 4.32 -3.93
N PHE A 31 -5.05 4.87 -4.83
CA PHE A 31 -4.44 4.08 -5.89
C PHE A 31 -3.61 2.98 -5.22
N VAL A 32 -3.35 1.90 -5.96
CA VAL A 32 -2.38 0.94 -5.51
C VAL A 32 -1.01 1.41 -5.98
N ARG A 33 -0.01 1.06 -5.17
CA ARG A 33 1.38 1.33 -5.47
C ARG A 33 2.03 0.02 -5.88
N TRP A 34 2.48 0.00 -7.15
CA TRP A 34 3.34 -1.07 -7.65
C TRP A 34 4.80 -0.90 -7.23
N LEU A 35 5.23 0.33 -6.94
CA LEU A 35 6.58 0.63 -6.46
C LEU A 35 6.46 1.57 -5.26
N PRO A 36 7.41 1.51 -4.30
CA PRO A 36 7.48 2.52 -3.26
C PRO A 36 7.56 3.93 -3.83
N ALA A 37 6.85 4.86 -3.18
CA ALA A 37 6.81 6.26 -3.59
C ALA A 37 8.18 6.90 -3.38
N GLU A 38 8.50 7.88 -4.23
CA GLU A 38 9.75 8.65 -4.17
C GLU A 38 9.48 10.13 -4.00
N TYR A 39 9.58 10.59 -2.75
CA TYR A 39 9.40 11.99 -2.40
C TYR A 39 10.70 12.54 -1.82
N GLU A 40 10.88 13.84 -2.00
CA GLU A 40 12.02 14.62 -1.55
C GLU A 40 12.39 14.29 -0.10
N ASP A 41 11.40 14.14 0.77
CA ASP A 41 11.59 13.92 2.19
C ASP A 41 11.24 12.48 2.55
N GLY A 42 11.00 11.65 1.54
CA GLY A 42 10.65 10.29 1.83
C GLY A 42 9.16 10.01 1.91
N PHE A 43 8.35 10.99 2.37
CA PHE A 43 6.97 10.66 2.69
C PHE A 43 5.91 11.59 2.07
N SER A 44 6.29 12.80 1.59
CA SER A 44 5.28 13.81 1.26
C SER A 44 5.70 14.81 0.18
N LEU A 45 6.90 15.39 0.31
CA LEU A 45 7.23 16.59 -0.46
C LEU A 45 7.65 16.14 -1.85
N PRO A 46 7.14 16.76 -2.95
CA PRO A 46 7.53 16.31 -4.28
C PRO A 46 8.93 16.79 -4.61
N TYR A 47 9.67 15.99 -5.42
CA TYR A 47 10.90 16.45 -6.07
C TYR A 47 10.64 17.77 -6.77
N GLY A 48 11.48 18.76 -6.49
CA GLY A 48 11.32 20.05 -7.11
C GLY A 48 10.82 21.06 -6.10
N TRP A 49 10.33 20.58 -4.93
CA TRP A 49 9.72 21.40 -3.92
C TRP A 49 10.73 22.34 -3.29
N THR A 50 11.81 21.80 -2.68
CA THR A 50 12.75 22.65 -1.94
C THR A 50 13.85 23.10 -2.89
N PRO A 51 14.11 24.42 -3.05
CA PRO A 51 15.11 24.86 -4.02
C PRO A 51 16.49 24.32 -3.62
N GLY A 52 17.22 23.82 -4.65
CA GLY A 52 18.56 23.29 -4.46
C GLY A 52 18.63 21.87 -3.85
N VAL A 53 17.49 21.18 -3.64
CA VAL A 53 17.50 19.78 -3.19
C VAL A 53 17.55 18.86 -4.40
N LYS A 54 18.62 18.08 -4.50
CA LYS A 54 18.89 17.19 -5.63
C LYS A 54 18.00 15.95 -5.57
N ARG A 55 17.81 15.32 -6.73
CA ARG A 55 17.19 14.00 -6.81
C ARG A 55 18.28 13.02 -7.18
N ASN A 56 18.74 12.23 -6.21
CA ASN A 56 19.58 11.09 -6.52
C ASN A 56 20.85 11.65 -7.19
N GLY A 57 21.36 12.76 -6.65
CA GLY A 57 22.63 13.31 -7.08
C GLY A 57 22.53 14.43 -8.13
N PHE A 58 21.34 14.71 -8.71
CA PHE A 58 21.24 15.64 -9.83
C PHE A 58 20.21 16.75 -9.55
N PRO A 59 20.38 18.02 -10.02
CA PRO A 59 19.29 19.00 -9.96
C PRO A 59 18.02 18.50 -10.64
N VAL A 60 16.87 18.74 -10.02
CA VAL A 60 15.57 18.47 -10.60
C VAL A 60 15.31 19.52 -11.70
N ALA A 61 14.97 19.03 -12.89
CA ALA A 61 14.71 19.91 -14.01
C ALA A 61 13.27 20.43 -13.92
N LEU A 62 13.10 21.73 -14.24
CA LEU A 62 11.75 22.29 -14.32
C LEU A 62 10.97 21.56 -15.40
N ALA A 63 9.74 21.15 -15.07
CA ALA A 63 8.83 20.47 -15.98
C ALA A 63 8.67 21.31 -17.27
N ARG A 64 8.59 22.62 -17.11
CA ARG A 64 8.44 23.55 -18.19
C ARG A 64 9.72 23.62 -19.02
N ALA A 65 10.91 23.51 -18.40
CA ALA A 65 12.17 23.43 -19.13
C ALA A 65 12.21 22.16 -19.97
N VAL A 66 11.73 21.03 -19.42
CA VAL A 66 11.72 19.77 -20.14
C VAL A 66 10.80 19.86 -21.35
N SER A 67 9.60 20.41 -21.14
CA SER A 67 8.63 20.72 -22.19
C SER A 67 9.24 21.54 -23.35
N ASN A 68 9.95 22.63 -23.03
CA ASN A 68 10.54 23.52 -24.01
C ASN A 68 11.61 22.82 -24.83
N GLU A 69 12.43 21.98 -24.17
CA GLU A 69 13.67 21.50 -24.79
C GLU A 69 13.46 20.19 -25.55
N ILE A 70 12.40 19.47 -25.22
CA ILE A 70 12.19 18.10 -25.65
C ILE A 70 10.82 17.98 -26.33
N VAL A 71 9.79 18.64 -25.81
CA VAL A 71 8.44 18.38 -26.28
C VAL A 71 8.08 19.33 -27.44
N ARG A 72 8.56 20.58 -27.40
CA ARG A 72 8.23 21.57 -28.41
C ARG A 72 8.68 21.12 -29.81
N PHE A 73 7.81 21.38 -30.79
CA PHE A 73 8.15 21.23 -32.20
C PHE A 73 7.32 22.21 -33.02
N PRO A 74 7.70 22.57 -34.28
CA PRO A 74 6.81 23.33 -35.14
C PRO A 74 5.57 22.54 -35.62
N THR A 75 4.35 23.07 -35.36
CA THR A 75 3.03 22.48 -35.70
C THR A 75 2.87 22.18 -37.21
N ASP A 76 3.52 22.96 -38.10
CA ASP A 76 3.42 22.76 -39.54
C ASP A 76 4.18 21.51 -40.00
N GLN A 77 4.99 20.92 -39.11
CA GLN A 77 5.77 19.71 -39.40
C GLN A 77 5.06 18.45 -38.88
N LEU A 78 3.84 18.59 -38.35
CA LEU A 78 3.12 17.49 -37.73
C LEU A 78 2.97 16.31 -38.69
N THR A 79 3.18 15.10 -38.16
CA THR A 79 3.12 13.89 -38.98
C THR A 79 1.77 13.20 -38.81
N PRO A 80 0.89 13.15 -39.83
CA PRO A 80 -0.31 12.33 -39.74
C PRO A 80 0.05 10.87 -39.55
N ASP A 81 -0.68 10.21 -38.66
CA ASP A 81 -0.59 8.77 -38.60
C ASP A 81 -1.41 8.14 -39.71
N GLN A 82 -0.74 7.46 -40.64
CA GLN A 82 -1.47 6.84 -41.72
C GLN A 82 -2.45 5.77 -41.25
N GLU A 83 -2.19 5.21 -40.05
CA GLU A 83 -2.77 3.94 -39.66
C GLU A 83 -3.69 4.07 -38.45
N ARG A 84 -4.00 5.32 -38.07
CA ARG A 84 -4.84 5.57 -36.91
C ARG A 84 -5.70 6.78 -37.17
N SER A 85 -6.98 6.74 -36.71
CA SER A 85 -7.89 7.87 -36.81
C SER A 85 -7.80 8.70 -35.53
N LEU A 86 -8.19 9.97 -35.60
CA LEU A 86 -8.51 10.77 -34.42
C LEU A 86 -9.43 10.05 -33.44
N MET A 87 -10.33 9.18 -33.91
CA MET A 87 -11.18 8.36 -33.08
C MET A 87 -10.36 7.50 -32.12
N PHE A 88 -9.18 7.06 -32.57
CA PHE A 88 -8.24 6.29 -31.76
C PHE A 88 -7.78 7.11 -30.57
N MET A 89 -7.55 8.40 -30.77
CA MET A 89 -7.20 9.32 -29.69
C MET A 89 -8.38 9.45 -28.74
N GLN A 90 -9.55 9.62 -29.31
CA GLN A 90 -10.69 10.06 -28.51
C GLN A 90 -11.18 8.93 -27.61
N TRP A 91 -11.22 7.73 -28.16
CA TRP A 91 -11.57 6.57 -27.37
C TRP A 91 -10.67 6.45 -26.13
N GLY A 92 -9.39 6.78 -26.31
CA GLY A 92 -8.38 6.72 -25.25
C GLY A 92 -8.73 7.65 -24.10
N GLN A 93 -9.11 8.89 -24.41
CA GLN A 93 -9.45 9.85 -23.38
C GLN A 93 -10.74 9.40 -22.70
N LEU A 94 -11.69 8.92 -23.52
CA LEU A 94 -12.99 8.44 -23.07
C LEU A 94 -12.79 7.28 -22.08
N LEU A 95 -11.86 6.38 -22.43
CA LEU A 95 -11.57 5.20 -21.64
C LEU A 95 -10.93 5.61 -20.31
N ASP A 96 -9.98 6.55 -20.43
CA ASP A 96 -9.28 7.09 -19.26
C ASP A 96 -10.31 7.57 -18.24
N HIS A 97 -11.45 8.12 -18.72
CA HIS A 97 -12.48 8.73 -17.89
C HIS A 97 -13.43 7.69 -17.33
N ASP A 98 -13.24 6.43 -17.72
CA ASP A 98 -13.86 5.31 -17.06
C ASP A 98 -12.97 4.79 -15.90
N LEU A 99 -11.66 5.09 -15.97
CA LEU A 99 -10.69 4.39 -15.16
C LEU A 99 -10.26 5.20 -13.96
N ASP A 100 -9.91 6.47 -14.15
CA ASP A 100 -9.30 7.22 -13.06
C ASP A 100 -9.58 8.71 -13.14
N PHE A 101 -9.95 9.28 -12.00
CA PHE A 101 -9.91 10.72 -11.80
C PHE A 101 -9.25 10.96 -10.46
N THR A 102 -8.25 11.84 -10.47
CA THR A 102 -7.52 12.17 -9.24
C THR A 102 -7.99 13.53 -8.74
N PRO A 103 -8.80 13.58 -7.64
CA PRO A 103 -9.27 14.86 -7.11
C PRO A 103 -8.13 15.72 -6.59
N GLU A 104 -8.41 17.03 -6.66
CA GLU A 104 -7.57 18.09 -6.13
C GLU A 104 -8.44 18.99 -5.27
N PRO A 105 -7.93 19.70 -4.24
CA PRO A 105 -8.78 20.61 -3.48
C PRO A 105 -9.34 21.72 -4.35
N ALA A 106 -10.59 22.12 -4.03
CA ALA A 106 -11.16 23.38 -4.48
C ALA A 106 -10.36 24.52 -3.82
N ALA A 107 -10.15 25.63 -4.54
CA ALA A 107 -9.46 26.80 -3.98
C ALA A 107 -10.27 27.49 -2.85
N ASN B 2 -26.95 20.55 -5.20
CA ASN B 2 -27.08 21.52 -6.35
C ASN B 2 -28.14 21.07 -7.36
N PHE B 3 -29.07 21.99 -7.62
CA PHE B 3 -30.30 21.70 -8.38
C PHE B 3 -29.90 21.73 -9.84
N LEU B 4 -30.47 20.80 -10.64
CA LEU B 4 -30.11 20.56 -12.03
C LEU B 4 -31.27 20.95 -12.93
N GLU B 5 -30.96 21.59 -14.07
CA GLU B 5 -31.94 22.16 -14.98
C GLU B 5 -33.02 21.14 -15.38
N HIS B 6 -32.61 19.89 -15.62
CA HIS B 6 -33.51 18.83 -16.07
C HIS B 6 -34.53 18.46 -14.98
N GLU B 7 -34.25 18.86 -13.72
CA GLU B 7 -35.10 18.54 -12.58
C GLU B 7 -36.32 19.47 -12.57
N LEU B 8 -36.19 20.65 -13.20
CA LEU B 8 -37.31 21.55 -13.47
C LEU B 8 -38.46 20.82 -14.17
N SER B 9 -38.14 19.88 -15.08
CA SER B 9 -39.17 19.13 -15.80
C SER B 9 -39.95 18.19 -14.87
N TYR B 10 -39.40 17.87 -13.70
CA TYR B 10 -40.05 17.00 -12.74
C TYR B 10 -41.11 17.78 -11.96
N ILE B 11 -40.80 19.07 -11.66
CA ILE B 11 -41.73 20.06 -11.10
C ILE B 11 -42.99 20.10 -11.97
N ASP B 12 -42.83 20.14 -13.31
CA ASP B 12 -43.87 20.19 -14.31
C ASP B 12 -44.80 18.99 -14.19
N VAL B 13 -44.22 17.80 -13.95
CA VAL B 13 -44.95 16.55 -13.80
C VAL B 13 -45.70 16.56 -12.47
N LEU B 14 -45.13 17.22 -11.44
CA LEU B 14 -45.72 17.30 -10.10
C LEU B 14 -46.92 18.27 -10.08
N LEU B 15 -47.07 19.08 -11.14
CA LEU B 15 -48.07 20.12 -11.20
C LEU B 15 -49.08 19.84 -12.30
N ASP B 16 -48.82 18.77 -13.06
CA ASP B 16 -49.75 18.17 -14.02
C ASP B 16 -50.82 17.42 -13.23
N LYS B 17 -52.05 17.96 -13.17
CA LYS B 17 -53.17 17.34 -12.45
C LYS B 17 -53.58 16.02 -13.13
N ASN B 18 -53.13 15.86 -14.38
CA ASN B 18 -53.33 14.70 -15.26
C ASN B 18 -52.39 13.54 -14.95
N ALA B 19 -51.08 13.83 -14.76
CA ALA B 19 -50.06 12.81 -14.56
C ALA B 19 -50.41 11.98 -13.32
N ASP B 20 -50.32 10.64 -13.44
CA ASP B 20 -50.86 9.68 -12.49
C ASP B 20 -50.09 9.66 -11.17
N GLN B 21 -50.77 9.17 -10.11
CA GLN B 21 -50.36 9.19 -8.71
C GLN B 21 -49.01 8.48 -8.54
N ALA B 22 -48.81 7.35 -9.25
CA ALA B 22 -47.63 6.51 -9.25
C ALA B 22 -46.37 7.31 -9.64
N THR B 23 -46.44 8.02 -10.79
CA THR B 23 -45.36 8.84 -11.34
C THR B 23 -44.98 9.98 -10.40
N LYS B 24 -46.01 10.66 -9.85
CA LYS B 24 -45.86 11.82 -8.97
C LYS B 24 -45.24 11.42 -7.63
N ASP B 25 -45.62 10.23 -7.12
CA ASP B 25 -45.11 9.73 -5.83
C ASP B 25 -43.68 9.24 -5.95
N ASN B 26 -43.30 8.74 -7.14
CA ASN B 26 -41.93 8.38 -7.51
C ASN B 26 -41.02 9.60 -7.48
N LEU B 27 -41.47 10.70 -8.09
CA LEU B 27 -40.75 11.96 -8.12
C LEU B 27 -40.66 12.63 -6.74
N ARG B 28 -41.73 12.55 -5.93
CA ARG B 28 -41.74 13.07 -4.57
C ARG B 28 -40.68 12.36 -3.75
N SER B 29 -40.58 11.05 -3.96
CA SER B 29 -39.66 10.14 -3.28
C SER B 29 -38.20 10.49 -3.60
N TYR B 30 -37.92 10.73 -4.90
CA TYR B 30 -36.64 11.21 -5.41
C TYR B 30 -36.23 12.57 -4.83
N PHE B 31 -37.19 13.50 -4.68
CA PHE B 31 -36.92 14.81 -4.11
C PHE B 31 -36.71 14.74 -2.60
N ALA B 32 -37.49 13.87 -1.92
CA ALA B 32 -37.38 13.63 -0.48
C ALA B 32 -36.02 13.02 -0.12
N ASP B 33 -35.44 12.20 -1.02
CA ASP B 33 -34.13 11.59 -0.86
C ASP B 33 -33.00 12.63 -0.85
N LYS B 34 -33.22 13.79 -1.51
CA LYS B 34 -32.31 14.93 -1.56
C LYS B 34 -32.70 16.04 -0.57
N GLY B 35 -33.55 15.70 0.41
CA GLY B 35 -33.89 16.59 1.51
C GLY B 35 -34.94 17.65 1.17
N LEU B 36 -35.76 17.43 0.12
CA LEU B 36 -36.80 18.33 -0.38
C LEU B 36 -38.20 17.69 -0.29
N HIS B 37 -39.03 18.14 0.70
CA HIS B 37 -40.21 17.42 1.20
C HIS B 37 -41.55 17.82 0.57
N SER B 38 -41.64 19.05 0.02
CA SER B 38 -42.84 19.57 -0.63
C SER B 38 -42.46 20.33 -1.89
N ILE B 39 -43.44 20.64 -2.76
CA ILE B 39 -43.17 21.33 -4.02
C ILE B 39 -42.57 22.73 -3.76
N LYS B 40 -43.01 23.38 -2.68
CA LYS B 40 -42.52 24.67 -2.18
C LYS B 40 -41.02 24.61 -1.89
N ASP B 41 -40.59 23.50 -1.24
CA ASP B 41 -39.20 23.23 -0.92
C ASP B 41 -38.40 23.02 -2.21
N ILE B 42 -39.02 22.35 -3.21
CA ILE B 42 -38.43 22.06 -4.50
C ILE B 42 -38.29 23.35 -5.34
N ILE B 43 -39.35 24.17 -5.47
CA ILE B 43 -39.29 25.42 -6.22
C ILE B 43 -38.17 26.27 -5.61
N ASN B 44 -38.15 26.31 -4.27
CA ASN B 44 -37.26 27.16 -3.49
C ASN B 44 -35.80 26.84 -3.77
N LYS B 45 -35.46 25.54 -3.84
CA LYS B 45 -34.12 25.07 -4.15
C LYS B 45 -33.72 25.49 -5.57
N ALA B 46 -34.66 25.35 -6.52
CA ALA B 46 -34.46 25.76 -7.90
C ALA B 46 -34.11 27.25 -7.98
N LYS B 47 -34.86 28.10 -7.24
CA LYS B 47 -34.68 29.56 -7.17
C LYS B 47 -33.27 29.88 -6.65
N GLN B 48 -32.88 29.20 -5.57
CA GLN B 48 -31.66 29.48 -4.81
C GLN B 48 -30.41 29.03 -5.56
N ASP B 49 -30.57 28.10 -6.51
CA ASP B 49 -29.49 27.56 -7.35
C ASP B 49 -29.42 28.30 -8.69
N GLY B 50 -30.14 29.43 -8.81
CA GLY B 50 -30.00 30.38 -9.90
C GLY B 50 -30.96 30.14 -11.06
N PHE B 51 -31.92 29.21 -10.91
CA PHE B 51 -32.97 28.93 -11.91
C PHE B 51 -34.11 29.93 -11.81
N ASP B 52 -34.70 30.20 -12.98
CA ASP B 52 -35.87 31.05 -13.13
C ASP B 52 -37.11 30.19 -12.85
N VAL B 53 -37.77 30.52 -11.74
CA VAL B 53 -38.93 29.77 -11.26
C VAL B 53 -40.21 30.61 -11.39
N SER B 54 -40.15 31.74 -12.13
CA SER B 54 -41.24 32.71 -12.16
C SER B 54 -42.54 32.13 -12.71
N LYS B 55 -42.44 31.05 -13.50
CA LYS B 55 -43.59 30.30 -14.00
C LYS B 55 -44.52 29.73 -12.90
N TYR B 56 -44.01 29.46 -11.67
CA TYR B 56 -44.76 28.72 -10.66
C TYR B 56 -45.60 29.65 -9.75
N VAL C 1 -3.54 30.79 0.28
CA VAL C 1 -2.83 30.81 -1.03
C VAL C 1 -3.71 30.13 -2.07
N ASN C 2 -4.20 30.97 -2.98
CA ASN C 2 -5.17 30.55 -3.96
C ASN C 2 -4.40 30.13 -5.21
N CYS C 3 -4.37 28.83 -5.50
CA CYS C 3 -3.41 28.23 -6.41
C CYS C 3 -3.63 28.66 -7.84
N GLU C 4 -4.88 29.02 -8.16
CA GLU C 4 -5.26 29.51 -9.47
C GLU C 4 -4.57 30.84 -9.79
N THR C 5 -4.26 31.70 -8.79
CA THR C 5 -3.79 33.06 -9.06
C THR C 5 -2.48 33.41 -8.36
N SER C 6 -2.10 32.62 -7.35
CA SER C 6 -0.84 32.76 -6.63
C SER C 6 0.28 31.89 -7.18
N CYS C 7 1.50 32.42 -7.07
CA CYS C 7 2.69 31.73 -7.49
C CYS C 7 3.54 31.33 -6.29
N VAL C 8 3.06 31.63 -5.07
CA VAL C 8 3.66 31.18 -3.81
C VAL C 8 3.52 29.65 -3.72
N GLN C 9 4.61 29.02 -3.27
CA GLN C 9 4.66 27.60 -3.01
C GLN C 9 4.34 27.32 -1.53
N GLN C 10 3.06 27.07 -1.28
CA GLN C 10 2.54 26.65 0.00
C GLN C 10 1.51 25.56 -0.26
N PRO C 11 1.32 24.57 0.64
CA PRO C 11 0.30 23.54 0.45
C PRO C 11 -1.09 24.14 0.28
N PRO C 12 -1.95 23.71 -0.69
CA PRO C 12 -1.68 22.61 -1.63
C PRO C 12 -1.14 22.99 -3.02
N CYS C 13 -0.49 24.16 -3.12
CA CYS C 13 -0.07 24.68 -4.41
C CYS C 13 1.34 24.17 -4.71
N PHE C 14 1.53 23.59 -5.90
CA PHE C 14 2.85 23.27 -6.37
C PHE C 14 3.08 23.88 -7.76
N PRO C 15 3.08 25.23 -7.88
CA PRO C 15 3.11 25.87 -9.21
C PRO C 15 4.37 25.55 -9.99
N LEU C 16 4.27 25.43 -11.32
CA LEU C 16 5.45 25.17 -12.14
C LEU C 16 6.21 26.49 -12.34
N LYS C 17 7.48 26.52 -11.96
CA LYS C 17 8.33 27.66 -12.21
C LYS C 17 8.63 27.79 -13.71
N ILE C 18 9.04 29.00 -14.09
CA ILE C 18 9.26 29.35 -15.47
C ILE C 18 10.76 29.40 -15.74
N PRO C 19 11.26 28.65 -16.74
CA PRO C 19 12.67 28.69 -17.11
C PRO C 19 13.13 30.07 -17.60
N PRO C 20 14.45 30.38 -17.51
CA PRO C 20 14.97 31.66 -17.94
C PRO C 20 14.69 32.11 -19.38
N ASN C 21 14.57 31.19 -20.38
CA ASN C 21 14.42 31.78 -21.73
C ASN C 21 13.12 31.36 -22.42
N ASP C 22 12.00 31.43 -21.68
CA ASP C 22 10.79 30.74 -22.08
C ASP C 22 10.32 31.31 -23.41
N PRO C 23 9.94 30.47 -24.40
CA PRO C 23 9.36 30.98 -25.65
C PRO C 23 8.08 31.81 -25.54
N ARG C 24 7.29 31.62 -24.44
CA ARG C 24 5.94 32.17 -24.28
C ARG C 24 5.83 33.04 -23.02
N ILE C 25 6.12 32.46 -21.84
CA ILE C 25 6.04 33.16 -20.56
C ILE C 25 7.33 33.96 -20.38
N LYS C 26 7.23 35.26 -20.72
CA LYS C 26 8.37 36.18 -20.83
C LYS C 26 8.74 36.66 -19.42
N ASN C 27 7.74 36.63 -18.51
CA ASN C 27 7.87 36.99 -17.11
C ASN C 27 8.21 35.76 -16.26
N GLN C 28 9.42 35.73 -15.69
CA GLN C 28 9.90 34.62 -14.87
C GLN C 28 9.28 34.55 -13.48
N ALA C 29 8.69 35.64 -12.96
CA ALA C 29 7.95 35.59 -11.70
C ALA C 29 6.55 35.00 -11.90
N ASP C 30 6.10 34.82 -13.14
CA ASP C 30 4.86 34.11 -13.41
C ASP C 30 5.04 32.62 -13.12
N CYS C 31 3.97 31.86 -13.22
CA CYS C 31 4.03 30.42 -12.98
C CYS C 31 2.88 29.75 -13.72
N ILE C 32 2.95 28.41 -13.85
CA ILE C 32 1.79 27.66 -14.33
C ILE C 32 1.08 27.08 -13.11
N PRO C 33 -0.19 27.45 -12.79
CA PRO C 33 -0.89 26.97 -11.60
C PRO C 33 -0.97 25.45 -11.54
N PHE C 34 -0.82 24.93 -10.31
CA PHE C 34 -0.95 23.50 -10.07
C PHE C 34 -1.36 23.24 -8.63
N PHE C 35 -2.43 22.46 -8.46
CA PHE C 35 -2.89 22.00 -7.15
C PHE C 35 -2.41 20.56 -7.01
N ARG C 36 -1.70 20.27 -5.91
CA ARG C 36 -1.36 18.91 -5.50
C ARG C 36 -2.64 18.10 -5.35
N SER C 37 -2.63 16.90 -5.95
CA SER C 37 -3.70 15.93 -5.78
C SER C 37 -3.92 15.70 -4.28
N CYS C 38 -5.21 15.60 -3.91
CA CYS C 38 -5.71 15.37 -2.55
C CYS C 38 -5.03 14.12 -1.99
N PRO C 39 -4.40 14.19 -0.80
CA PRO C 39 -3.82 13.01 -0.16
C PRO C 39 -4.87 12.05 0.44
N ALA C 40 -4.56 10.75 0.45
CA ALA C 40 -5.47 9.72 0.96
C ALA C 40 -5.63 9.90 2.46
N CYS C 41 -4.50 10.28 3.10
CA CYS C 41 -4.42 10.52 4.54
C CYS C 41 -3.92 11.95 4.82
N PRO C 42 -4.83 12.97 4.86
CA PRO C 42 -4.41 14.37 5.01
C PRO C 42 -3.69 14.65 6.32
N GLY C 43 -2.52 15.32 6.21
CA GLY C 43 -1.84 15.89 7.36
C GLY C 43 -1.08 14.86 8.21
N SER C 44 -0.77 13.70 7.61
CA SER C 44 -0.17 12.55 8.30
C SER C 44 1.36 12.62 8.19
N ASN C 45 2.04 12.41 9.32
CA ASN C 45 3.50 12.31 9.25
C ASN C 45 3.95 10.85 9.26
N ILE C 46 3.02 9.90 9.54
CA ILE C 46 3.25 8.45 9.51
C ILE C 46 3.23 7.89 8.08
N THR C 47 2.17 8.16 7.30
CA THR C 47 1.95 7.44 6.05
C THR C 47 2.76 8.06 4.92
N ILE C 48 3.03 7.26 3.90
CA ILE C 48 3.63 7.76 2.67
C ILE C 48 2.46 8.27 1.82
N ARG C 49 2.52 9.54 1.43
CA ARG C 49 1.44 10.22 0.73
C ARG C 49 1.02 9.41 -0.50
N ASN C 50 -0.28 9.22 -0.59
CA ASN C 50 -0.88 8.56 -1.74
C ASN C 50 -2.11 9.36 -2.21
N GLN C 51 -2.47 9.16 -3.48
CA GLN C 51 -3.55 9.89 -4.11
C GLN C 51 -4.79 8.99 -4.18
N ILE C 52 -5.94 9.57 -4.56
CA ILE C 52 -7.27 8.97 -4.52
C ILE C 52 -7.71 8.82 -5.96
N ASN C 53 -8.42 7.72 -6.23
CA ASN C 53 -9.16 7.54 -7.46
C ASN C 53 -10.63 7.76 -7.15
N ALA C 54 -11.28 8.73 -7.84
CA ALA C 54 -12.67 9.06 -7.55
C ALA C 54 -13.65 8.19 -8.36
N LEU C 55 -13.13 7.34 -9.27
CA LEU C 55 -13.99 6.53 -10.12
C LEU C 55 -13.82 5.03 -9.83
N THR C 56 -14.74 4.20 -10.34
CA THR C 56 -14.53 2.76 -10.36
C THR C 56 -13.41 2.43 -11.36
N SER C 57 -12.44 1.61 -10.95
CA SER C 57 -11.34 1.25 -11.84
C SER C 57 -11.83 0.36 -12.99
N PHE C 58 -12.90 -0.40 -12.76
CA PHE C 58 -13.49 -1.31 -13.74
C PHE C 58 -13.88 -0.58 -15.02
N VAL C 59 -13.79 -1.32 -16.12
CA VAL C 59 -14.32 -0.88 -17.41
C VAL C 59 -15.82 -1.21 -17.37
N ASP C 60 -16.63 -0.25 -16.88
CA ASP C 60 -18.00 -0.47 -16.44
C ASP C 60 -18.90 0.70 -16.89
N ALA C 61 -18.37 1.50 -17.84
CA ALA C 61 -19.01 2.68 -18.39
C ALA C 61 -19.42 3.68 -17.31
N SER C 62 -18.59 3.79 -16.26
CA SER C 62 -18.85 4.69 -15.14
C SER C 62 -18.83 6.15 -15.59
N MET C 63 -18.27 6.42 -16.77
CA MET C 63 -18.23 7.77 -17.31
C MET C 63 -19.58 8.14 -17.89
N VAL C 64 -20.40 7.11 -18.18
CA VAL C 64 -21.81 7.28 -18.49
C VAL C 64 -22.62 7.34 -17.20
N TYR C 65 -22.46 6.35 -16.31
CA TYR C 65 -23.44 6.14 -15.24
C TYR C 65 -23.10 6.86 -13.93
N GLY C 66 -21.84 7.28 -13.75
CA GLY C 66 -21.36 7.78 -12.48
C GLY C 66 -20.72 6.69 -11.62
N SER C 67 -20.01 7.15 -10.58
CA SER C 67 -19.22 6.32 -9.68
C SER C 67 -19.66 6.52 -8.23
N GLU C 68 -20.65 7.41 -7.99
CA GLU C 68 -21.16 7.72 -6.65
C GLU C 68 -22.68 7.66 -6.72
N GLU C 69 -23.36 7.23 -5.65
CA GLU C 69 -24.80 6.95 -5.68
C GLU C 69 -25.65 8.19 -6.02
N PRO C 70 -25.46 9.39 -5.37
CA PRO C 70 -26.29 10.58 -5.69
C PRO C 70 -26.24 11.00 -7.17
N LEU C 71 -25.04 11.11 -7.75
CA LEU C 71 -24.81 11.43 -9.15
C LEU C 71 -25.47 10.39 -10.07
N ALA C 72 -25.38 9.10 -9.73
CA ALA C 72 -25.97 8.05 -10.56
C ALA C 72 -27.48 8.20 -10.70
N ARG C 73 -28.16 8.61 -9.62
CA ARG C 73 -29.59 8.87 -9.57
C ARG C 73 -29.90 10.15 -10.33
N ASN C 74 -28.99 11.14 -10.25
CA ASN C 74 -29.21 12.43 -10.90
C ASN C 74 -29.17 12.31 -12.42
N LEU C 75 -28.39 11.35 -12.94
CA LEU C 75 -28.25 11.15 -14.36
C LEU C 75 -29.43 10.38 -14.94
N ARG C 76 -30.36 9.96 -14.10
CA ARG C 76 -31.51 9.17 -14.51
C ARG C 76 -32.75 10.03 -14.69
N ASN C 77 -33.51 9.66 -15.71
CA ASN C 77 -34.83 10.18 -15.99
C ASN C 77 -35.80 9.51 -15.01
N MET C 78 -36.24 10.28 -14.01
CA MET C 78 -37.00 9.75 -12.90
C MET C 78 -38.49 10.05 -13.06
N SER C 79 -38.95 10.40 -14.29
CA SER C 79 -40.33 10.86 -14.50
C SER C 79 -41.24 9.82 -15.19
N ASN C 80 -40.73 8.59 -15.31
CA ASN C 80 -41.37 7.44 -15.91
C ASN C 80 -40.63 6.17 -15.46
N GLN C 81 -41.21 5.00 -15.81
CA GLN C 81 -40.65 3.67 -15.58
C GLN C 81 -39.91 3.12 -16.80
N LEU C 82 -39.16 3.97 -17.51
CA LEU C 82 -38.63 3.56 -18.80
C LEU C 82 -37.14 3.22 -18.72
N GLY C 83 -36.52 3.53 -17.57
CA GLY C 83 -35.14 3.18 -17.26
C GLY C 83 -34.11 4.01 -18.03
N LEU C 84 -34.48 5.23 -18.44
CA LEU C 84 -33.72 6.08 -19.33
C LEU C 84 -32.78 6.94 -18.49
N LEU C 85 -31.71 7.40 -19.12
CA LEU C 85 -30.88 8.47 -18.60
C LEU C 85 -31.50 9.81 -18.98
N ALA C 86 -31.41 10.78 -18.05
CA ALA C 86 -31.80 12.17 -18.24
C ALA C 86 -31.12 12.78 -19.49
N VAL C 87 -31.93 13.52 -20.26
CA VAL C 87 -31.51 14.20 -21.49
C VAL C 87 -31.76 15.70 -21.30
N ASN C 88 -31.07 16.53 -22.10
CA ASN C 88 -31.21 17.98 -22.07
C ASN C 88 -32.67 18.34 -22.33
N GLN C 89 -33.20 19.32 -21.57
CA GLN C 89 -34.60 19.69 -21.62
C GLN C 89 -34.87 20.89 -22.53
N ARG C 90 -33.78 21.55 -22.98
CA ARG C 90 -33.87 22.83 -23.67
C ARG C 90 -33.30 22.72 -25.08
N PHE C 91 -32.43 21.73 -25.34
CA PHE C 91 -31.74 21.60 -26.62
C PHE C 91 -31.76 20.15 -27.13
N GLN C 92 -31.92 20.04 -28.45
CA GLN C 92 -31.83 18.82 -29.24
C GLN C 92 -30.85 19.03 -30.39
N ASP C 93 -30.36 17.91 -30.92
CA ASP C 93 -29.47 17.80 -32.07
C ASP C 93 -30.21 17.08 -33.19
N ASN C 94 -30.95 17.85 -33.99
CA ASN C 94 -31.73 17.32 -35.09
C ASN C 94 -32.65 16.23 -34.55
N GLY C 95 -33.48 16.60 -33.57
CA GLY C 95 -34.41 15.70 -32.91
C GLY C 95 -33.80 14.63 -32.00
N ARG C 96 -32.45 14.59 -31.79
CA ARG C 96 -31.85 13.59 -30.91
C ARG C 96 -31.32 14.20 -29.60
N ALA C 97 -31.17 13.38 -28.55
CA ALA C 97 -30.83 13.87 -27.22
C ALA C 97 -29.43 14.47 -27.15
N LEU C 98 -29.30 15.57 -26.39
CA LEU C 98 -28.03 16.05 -25.82
C LEU C 98 -27.95 15.72 -24.33
N LEU C 99 -26.72 15.65 -23.78
CA LEU C 99 -26.45 15.50 -22.35
C LEU C 99 -27.17 16.58 -21.53
N PRO C 100 -27.64 16.30 -20.29
CA PRO C 100 -28.25 17.36 -19.50
C PRO C 100 -27.19 18.41 -19.16
N PHE C 101 -27.65 19.61 -18.75
CA PHE C 101 -26.73 20.63 -18.27
C PHE C 101 -26.42 20.44 -16.80
N ASP C 102 -25.17 20.73 -16.46
CA ASP C 102 -24.66 20.71 -15.11
C ASP C 102 -24.78 22.13 -14.53
N ASN C 103 -24.83 22.21 -13.20
CA ASN C 103 -24.94 23.43 -12.44
C ASN C 103 -23.70 23.53 -11.56
N LEU C 104 -22.60 24.08 -12.09
CA LEU C 104 -21.38 24.36 -11.32
C LEU C 104 -21.42 25.79 -10.79
N HIS C 105 -20.98 26.05 -9.55
CA HIS C 105 -20.45 27.39 -9.23
C HIS C 105 -19.05 27.43 -9.86
N ASP C 106 -18.75 28.51 -10.60
CA ASP C 106 -17.61 28.57 -11.52
C ASP C 106 -17.68 27.55 -12.66
N ASP C 107 -18.52 27.82 -13.66
CA ASP C 107 -18.69 26.99 -14.85
C ASP C 107 -17.70 27.41 -15.93
N PRO C 108 -16.67 26.58 -16.30
CA PRO C 108 -15.67 26.97 -17.31
C PRO C 108 -16.26 27.19 -18.70
N CYS C 109 -17.29 26.41 -19.04
CA CYS C 109 -17.92 26.41 -20.34
C CYS C 109 -18.57 27.74 -20.70
N LEU C 110 -19.19 28.42 -19.71
CA LEU C 110 -19.77 29.73 -19.94
C LEU C 110 -18.72 30.76 -20.34
N LEU C 111 -17.43 30.47 -20.08
CA LEU C 111 -16.37 31.44 -20.31
C LEU C 111 -15.88 31.40 -21.77
N THR C 112 -16.31 30.38 -22.52
CA THR C 112 -15.71 30.11 -23.83
C THR C 112 -16.40 30.93 -24.90
N ASN C 113 -17.72 31.04 -24.88
CA ASN C 113 -18.43 32.08 -25.62
C ASN C 113 -19.47 32.69 -24.68
N ARG C 114 -19.13 33.84 -24.11
CA ARG C 114 -19.91 34.51 -23.08
C ARG C 114 -21.34 34.74 -23.56
N SER C 115 -21.52 35.27 -24.78
CA SER C 115 -22.84 35.58 -25.32
C SER C 115 -23.73 34.34 -25.50
N ALA C 116 -23.17 33.15 -25.71
CA ALA C 116 -23.93 31.96 -26.05
C ALA C 116 -24.63 31.35 -24.82
N ARG C 117 -24.02 31.56 -23.63
CA ARG C 117 -24.57 31.20 -22.32
C ARG C 117 -24.95 29.73 -22.30
N ILE C 118 -23.99 28.87 -22.73
CA ILE C 118 -24.19 27.44 -22.72
C ILE C 118 -23.29 26.79 -21.66
N PRO C 119 -23.89 26.20 -20.59
CA PRO C 119 -23.11 25.67 -19.47
C PRO C 119 -22.49 24.32 -19.80
N CYS C 120 -21.64 23.79 -18.91
CA CYS C 120 -21.13 22.43 -19.09
C CYS C 120 -22.21 21.37 -18.91
N PHE C 121 -21.93 20.21 -19.53
CA PHE C 121 -22.79 19.04 -19.53
C PHE C 121 -22.59 18.28 -18.23
N LEU C 122 -23.63 17.56 -17.80
CA LEU C 122 -23.59 16.59 -16.73
C LEU C 122 -23.45 15.18 -17.31
N ALA C 123 -22.38 14.49 -16.91
CA ALA C 123 -22.22 13.09 -17.26
C ALA C 123 -21.74 12.32 -16.03
N GLY C 124 -21.30 11.08 -16.23
CA GLY C 124 -20.88 10.22 -15.14
C GLY C 124 -19.53 10.61 -14.58
N ASP C 125 -18.71 11.24 -15.42
CA ASP C 125 -17.43 11.83 -15.06
C ASP C 125 -17.53 13.34 -15.30
N THR C 126 -16.72 14.15 -14.59
CA THR C 126 -16.87 15.61 -14.49
C THR C 126 -16.24 16.32 -15.70
N ARG C 127 -15.58 15.55 -16.59
CA ARG C 127 -14.74 16.13 -17.63
C ARG C 127 -15.42 16.10 -19.01
N SER C 128 -16.71 15.71 -19.04
CA SER C 128 -17.38 15.44 -20.31
C SER C 128 -17.31 16.62 -21.28
N SER C 129 -17.17 17.85 -20.77
CA SER C 129 -17.15 19.03 -21.63
C SER C 129 -15.74 19.48 -22.01
N GLU C 130 -14.68 18.72 -21.71
CA GLU C 130 -13.30 19.20 -21.82
C GLU C 130 -12.98 19.56 -23.27
N MET C 131 -13.54 18.81 -24.20
CA MET C 131 -13.37 18.95 -25.64
C MET C 131 -14.72 18.51 -26.23
N PRO C 132 -15.19 19.14 -27.33
CA PRO C 132 -16.43 18.69 -27.97
C PRO C 132 -16.36 17.26 -28.48
N GLU C 133 -15.18 16.78 -28.84
CA GLU C 133 -15.03 15.44 -29.37
C GLU C 133 -15.37 14.42 -28.28
N LEU C 134 -14.92 14.72 -27.06
CA LEU C 134 -15.20 13.92 -25.89
C LEU C 134 -16.70 13.95 -25.58
N THR C 135 -17.30 15.15 -25.61
CA THR C 135 -18.73 15.36 -25.40
C THR C 135 -19.55 14.50 -26.35
N SER C 136 -19.07 14.41 -27.59
CA SER C 136 -19.74 13.68 -28.64
C SER C 136 -19.79 12.18 -28.32
N MET C 137 -18.68 11.64 -27.80
CA MET C 137 -18.60 10.25 -27.39
C MET C 137 -19.53 9.98 -26.20
N HIS C 138 -19.61 10.93 -25.24
CA HIS C 138 -20.50 10.86 -24.09
C HIS C 138 -21.97 10.84 -24.54
N THR C 139 -22.30 11.72 -25.51
CA THR C 139 -23.66 11.91 -26.02
C THR C 139 -24.11 10.65 -26.74
N LEU C 140 -23.18 10.08 -27.51
CA LEU C 140 -23.36 8.82 -28.20
C LEU C 140 -23.79 7.71 -27.25
N LEU C 141 -23.09 7.61 -26.13
CA LEU C 141 -23.32 6.50 -25.21
C LEU C 141 -24.62 6.68 -24.45
N LEU C 142 -24.97 7.95 -24.10
CA LEU C 142 -26.25 8.27 -23.51
C LEU C 142 -27.37 7.81 -24.44
N ARG C 143 -27.25 8.17 -25.72
CA ARG C 143 -28.23 7.80 -26.73
C ARG C 143 -28.39 6.28 -26.76
N GLU C 144 -27.25 5.60 -26.77
CA GLU C 144 -27.23 4.16 -26.90
C GLU C 144 -27.95 3.51 -25.72
N HIS C 145 -27.73 4.04 -24.52
CA HIS C 145 -28.41 3.57 -23.34
C HIS C 145 -29.90 3.65 -23.54
N ASN C 146 -30.37 4.82 -24.03
CA ASN C 146 -31.79 5.05 -24.18
C ASN C 146 -32.37 4.13 -25.24
N ARG C 147 -31.59 3.85 -26.28
CA ARG C 147 -32.09 3.02 -27.36
C ARG C 147 -32.28 1.57 -26.87
N LEU C 148 -31.31 1.09 -26.08
CA LEU C 148 -31.30 -0.25 -25.55
C LEU C 148 -32.49 -0.42 -24.61
N ALA C 149 -32.65 0.53 -23.68
CA ALA C 149 -33.78 0.57 -22.76
C ALA C 149 -35.11 0.58 -23.52
N THR C 150 -35.23 1.40 -24.59
CA THR C 150 -36.45 1.47 -25.40
C THR C 150 -36.74 0.06 -25.94
N GLU C 151 -35.73 -0.55 -26.57
CA GLU C 151 -35.84 -1.83 -27.26
C GLU C 151 -36.20 -2.94 -26.29
N LEU C 152 -35.59 -2.90 -25.08
CA LEU C 152 -35.81 -3.86 -24.02
C LEU C 152 -37.23 -3.79 -23.47
N LYS C 153 -37.83 -2.59 -23.48
CA LYS C 153 -39.18 -2.31 -23.06
C LYS C 153 -40.16 -2.99 -24.00
N SER C 154 -39.85 -3.01 -25.31
CA SER C 154 -40.62 -3.77 -26.30
C SER C 154 -40.54 -5.26 -26.03
N LEU C 155 -39.31 -5.77 -25.81
CA LEU C 155 -39.05 -7.20 -25.63
C LEU C 155 -39.75 -7.71 -24.37
N ASN C 156 -39.64 -6.93 -23.28
CA ASN C 156 -40.03 -7.32 -21.95
C ASN C 156 -41.00 -6.28 -21.40
N PRO C 157 -42.29 -6.29 -21.79
CA PRO C 157 -43.24 -5.28 -21.34
C PRO C 157 -43.29 -5.11 -19.82
N ARG C 158 -43.06 -6.21 -19.07
CA ARG C 158 -43.40 -6.17 -17.65
C ARG C 158 -42.26 -5.67 -16.76
N TRP C 159 -41.08 -5.45 -17.33
CA TRP C 159 -39.93 -4.96 -16.59
C TRP C 159 -40.12 -3.50 -16.15
N ASP C 160 -39.80 -3.21 -14.87
CA ASP C 160 -39.87 -1.87 -14.30
C ASP C 160 -38.69 -1.01 -14.75
N GLY C 161 -38.68 0.28 -14.39
CA GLY C 161 -37.60 1.22 -14.71
C GLY C 161 -36.24 0.79 -14.15
N GLU C 162 -36.21 0.16 -12.96
CA GLU C 162 -34.96 -0.30 -12.36
C GLU C 162 -34.30 -1.37 -13.24
N ARG C 163 -35.09 -2.33 -13.71
CA ARG C 163 -34.61 -3.48 -14.48
C ARG C 163 -34.11 -3.02 -15.85
N LEU C 164 -34.91 -2.21 -16.55
CA LEU C 164 -34.57 -1.61 -17.83
C LEU C 164 -33.24 -0.88 -17.73
N TYR C 165 -33.09 -0.02 -16.70
CA TYR C 165 -31.87 0.76 -16.52
C TYR C 165 -30.67 -0.17 -16.39
N GLN C 166 -30.80 -1.14 -15.48
CA GLN C 166 -29.72 -2.03 -15.12
C GLN C 166 -29.25 -2.84 -16.33
N GLU C 167 -30.22 -3.32 -17.13
CA GLU C 167 -29.95 -4.19 -18.26
C GLU C 167 -29.26 -3.43 -19.38
N ALA C 168 -29.80 -2.25 -19.74
CA ALA C 168 -29.18 -1.38 -20.71
C ALA C 168 -27.75 -1.02 -20.27
N ARG C 169 -27.59 -0.67 -18.99
CA ARG C 169 -26.30 -0.36 -18.40
C ARG C 169 -25.29 -1.50 -18.58
N LYS C 170 -25.73 -2.73 -18.30
CA LYS C 170 -24.92 -3.93 -18.42
C LYS C 170 -24.47 -4.14 -19.87
N ILE C 171 -25.32 -3.79 -20.84
CA ILE C 171 -24.96 -3.93 -22.24
C ILE C 171 -23.97 -2.84 -22.64
N VAL C 172 -24.21 -1.59 -22.23
CA VAL C 172 -23.31 -0.50 -22.57
C VAL C 172 -21.92 -0.79 -21.99
N GLY C 173 -21.89 -1.26 -20.74
CA GLY C 173 -20.68 -1.68 -20.04
C GLY C 173 -19.93 -2.75 -20.85
N ALA C 174 -20.66 -3.76 -21.35
CA ALA C 174 -20.05 -4.80 -22.15
C ALA C 174 -19.49 -4.25 -23.47
N MET C 175 -20.19 -3.27 -24.06
CA MET C 175 -19.76 -2.68 -25.33
C MET C 175 -18.44 -1.93 -25.16
N VAL C 176 -18.30 -1.25 -24.04
CA VAL C 176 -17.06 -0.53 -23.77
C VAL C 176 -15.90 -1.54 -23.61
N GLN C 177 -16.19 -2.71 -23.05
CA GLN C 177 -15.20 -3.74 -22.81
C GLN C 177 -14.74 -4.32 -24.15
N ILE C 178 -15.72 -4.58 -25.01
CA ILE C 178 -15.46 -5.23 -26.30
C ILE C 178 -14.66 -4.26 -27.16
N ILE C 179 -15.12 -3.01 -27.29
CA ILE C 179 -14.43 -2.07 -28.14
C ILE C 179 -13.00 -1.89 -27.61
N THR C 180 -12.87 -1.75 -26.29
CA THR C 180 -11.59 -1.55 -25.63
C THR C 180 -10.60 -2.69 -25.91
N TYR C 181 -11.03 -3.94 -25.65
CA TYR C 181 -10.10 -5.08 -25.67
C TYR C 181 -9.92 -5.75 -27.04
N ARG C 182 -10.99 -5.73 -27.85
CA ARG C 182 -10.95 -6.27 -29.19
C ARG C 182 -10.31 -5.26 -30.15
N ASP C 183 -10.69 -3.97 -30.10
CA ASP C 183 -10.40 -3.00 -31.18
C ASP C 183 -9.27 -2.03 -30.80
N TYR C 184 -9.31 -1.49 -29.56
CA TYR C 184 -8.46 -0.39 -29.11
C TYR C 184 -7.06 -0.87 -28.68
N LEU C 185 -7.02 -1.74 -27.65
CA LEU C 185 -5.78 -2.10 -27.00
C LEU C 185 -4.84 -2.75 -28.01
N PRO C 186 -5.26 -3.64 -28.95
CA PRO C 186 -4.32 -4.18 -29.93
C PRO C 186 -3.62 -3.10 -30.74
N LEU C 187 -4.27 -1.94 -30.94
CA LEU C 187 -3.68 -0.89 -31.75
C LEU C 187 -2.75 -0.02 -30.91
N VAL C 188 -2.94 -0.03 -29.58
CA VAL C 188 -2.06 0.64 -28.63
C VAL C 188 -0.74 -0.12 -28.47
N LEU C 189 -0.85 -1.41 -28.10
CA LEU C 189 0.27 -2.24 -27.66
C LEU C 189 1.04 -2.86 -28.82
N GLY C 190 0.38 -3.12 -29.96
CA GLY C 190 0.93 -3.99 -30.99
C GLY C 190 0.67 -5.47 -30.67
N PRO C 191 0.76 -6.36 -31.68
CA PRO C 191 0.54 -7.79 -31.50
C PRO C 191 1.35 -8.49 -30.41
N THR C 192 2.66 -8.22 -30.33
CA THR C 192 3.60 -8.88 -29.44
C THR C 192 3.24 -8.64 -27.97
N ALA C 193 3.10 -7.35 -27.57
CA ALA C 193 2.69 -6.94 -26.24
C ALA C 193 1.26 -7.41 -25.93
N MET C 194 0.36 -7.39 -26.93
CA MET C 194 -1.01 -7.83 -26.72
C MET C 194 -1.01 -9.28 -26.26
N ARG C 195 -0.21 -10.13 -26.93
CA ARG C 195 -0.06 -11.53 -26.56
C ARG C 195 0.60 -11.66 -25.19
N LYS C 196 1.59 -10.82 -24.88
CA LYS C 196 2.34 -10.99 -23.65
C LYS C 196 1.49 -10.54 -22.47
N TYR C 197 0.86 -9.35 -22.58
CA TYR C 197 0.21 -8.72 -21.45
C TYR C 197 -1.26 -9.12 -21.35
N LEU C 198 -1.90 -9.50 -22.47
CA LEU C 198 -3.30 -9.84 -22.48
C LEU C 198 -3.52 -11.18 -23.18
N PRO C 199 -3.01 -12.30 -22.62
CA PRO C 199 -3.32 -13.62 -23.18
C PRO C 199 -4.83 -13.86 -23.13
N THR C 200 -5.28 -14.84 -23.89
CA THR C 200 -6.68 -15.20 -23.96
C THR C 200 -7.21 -15.35 -22.54
N TYR C 201 -8.37 -14.69 -22.34
CA TYR C 201 -9.11 -14.66 -21.10
C TYR C 201 -9.55 -16.08 -20.78
N ARG C 202 -9.33 -16.49 -19.52
CA ARG C 202 -9.75 -17.80 -19.04
C ARG C 202 -11.07 -17.65 -18.26
N SER C 203 -10.96 -17.09 -17.06
CA SER C 203 -12.07 -16.93 -16.15
C SER C 203 -11.76 -15.76 -15.20
N TYR C 204 -12.78 -15.31 -14.46
CA TYR C 204 -12.58 -14.38 -13.35
C TYR C 204 -11.69 -15.03 -12.30
N ASN C 205 -10.65 -14.28 -11.91
CA ASN C 205 -9.75 -14.59 -10.82
C ASN C 205 -9.92 -13.63 -9.65
N ASP C 206 -10.42 -14.10 -8.50
CA ASP C 206 -10.74 -13.22 -7.39
C ASP C 206 -9.51 -12.77 -6.62
N SER C 207 -8.30 -13.20 -7.04
CA SER C 207 -7.07 -12.84 -6.36
C SER C 207 -6.31 -11.79 -7.16
N VAL C 208 -6.87 -11.40 -8.30
CA VAL C 208 -6.29 -10.32 -9.07
C VAL C 208 -6.77 -8.97 -8.54
N ASP C 209 -5.84 -8.10 -8.16
CA ASP C 209 -6.15 -6.79 -7.63
C ASP C 209 -6.60 -5.89 -8.78
N PRO C 210 -7.87 -5.41 -8.87
CA PRO C 210 -8.28 -4.56 -9.99
C PRO C 210 -8.06 -3.05 -9.81
N ARG C 211 -7.30 -2.62 -8.79
CA ARG C 211 -7.11 -1.18 -8.59
C ARG C 211 -6.25 -0.57 -9.70
N ILE C 212 -6.52 0.70 -10.04
CA ILE C 212 -5.61 1.48 -10.86
C ILE C 212 -4.37 1.74 -10.02
N ALA C 213 -3.22 1.43 -10.60
CA ALA C 213 -1.95 1.86 -10.02
C ALA C 213 -1.71 3.34 -10.31
N ASN C 214 -1.13 3.99 -9.30
CA ASN C 214 -0.75 5.40 -9.31
C ASN C 214 -0.08 5.70 -10.65
N VAL C 215 0.93 4.91 -11.05
CA VAL C 215 1.70 5.18 -12.26
C VAL C 215 0.82 5.23 -13.51
N PHE C 216 -0.21 4.37 -13.54
CA PHE C 216 -1.06 4.27 -14.71
C PHE C 216 -1.72 5.61 -15.04
N THR C 217 -2.13 6.37 -14.00
CA THR C 217 -2.71 7.70 -14.17
C THR C 217 -1.75 8.62 -14.93
N ASN C 218 -0.45 8.33 -14.89
CA ASN C 218 0.52 9.17 -15.57
C ASN C 218 0.89 8.55 -16.92
N ALA C 219 1.02 7.21 -16.96
CA ALA C 219 1.50 6.55 -18.16
C ALA C 219 0.41 6.51 -19.25
N PHE C 220 -0.86 6.45 -18.83
CA PHE C 220 -1.95 6.44 -19.79
C PHE C 220 -2.07 7.75 -20.58
N ARG C 221 -1.37 8.80 -20.09
CA ARG C 221 -1.36 10.10 -20.74
C ARG C 221 -0.45 10.05 -21.96
N TYR C 222 0.00 8.85 -22.37
CA TYR C 222 0.70 8.74 -23.65
C TYR C 222 -0.20 9.33 -24.73
N GLY C 223 -1.51 9.29 -24.44
CA GLY C 223 -2.50 9.69 -25.43
C GLY C 223 -2.32 11.13 -25.89
N HIS C 224 -1.70 12.01 -25.06
CA HIS C 224 -1.51 13.41 -25.39
C HIS C 224 -0.65 13.58 -26.62
N THR C 225 0.12 12.52 -26.95
CA THR C 225 1.00 12.54 -28.13
C THR C 225 0.20 12.37 -29.42
N LEU C 226 -1.05 11.90 -29.29
CA LEU C 226 -1.94 11.61 -30.42
C LEU C 226 -2.77 12.83 -30.83
N ILE C 227 -2.73 13.92 -30.03
CA ILE C 227 -3.67 15.02 -30.12
C ILE C 227 -3.29 15.89 -31.32
N GLN C 228 -4.32 16.24 -32.09
CA GLN C 228 -4.17 17.04 -33.28
C GLN C 228 -4.46 18.49 -32.89
N PRO C 229 -3.81 19.51 -33.51
CA PRO C 229 -4.01 20.90 -33.09
C PRO C 229 -5.38 21.49 -33.42
N PHE C 230 -6.26 20.76 -34.15
CA PHE C 230 -7.57 21.24 -34.59
C PHE C 230 -8.71 20.28 -34.20
N MET C 231 -9.92 20.81 -34.11
CA MET C 231 -11.14 20.02 -34.19
C MET C 231 -11.71 20.16 -35.61
N PHE C 232 -11.97 19.01 -36.23
CA PHE C 232 -12.39 18.92 -37.61
C PHE C 232 -13.86 18.56 -37.64
N ARG C 233 -14.64 19.31 -38.44
CA ARG C 233 -16.05 18.96 -38.66
C ARG C 233 -16.32 18.75 -40.13
N LEU C 234 -17.08 17.69 -40.41
CA LEU C 234 -17.39 17.27 -41.77
C LEU C 234 -18.90 17.16 -41.95
N ASP C 235 -19.40 17.65 -43.08
CA ASP C 235 -20.82 17.53 -43.39
C ASP C 235 -21.18 16.11 -43.85
N ASN C 236 -22.40 15.93 -44.38
CA ASN C 236 -22.84 14.61 -44.82
C ASN C 236 -22.20 14.14 -46.13
N ARG C 237 -21.37 14.97 -46.78
CA ARG C 237 -20.63 14.54 -47.94
C ARG C 237 -19.17 14.30 -47.53
N TYR C 238 -18.94 14.26 -46.20
CA TYR C 238 -17.62 14.19 -45.56
C TYR C 238 -16.70 15.30 -46.06
N GLN C 239 -17.31 16.43 -46.42
CA GLN C 239 -16.65 17.63 -46.87
C GLN C 239 -16.51 18.56 -45.66
N PRO C 240 -15.49 19.47 -45.64
CA PRO C 240 -15.35 20.44 -44.57
C PRO C 240 -16.61 21.26 -44.40
N MET C 241 -17.12 21.34 -43.16
CA MET C 241 -18.42 21.82 -42.73
C MET C 241 -18.32 23.29 -42.33
N GLU C 242 -19.03 24.17 -43.08
CA GLU C 242 -18.86 25.62 -43.08
C GLU C 242 -19.72 26.36 -42.03
N PRO C 243 -19.20 27.48 -41.43
CA PRO C 243 -17.77 27.79 -41.36
C PRO C 243 -17.07 27.17 -40.14
N ASN C 244 -15.76 27.46 -40.02
CA ASN C 244 -14.86 26.85 -39.04
C ASN C 244 -14.84 25.32 -39.20
N PRO C 245 -14.36 24.77 -40.35
CA PRO C 245 -14.13 23.35 -40.43
C PRO C 245 -12.96 22.89 -39.58
N ARG C 246 -11.93 23.74 -39.41
CA ARG C 246 -10.76 23.39 -38.62
C ARG C 246 -10.63 24.41 -37.50
N VAL C 247 -11.20 24.12 -36.32
CA VAL C 247 -11.18 25.05 -35.20
C VAL C 247 -9.93 24.77 -34.37
N PRO C 248 -9.05 25.76 -34.04
CA PRO C 248 -7.94 25.48 -33.13
C PRO C 248 -8.39 24.95 -31.76
N LEU C 249 -7.67 23.97 -31.19
CA LEU C 249 -8.05 23.32 -29.94
C LEU C 249 -8.24 24.32 -28.79
N SER C 250 -7.35 25.33 -28.73
CA SER C 250 -7.41 26.40 -27.74
C SER C 250 -8.76 27.16 -27.77
N ARG C 251 -9.56 26.96 -28.82
CA ARG C 251 -10.87 27.60 -28.93
C ARG C 251 -11.99 26.57 -28.78
N VAL C 252 -11.69 25.38 -28.23
CA VAL C 252 -12.66 24.29 -28.12
C VAL C 252 -12.71 23.69 -26.70
N PHE C 253 -11.63 23.82 -25.91
CA PHE C 253 -11.66 23.40 -24.53
C PHE C 253 -12.83 24.08 -23.81
N PHE C 254 -13.73 23.22 -23.29
CA PHE C 254 -14.95 23.55 -22.58
C PHE C 254 -15.97 24.28 -23.46
N ALA C 255 -15.82 24.22 -24.79
CA ALA C 255 -16.69 24.93 -25.70
C ALA C 255 -17.99 24.16 -25.92
N SER C 256 -18.79 23.97 -24.87
CA SER C 256 -19.98 23.14 -24.97
C SER C 256 -21.02 23.75 -25.93
N TRP C 257 -20.97 25.09 -26.09
CA TRP C 257 -21.82 25.86 -26.99
C TRP C 257 -21.68 25.36 -28.43
N ARG C 258 -20.47 24.88 -28.78
CA ARG C 258 -20.16 24.39 -30.12
C ARG C 258 -21.04 23.20 -30.47
N VAL C 259 -21.30 22.33 -29.49
CA VAL C 259 -22.13 21.15 -29.67
C VAL C 259 -23.57 21.61 -29.90
N VAL C 260 -24.03 22.57 -29.10
CA VAL C 260 -25.45 22.90 -29.04
C VAL C 260 -25.80 23.81 -30.21
N LEU C 261 -24.92 24.79 -30.49
CA LEU C 261 -25.27 25.84 -31.43
C LEU C 261 -24.54 25.74 -32.78
N GLU C 262 -23.53 24.88 -32.93
CA GLU C 262 -22.86 24.75 -34.22
C GLU C 262 -23.06 23.34 -34.80
N GLY C 263 -24.25 22.75 -34.64
CA GLY C 263 -24.70 21.66 -35.50
C GLY C 263 -24.46 20.25 -34.92
N GLY C 264 -24.35 20.10 -33.58
CA GLY C 264 -24.49 18.79 -32.97
C GLY C 264 -23.26 17.91 -33.12
N ILE C 265 -23.44 16.62 -32.86
CA ILE C 265 -22.34 15.69 -32.68
C ILE C 265 -21.92 15.03 -34.00
N ASP C 266 -22.85 14.99 -34.96
CA ASP C 266 -22.65 14.39 -36.29
C ASP C 266 -21.33 14.89 -36.88
N PRO C 267 -21.10 16.22 -37.10
CA PRO C 267 -19.89 16.65 -37.79
C PRO C 267 -18.62 16.37 -37.02
N ILE C 268 -18.74 16.31 -35.68
CA ILE C 268 -17.63 16.01 -34.79
C ILE C 268 -17.24 14.55 -34.98
N LEU C 269 -18.19 13.62 -34.97
CA LEU C 269 -17.92 12.19 -35.12
C LEU C 269 -17.33 11.89 -36.50
N ARG C 270 -17.81 12.57 -37.54
CA ARG C 270 -17.29 12.42 -38.88
C ARG C 270 -15.82 12.85 -38.90
N GLY C 271 -15.53 13.97 -38.23
CA GLY C 271 -14.18 14.46 -38.18
C GLY C 271 -13.24 13.45 -37.53
N LEU C 272 -13.77 12.70 -36.57
CA LEU C 272 -13.00 11.74 -35.81
C LEU C 272 -12.67 10.54 -36.70
N MET C 273 -13.62 10.16 -37.53
CA MET C 273 -13.43 8.96 -38.33
C MET C 273 -12.52 9.22 -39.53
N ALA C 274 -12.63 10.42 -40.10
CA ALA C 274 -12.08 10.72 -41.41
C ALA C 274 -10.84 11.62 -41.32
N THR C 275 -10.29 11.81 -40.11
CA THR C 275 -9.04 12.56 -39.95
C THR C 275 -8.00 11.63 -39.33
N PRO C 276 -6.71 11.66 -39.74
CA PRO C 276 -5.66 10.90 -39.03
C PRO C 276 -5.44 11.38 -37.60
N ALA C 277 -5.06 10.47 -36.68
CA ALA C 277 -4.43 10.85 -35.42
C ALA C 277 -3.07 11.48 -35.73
N LYS C 278 -2.49 12.19 -34.75
CA LYS C 278 -1.12 12.65 -34.87
C LYS C 278 -0.25 11.46 -34.55
N LEU C 279 0.85 11.28 -35.30
CA LEU C 279 1.88 10.30 -34.96
C LEU C 279 2.80 10.87 -33.89
N ASN C 280 2.98 10.11 -32.79
CA ASN C 280 4.07 10.39 -31.87
C ASN C 280 5.42 10.10 -32.52
N ARG C 281 6.27 11.12 -32.61
CA ARG C 281 7.61 10.96 -33.13
C ARG C 281 8.58 11.61 -32.17
N GLN C 282 9.83 11.16 -32.20
CA GLN C 282 10.74 11.49 -31.12
C GLN C 282 11.12 12.97 -31.06
N ASN C 283 11.06 13.71 -32.18
CA ASN C 283 11.11 15.16 -32.03
C ASN C 283 9.82 15.82 -32.51
N GLN C 284 8.69 15.12 -32.32
CA GLN C 284 7.34 15.66 -32.51
C GLN C 284 6.41 15.07 -31.46
N ILE C 285 6.68 15.36 -30.19
CA ILE C 285 5.99 14.64 -29.11
C ILE C 285 4.57 15.17 -28.91
N ALA C 286 4.39 16.50 -28.72
CA ALA C 286 3.08 17.10 -28.47
C ALA C 286 2.95 18.54 -28.99
N VAL C 287 1.72 18.90 -29.46
CA VAL C 287 1.46 20.15 -30.15
C VAL C 287 1.33 21.32 -29.17
N ASP C 288 1.58 22.51 -29.70
CA ASP C 288 1.52 23.78 -28.97
C ASP C 288 0.11 24.09 -28.45
N GLU C 289 -0.93 23.63 -29.13
CA GLU C 289 -2.29 23.79 -28.65
C GLU C 289 -2.46 23.21 -27.24
N ILE C 290 -1.79 22.09 -26.90
CA ILE C 290 -1.82 21.60 -25.53
C ILE C 290 -0.61 22.05 -24.71
N ARG C 291 0.50 22.43 -25.36
CA ARG C 291 1.74 22.72 -24.65
C ARG C 291 1.85 24.21 -24.33
N GLU C 292 1.06 25.04 -25.03
CA GLU C 292 1.16 26.49 -24.87
C GLU C 292 -0.18 27.11 -24.53
N ARG C 293 -1.28 26.45 -24.93
CA ARG C 293 -2.54 27.16 -25.00
C ARG C 293 -3.64 26.36 -24.28
N LEU C 294 -3.24 25.44 -23.38
CA LEU C 294 -4.24 24.62 -22.72
C LEU C 294 -5.12 25.48 -21.84
N PHE C 295 -6.41 25.46 -22.16
CA PHE C 295 -7.47 26.12 -21.42
C PHE C 295 -7.29 27.65 -21.34
N GLU C 296 -6.63 28.25 -22.35
CA GLU C 296 -6.30 29.67 -22.42
C GLU C 296 -7.57 30.54 -22.32
N GLN C 297 -8.73 30.04 -22.78
CA GLN C 297 -9.96 30.80 -22.82
C GLN C 297 -10.70 30.83 -21.46
N VAL C 298 -10.33 29.98 -20.49
CA VAL C 298 -11.11 29.80 -19.27
C VAL C 298 -10.30 30.13 -18.01
N MET C 299 -9.02 30.48 -18.19
CA MET C 299 -8.01 30.52 -17.14
C MET C 299 -7.11 31.73 -17.40
N ARG C 300 -6.39 32.22 -16.36
CA ARG C 300 -5.54 33.40 -16.40
C ARG C 300 -4.31 33.27 -17.31
N ILE C 301 -3.87 32.05 -17.61
CA ILE C 301 -2.72 31.77 -18.45
C ILE C 301 -2.97 30.42 -19.12
N GLY C 302 -2.41 30.23 -20.32
CA GLY C 302 -2.45 28.93 -20.98
C GLY C 302 -1.55 27.95 -20.25
N LEU C 303 -2.04 26.74 -19.98
CA LEU C 303 -1.26 25.74 -19.27
C LEU C 303 -0.41 24.98 -20.28
N ASP C 304 0.43 24.07 -19.77
CA ASP C 304 1.29 23.23 -20.59
C ASP C 304 1.07 21.78 -20.18
N LEU C 305 0.39 21.03 -21.04
CA LEU C 305 -0.10 19.73 -20.62
C LEU C 305 1.09 18.78 -20.42
N PRO C 306 2.07 18.67 -21.36
CA PRO C 306 3.29 17.88 -21.08
C PRO C 306 3.93 18.22 -19.73
N ALA C 307 4.07 19.52 -19.44
CA ALA C 307 4.69 19.97 -18.20
C ALA C 307 3.84 19.55 -16.99
N LEU C 308 2.52 19.66 -17.10
CA LEU C 308 1.59 19.24 -16.07
C LEU C 308 1.79 17.74 -15.77
N ASN C 309 2.01 16.94 -16.85
CA ASN C 309 2.19 15.50 -16.70
C ASN C 309 3.38 15.20 -15.79
N MET C 310 4.43 16.00 -15.99
CA MET C 310 5.70 15.82 -15.32
C MET C 310 5.61 16.33 -13.89
N GLN C 311 5.02 17.52 -13.74
CA GLN C 311 4.73 18.03 -12.41
C GLN C 311 3.93 16.98 -11.62
N ARG C 312 2.91 16.39 -12.27
CA ARG C 312 1.95 15.56 -11.58
C ARG C 312 2.63 14.26 -11.12
N SER C 313 3.61 13.76 -11.92
CA SER C 313 4.30 12.52 -11.56
C SER C 313 5.11 12.74 -10.29
N ARG C 314 5.68 13.95 -10.17
CA ARG C 314 6.46 14.38 -9.03
C ARG C 314 5.55 14.52 -7.82
N ASP C 315 4.38 15.15 -8.02
CA ASP C 315 3.34 15.25 -6.99
C ASP C 315 2.95 13.87 -6.45
N HIS C 316 2.90 12.87 -7.34
CA HIS C 316 2.44 11.54 -6.95
C HIS C 316 3.58 10.68 -6.44
N GLY C 317 4.78 11.23 -6.39
CA GLY C 317 5.94 10.49 -5.90
C GLY C 317 6.33 9.30 -6.78
N LEU C 318 6.16 9.43 -8.10
CA LEU C 318 6.48 8.33 -9.00
C LEU C 318 7.99 8.16 -9.11
N PRO C 319 8.47 6.89 -9.04
CA PRO C 319 9.85 6.58 -9.47
C PRO C 319 10.15 7.07 -10.89
N GLY C 320 11.42 7.31 -11.21
CA GLY C 320 11.87 7.73 -12.51
C GLY C 320 11.89 6.54 -13.48
N TYR C 321 12.35 6.80 -14.72
CA TYR C 321 12.29 5.88 -15.84
C TYR C 321 12.97 4.54 -15.54
N ASN C 322 14.24 4.55 -15.10
CA ASN C 322 15.00 3.34 -14.84
C ASN C 322 14.26 2.43 -13.84
N ALA C 323 13.66 3.01 -12.80
CA ALA C 323 12.97 2.18 -11.83
C ALA C 323 11.79 1.44 -12.48
N TRP C 324 11.11 2.08 -13.44
CA TRP C 324 10.00 1.46 -14.15
C TRP C 324 10.47 0.40 -15.14
N ARG C 325 11.56 0.68 -15.86
CA ARG C 325 12.26 -0.26 -16.70
C ARG C 325 12.54 -1.53 -15.89
N ARG C 326 13.17 -1.40 -14.71
CA ARG C 326 13.50 -2.54 -13.87
C ARG C 326 12.22 -3.26 -13.43
N PHE C 327 11.19 -2.50 -13.06
CA PHE C 327 9.91 -3.09 -12.69
C PHE C 327 9.41 -3.99 -13.82
N CYS C 328 9.50 -3.50 -15.07
CA CYS C 328 9.02 -4.21 -16.24
C CYS C 328 9.97 -5.30 -16.70
N GLY C 329 11.15 -5.41 -16.09
CA GLY C 329 12.13 -6.41 -16.48
C GLY C 329 12.85 -6.03 -17.77
N LEU C 330 12.94 -4.72 -18.08
CA LEU C 330 13.67 -4.21 -19.23
C LEU C 330 15.04 -3.69 -18.85
N PRO C 331 16.09 -3.69 -19.73
CA PRO C 331 17.40 -3.10 -19.38
C PRO C 331 17.31 -1.63 -18.94
N GLN C 332 18.17 -1.25 -18.00
CA GLN C 332 18.14 0.12 -17.51
C GLN C 332 19.40 0.82 -17.99
N PRO C 333 19.31 1.79 -18.94
CA PRO C 333 20.50 2.47 -19.44
C PRO C 333 21.13 3.39 -18.41
N GLU C 334 22.47 3.30 -18.21
CA GLU C 334 23.17 4.09 -17.20
C GLU C 334 23.73 5.37 -17.85
N THR C 335 24.21 5.26 -19.10
CA THR C 335 24.96 6.33 -19.77
C THR C 335 24.16 6.96 -20.91
N VAL C 336 24.66 8.09 -21.41
CA VAL C 336 24.14 8.73 -22.61
C VAL C 336 24.11 7.74 -23.79
N GLY C 337 25.23 7.01 -24.01
CA GLY C 337 25.38 5.98 -25.03
C GLY C 337 24.29 4.91 -24.91
N GLN C 338 24.09 4.38 -23.71
CA GLN C 338 23.17 3.26 -23.53
C GLN C 338 21.71 3.72 -23.69
N LEU C 339 21.40 4.94 -23.25
CA LEU C 339 20.09 5.52 -23.48
C LEU C 339 19.86 5.72 -24.99
N GLY C 340 20.90 6.12 -25.73
CA GLY C 340 20.91 6.19 -27.19
C GLY C 340 20.42 4.90 -27.86
N THR C 341 20.95 3.74 -27.40
CA THR C 341 20.54 2.43 -27.88
C THR C 341 19.06 2.13 -27.60
N VAL C 342 18.65 2.36 -26.35
CA VAL C 342 17.31 2.01 -25.92
C VAL C 342 16.29 2.87 -26.66
N LEU C 343 16.64 4.13 -26.92
CA LEU C 343 15.74 5.07 -27.58
C LEU C 343 15.94 5.02 -29.10
N ARG C 344 17.00 4.36 -29.58
CA ARG C 344 17.31 4.31 -31.02
C ARG C 344 17.50 5.75 -31.53
N ASN C 345 18.05 6.59 -30.65
CA ASN C 345 18.12 8.02 -30.87
C ASN C 345 19.12 8.67 -29.91
N LEU C 346 20.33 8.89 -30.43
CA LEU C 346 21.38 9.51 -29.66
C LEU C 346 21.08 10.99 -29.39
N LYS C 347 20.65 11.78 -30.43
CA LYS C 347 20.24 13.19 -30.25
C LYS C 347 19.26 13.33 -29.07
N LEU C 348 18.24 12.46 -28.99
CA LEU C 348 17.23 12.58 -27.96
C LEU C 348 17.82 12.16 -26.62
N ALA C 349 18.69 11.13 -26.60
CA ALA C 349 19.36 10.70 -25.38
C ALA C 349 20.18 11.86 -24.81
N ARG C 350 20.96 12.55 -25.68
CA ARG C 350 21.76 13.72 -25.31
C ARG C 350 20.93 14.80 -24.64
N LYS C 351 19.75 15.08 -25.22
CA LYS C 351 18.80 16.09 -24.75
C LYS C 351 18.20 15.69 -23.40
N LEU C 352 17.86 14.41 -23.21
CA LEU C 352 17.25 13.94 -21.98
C LEU C 352 18.23 13.99 -20.81
N MET C 353 19.52 13.74 -21.10
CA MET C 353 20.62 13.75 -20.13
C MET C 353 20.98 15.16 -19.68
N GLU C 354 20.90 16.11 -20.60
CA GLU C 354 21.11 17.54 -20.43
C GLU C 354 20.07 18.12 -19.46
N GLN C 355 18.81 17.66 -19.54
CA GLN C 355 17.75 18.03 -18.60
C GLN C 355 17.93 17.31 -17.26
N TYR C 356 18.16 16.00 -17.29
CA TYR C 356 17.87 15.15 -16.14
C TYR C 356 19.11 14.64 -15.42
N GLY C 357 20.24 14.59 -16.15
CA GLY C 357 21.51 14.21 -15.58
C GLY C 357 21.76 12.70 -15.58
N THR C 358 20.74 11.91 -15.29
CA THR C 358 20.80 10.45 -15.26
C THR C 358 19.46 9.95 -15.80
N PRO C 359 19.43 8.79 -16.51
CA PRO C 359 18.18 8.14 -16.85
C PRO C 359 17.36 7.71 -15.64
N ASN C 360 17.98 7.66 -14.46
CA ASN C 360 17.22 7.36 -13.26
C ASN C 360 16.16 8.42 -12.92
N ASN C 361 16.36 9.66 -13.40
CA ASN C 361 15.53 10.80 -13.02
C ASN C 361 14.51 11.19 -14.10
N ILE C 362 14.52 10.57 -15.26
CA ILE C 362 13.57 10.93 -16.32
C ILE C 362 12.18 10.60 -15.80
N ASP C 363 11.26 11.59 -15.89
CA ASP C 363 9.89 11.42 -15.42
C ASP C 363 9.19 10.39 -16.32
N ILE C 364 8.29 9.60 -15.71
CA ILE C 364 7.76 8.40 -16.35
C ILE C 364 7.09 8.74 -17.69
N TRP C 365 6.27 9.80 -17.73
CA TRP C 365 5.59 10.16 -18.97
C TRP C 365 6.61 10.54 -20.03
N MET C 366 7.61 11.36 -19.65
CA MET C 366 8.59 11.83 -20.62
C MET C 366 9.40 10.65 -21.14
N GLY C 367 9.79 9.70 -20.26
CA GLY C 367 10.61 8.59 -20.69
C GLY C 367 9.78 7.66 -21.55
N GLY C 368 8.54 7.38 -21.09
CA GLY C 368 7.60 6.47 -21.74
C GLY C 368 7.31 6.89 -23.18
N VAL C 369 7.01 8.17 -23.40
CA VAL C 369 6.62 8.65 -24.72
C VAL C 369 7.86 8.83 -25.60
N SER C 370 9.07 8.83 -25.04
CA SER C 370 10.32 8.97 -25.77
C SER C 370 10.74 7.68 -26.47
N GLU C 371 10.22 6.56 -25.96
CA GLU C 371 10.69 5.25 -26.41
C GLU C 371 10.19 4.98 -27.81
N PRO C 372 10.99 4.38 -28.73
CA PRO C 372 10.48 4.05 -30.07
C PRO C 372 9.27 3.13 -29.97
N LEU C 373 8.30 3.28 -30.88
CA LEU C 373 7.03 2.55 -30.82
C LEU C 373 7.24 1.09 -31.21
N LYS C 374 6.50 0.17 -30.60
CA LYS C 374 6.56 -1.24 -30.94
C LYS C 374 5.87 -1.44 -32.29
N ARG C 375 6.30 -2.42 -33.08
CA ARG C 375 5.70 -2.66 -34.39
C ARG C 375 4.17 -2.79 -34.24
N LYS C 376 3.45 -1.95 -35.05
CA LYS C 376 2.00 -1.88 -35.19
C LYS C 376 1.34 -1.39 -33.89
N GLY C 377 2.12 -0.79 -32.98
CA GLY C 377 1.62 -0.20 -31.74
C GLY C 377 1.98 1.28 -31.65
N ARG C 378 1.52 1.95 -30.59
CA ARG C 378 1.72 3.39 -30.49
C ARG C 378 2.36 3.71 -29.15
N VAL C 379 2.86 2.71 -28.46
CA VAL C 379 3.68 2.86 -27.25
C VAL C 379 4.97 2.07 -27.42
N GLY C 380 6.03 2.44 -26.70
CA GLY C 380 7.27 1.67 -26.68
C GLY C 380 7.19 0.60 -25.61
N PRO C 381 8.27 -0.16 -25.32
CA PRO C 381 8.17 -1.29 -24.38
C PRO C 381 7.72 -0.92 -22.97
N LEU C 382 8.13 0.27 -22.47
CA LEU C 382 7.90 0.60 -21.07
C LEU C 382 6.41 0.77 -20.82
N LEU C 383 5.82 1.67 -21.62
CA LEU C 383 4.40 1.99 -21.60
C LEU C 383 3.57 0.77 -21.94
N ALA C 384 4.01 -0.07 -22.88
CA ALA C 384 3.27 -1.29 -23.21
C ALA C 384 3.15 -2.17 -21.98
N CYS C 385 4.23 -2.19 -21.18
CA CYS C 385 4.26 -2.99 -19.97
C CYS C 385 3.22 -2.52 -18.95
N ILE C 386 3.27 -1.20 -18.61
CA ILE C 386 2.42 -0.60 -17.60
C ILE C 386 0.97 -0.70 -18.07
N ILE C 387 0.69 -0.25 -19.29
CA ILE C 387 -0.67 -0.19 -19.82
C ILE C 387 -1.21 -1.61 -19.87
N GLY C 388 -0.44 -2.53 -20.47
CA GLY C 388 -0.84 -3.93 -20.58
C GLY C 388 -1.14 -4.57 -19.22
N THR C 389 -0.24 -4.36 -18.25
CA THR C 389 -0.41 -4.92 -16.91
C THR C 389 -1.72 -4.42 -16.30
N GLN C 390 -1.96 -3.12 -16.40
CA GLN C 390 -3.17 -2.55 -15.84
C GLN C 390 -4.44 -3.16 -16.47
N PHE C 391 -4.46 -3.29 -17.80
CA PHE C 391 -5.64 -3.81 -18.47
C PHE C 391 -5.86 -5.29 -18.17
N ARG C 392 -4.77 -6.02 -17.94
CA ARG C 392 -4.87 -7.39 -17.48
C ARG C 392 -5.65 -7.48 -16.16
N LYS C 393 -5.31 -6.59 -15.24
CA LYS C 393 -5.87 -6.59 -13.90
C LYS C 393 -7.32 -6.16 -13.95
N LEU C 394 -7.62 -5.20 -14.84
CA LEU C 394 -8.98 -4.75 -15.09
C LEU C 394 -9.90 -5.83 -15.63
N ARG C 395 -9.37 -6.73 -16.45
CA ARG C 395 -10.16 -7.78 -17.03
C ARG C 395 -10.25 -8.99 -16.08
N ASP C 396 -9.08 -9.52 -15.66
CA ASP C 396 -9.00 -10.74 -14.85
C ASP C 396 -9.62 -10.54 -13.47
N GLY C 397 -9.60 -9.29 -12.96
CA GLY C 397 -10.02 -9.00 -11.60
C GLY C 397 -11.44 -8.45 -11.50
N ASP C 398 -12.18 -8.47 -12.63
CA ASP C 398 -13.52 -7.93 -12.70
C ASP C 398 -14.50 -9.09 -12.69
N ARG C 399 -15.35 -9.15 -11.65
CA ARG C 399 -16.33 -10.22 -11.52
C ARG C 399 -17.41 -10.11 -12.59
N PHE C 400 -17.66 -8.89 -13.08
CA PHE C 400 -18.71 -8.67 -14.06
C PHE C 400 -18.15 -8.53 -15.49
N TRP C 401 -16.95 -9.05 -15.78
CA TRP C 401 -16.39 -9.01 -17.13
C TRP C 401 -17.30 -9.80 -18.07
N TRP C 402 -17.48 -9.31 -19.30
CA TRP C 402 -18.59 -9.73 -20.13
C TRP C 402 -18.55 -11.22 -20.48
N GLU C 403 -17.35 -11.81 -20.52
CA GLU C 403 -17.19 -13.22 -20.87
C GLU C 403 -17.06 -14.09 -19.63
N ASN C 404 -17.21 -13.52 -18.44
CA ASN C 404 -17.15 -14.35 -17.24
C ASN C 404 -18.43 -15.17 -17.15
N GLU C 405 -18.30 -16.49 -16.96
CA GLU C 405 -19.44 -17.39 -16.84
C GLU C 405 -20.44 -16.86 -15.80
N GLY C 406 -21.72 -16.81 -16.17
CA GLY C 406 -22.83 -16.36 -15.32
C GLY C 406 -23.13 -14.85 -15.41
N VAL C 407 -22.31 -14.09 -16.15
CA VAL C 407 -22.55 -12.68 -16.43
C VAL C 407 -23.57 -12.57 -17.56
N PHE C 408 -23.25 -13.10 -18.75
CA PHE C 408 -24.28 -13.23 -19.78
C PHE C 408 -24.49 -14.71 -20.12
N SER C 409 -25.65 -15.01 -20.72
CA SER C 409 -25.92 -16.32 -21.32
C SER C 409 -25.02 -16.48 -22.53
N MET C 410 -24.95 -17.72 -23.05
CA MET C 410 -24.09 -17.93 -24.19
C MET C 410 -24.61 -17.17 -25.42
N GLN C 411 -25.94 -17.21 -25.64
CA GLN C 411 -26.56 -16.50 -26.74
C GLN C 411 -26.35 -14.98 -26.63
N GLN C 412 -26.38 -14.46 -25.40
CA GLN C 412 -26.15 -13.05 -25.20
C GLN C 412 -24.71 -12.70 -25.59
N ARG C 413 -23.79 -13.62 -25.25
CA ARG C 413 -22.37 -13.44 -25.53
C ARG C 413 -22.16 -13.41 -27.05
N GLN C 414 -22.84 -14.34 -27.75
CA GLN C 414 -22.78 -14.41 -29.21
C GLN C 414 -23.32 -13.11 -29.80
N ALA C 415 -24.49 -12.64 -29.30
CA ALA C 415 -25.06 -11.38 -29.74
C ALA C 415 -24.10 -10.20 -29.54
N LEU C 416 -23.45 -10.15 -28.36
CA LEU C 416 -22.53 -9.05 -28.03
C LEU C 416 -21.30 -9.01 -28.94
N ALA C 417 -20.83 -10.17 -29.41
CA ALA C 417 -19.63 -10.23 -30.23
C ALA C 417 -19.80 -9.41 -31.53
N GLN C 418 -21.06 -9.05 -31.88
CA GLN C 418 -21.40 -8.43 -33.15
C GLN C 418 -21.31 -6.90 -33.11
N ILE C 419 -21.13 -6.32 -31.90
CA ILE C 419 -21.16 -4.88 -31.70
C ILE C 419 -19.87 -4.27 -32.26
N SER C 420 -19.96 -3.01 -32.70
CA SER C 420 -18.82 -2.22 -33.13
C SER C 420 -19.15 -0.74 -32.89
N LEU C 421 -18.13 0.09 -32.62
CA LEU C 421 -18.33 1.53 -32.53
C LEU C 421 -19.02 2.11 -33.79
N PRO C 422 -18.64 1.74 -35.06
CA PRO C 422 -19.42 2.13 -36.23
C PRO C 422 -20.93 1.89 -36.14
N ARG C 423 -21.32 0.69 -35.68
CA ARG C 423 -22.75 0.36 -35.53
C ARG C 423 -23.44 1.31 -34.56
N ILE C 424 -22.81 1.54 -33.40
CA ILE C 424 -23.28 2.52 -32.42
C ILE C 424 -23.50 3.90 -33.05
N ILE C 425 -22.53 4.37 -33.86
CA ILE C 425 -22.64 5.64 -34.56
C ILE C 425 -23.88 5.68 -35.46
N CYS C 426 -24.07 4.63 -36.26
CA CYS C 426 -25.25 4.49 -37.12
C CYS C 426 -26.56 4.56 -36.35
N ASP C 427 -26.64 3.87 -35.20
CA ASP C 427 -27.88 3.65 -34.49
C ASP C 427 -28.39 4.93 -33.85
N ASN C 428 -27.48 5.88 -33.62
CA ASN C 428 -27.74 6.94 -32.68
C ASN C 428 -27.47 8.32 -33.28
N THR C 429 -27.17 8.44 -34.57
CA THR C 429 -26.83 9.73 -35.18
C THR C 429 -27.45 9.84 -36.57
N GLY C 430 -27.32 11.01 -37.24
CA GLY C 430 -27.75 11.15 -38.63
C GLY C 430 -26.70 10.66 -39.64
N ILE C 431 -25.58 10.11 -39.14
CA ILE C 431 -24.47 9.68 -39.98
C ILE C 431 -24.87 8.38 -40.67
N THR C 432 -24.65 8.32 -41.99
CA THR C 432 -25.09 7.12 -42.70
C THR C 432 -23.90 6.39 -43.30
N THR C 433 -22.73 7.04 -43.30
CA THR C 433 -21.49 6.46 -43.81
C THR C 433 -20.49 6.47 -42.66
N VAL C 434 -19.95 5.29 -42.35
CA VAL C 434 -19.03 5.12 -41.23
C VAL C 434 -17.77 4.37 -41.67
N SER C 435 -16.76 4.40 -40.78
CA SER C 435 -15.51 3.68 -41.03
C SER C 435 -15.72 2.17 -40.96
N LYS C 436 -15.02 1.48 -41.88
CA LYS C 436 -15.05 0.03 -41.91
C LYS C 436 -14.05 -0.55 -40.90
N ASN C 437 -13.78 -1.86 -41.05
CA ASN C 437 -12.61 -2.59 -40.58
C ASN C 437 -12.56 -2.39 -39.08
N ASN C 438 -11.46 -1.79 -38.65
CA ASN C 438 -11.25 -1.25 -37.32
C ASN C 438 -11.35 0.27 -37.40
N ILE C 439 -12.32 0.82 -36.66
CA ILE C 439 -12.59 2.25 -36.61
C ILE C 439 -11.33 3.05 -36.27
N PHE C 440 -10.42 2.44 -35.47
CA PHE C 440 -9.29 3.16 -34.91
C PHE C 440 -8.13 3.19 -35.89
N MET C 441 -8.23 2.39 -36.96
CA MET C 441 -7.24 2.27 -38.00
C MET C 441 -7.74 3.03 -39.24
N SER C 442 -8.97 2.70 -39.70
CA SER C 442 -9.61 3.35 -40.84
C SER C 442 -9.68 4.86 -40.61
N ASN C 443 -9.17 5.66 -41.59
CA ASN C 443 -9.09 7.10 -41.37
C ASN C 443 -9.26 7.95 -42.63
N SER C 444 -9.57 7.36 -43.80
CA SER C 444 -9.52 8.13 -45.03
C SER C 444 -10.81 7.94 -45.81
N TYR C 445 -11.51 9.07 -46.07
CA TYR C 445 -12.75 9.01 -46.82
C TYR C 445 -12.46 9.25 -48.32
N PRO C 446 -13.03 8.50 -49.30
CA PRO C 446 -14.04 7.46 -49.07
C PRO C 446 -13.51 6.06 -48.83
N ARG C 447 -12.20 5.87 -49.07
CA ARG C 447 -11.57 4.58 -49.23
C ARG C 447 -11.94 3.60 -48.10
N ASP C 448 -12.02 4.12 -46.85
CA ASP C 448 -12.13 3.30 -45.67
C ASP C 448 -13.56 3.25 -45.12
N PHE C 449 -14.57 3.57 -45.94
CA PHE C 449 -15.91 3.88 -45.44
C PHE C 449 -16.96 2.97 -46.05
N VAL C 450 -18.00 2.70 -45.26
CA VAL C 450 -19.12 1.85 -45.65
C VAL C 450 -20.45 2.51 -45.29
N ASN C 451 -21.51 2.19 -46.04
CA ASN C 451 -22.90 2.48 -45.70
C ASN C 451 -23.26 1.71 -44.41
N CYS C 452 -24.07 2.35 -43.57
CA CYS C 452 -24.65 1.79 -42.36
C CYS C 452 -25.45 0.52 -42.60
N SER C 453 -26.15 0.45 -43.74
CA SER C 453 -27.00 -0.67 -44.13
C SER C 453 -26.25 -2.02 -44.21
N THR C 454 -24.91 -2.00 -44.12
CA THR C 454 -24.07 -3.19 -44.34
C THR C 454 -23.67 -3.81 -43.00
N LEU C 455 -24.01 -3.12 -41.90
CA LEU C 455 -23.49 -3.48 -40.59
C LEU C 455 -24.57 -4.21 -39.80
N PRO C 456 -24.22 -5.35 -39.14
CA PRO C 456 -25.21 -6.08 -38.35
C PRO C 456 -25.68 -5.25 -37.14
N ALA C 457 -27.00 -5.13 -36.94
CA ALA C 457 -27.54 -4.58 -35.70
C ALA C 457 -27.31 -5.56 -34.55
N LEU C 458 -27.18 -5.05 -33.31
CA LEU C 458 -27.18 -5.87 -32.12
C LEU C 458 -28.57 -6.49 -31.90
N ASN C 459 -28.63 -7.83 -31.90
CA ASN C 459 -29.86 -8.58 -31.81
C ASN C 459 -30.16 -8.92 -30.35
N LEU C 460 -31.24 -8.33 -29.82
CA LEU C 460 -31.54 -8.43 -28.40
C LEU C 460 -32.48 -9.58 -28.08
N ALA C 461 -32.62 -10.57 -28.97
CA ALA C 461 -33.66 -11.61 -28.88
C ALA C 461 -33.48 -12.43 -27.60
N SER C 462 -32.23 -12.70 -27.20
CA SER C 462 -31.87 -13.56 -26.08
C SER C 462 -31.92 -12.89 -24.69
N TRP C 463 -32.43 -11.64 -24.65
CA TRP C 463 -32.78 -10.89 -23.45
C TRP C 463 -34.29 -10.98 -23.15
N ARG C 464 -35.04 -11.85 -23.84
CA ARG C 464 -36.49 -12.03 -23.74
C ARG C 464 -36.92 -12.87 -22.53
N GLU C 465 -38.24 -12.85 -22.20
CA GLU C 465 -38.94 -13.54 -21.11
C GLU C 465 -39.87 -14.68 -21.61
N CYS D 3 18.31 13.29 2.32
CA CYS D 3 19.28 12.39 3.00
C CYS D 3 20.73 12.82 2.80
N PRO D 4 21.67 12.58 3.78
CA PRO D 4 23.10 12.84 3.56
C PRO D 4 23.70 11.94 2.48
N GLU D 5 24.89 12.32 1.98
CA GLU D 5 25.41 11.77 0.73
C GLU D 5 26.53 10.73 0.93
N GLN D 6 27.25 10.77 2.06
CA GLN D 6 28.32 9.80 2.27
C GLN D 6 28.45 9.40 3.74
N ASP D 7 27.32 9.02 4.34
CA ASP D 7 27.26 8.52 5.71
C ASP D 7 28.14 7.29 5.86
N LYS D 8 28.32 6.85 7.11
CA LYS D 8 29.26 5.79 7.44
C LYS D 8 28.59 4.69 8.27
N TYR D 9 27.50 5.04 8.98
CA TYR D 9 26.79 4.13 9.88
C TYR D 9 25.30 4.22 9.59
N ARG D 10 24.55 3.20 10.04
CA ARG D 10 23.09 3.23 10.04
C ARG D 10 22.59 4.36 10.93
N THR D 11 21.53 5.02 10.52
CA THR D 11 20.79 5.92 11.41
C THR D 11 20.08 5.06 12.44
N ILE D 12 19.66 5.68 13.56
CA ILE D 12 18.93 4.95 14.58
C ILE D 12 17.57 4.47 14.07
N THR D 13 16.85 5.36 13.38
CA THR D 13 15.49 5.11 12.94
C THR D 13 15.41 4.23 11.68
N GLY D 14 16.54 4.05 10.98
CA GLY D 14 16.59 3.35 9.70
C GLY D 14 16.35 4.27 8.51
N MET D 15 15.88 5.51 8.75
CA MET D 15 15.84 6.58 7.76
C MET D 15 17.12 6.49 6.92
N CYS D 16 16.96 6.52 5.60
CA CYS D 16 18.05 6.82 4.68
C CYS D 16 18.88 5.59 4.33
N ASN D 17 18.42 4.40 4.74
CA ASN D 17 19.07 3.15 4.39
C ASN D 17 18.91 2.93 2.88
N ASN D 18 17.65 3.05 2.42
CA ASN D 18 17.26 3.16 1.01
C ASN D 18 17.28 4.62 0.57
N ARG D 19 18.20 4.98 -0.32
CA ARG D 19 18.38 6.37 -0.74
C ARG D 19 17.19 6.93 -1.55
N ARG D 20 16.58 6.13 -2.43
CA ARG D 20 15.55 6.57 -3.34
C ARG D 20 14.22 6.70 -2.59
N SER D 21 13.99 5.84 -1.60
CA SER D 21 12.73 5.88 -0.88
C SER D 21 13.01 5.79 0.62
N PRO D 22 13.49 6.90 1.22
CA PRO D 22 14.23 6.88 2.47
C PRO D 22 13.52 6.41 3.72
N THR D 23 12.18 6.25 3.71
CA THR D 23 11.52 5.77 4.92
C THR D 23 11.41 4.24 4.94
N LEU D 24 11.87 3.57 3.86
CA LEU D 24 11.61 2.15 3.73
C LEU D 24 12.52 1.43 4.70
N GLY D 25 11.91 0.81 5.71
CA GLY D 25 12.65 0.11 6.75
C GLY D 25 12.75 0.91 8.05
N ALA D 26 12.46 2.21 7.93
CA ALA D 26 12.51 3.10 9.08
C ALA D 26 11.37 2.75 10.04
N SER D 27 11.52 3.18 11.29
CA SER D 27 10.56 2.99 12.37
C SER D 27 9.40 3.98 12.22
N ASN D 28 8.26 3.62 12.83
CA ASN D 28 7.03 4.41 12.93
C ASN D 28 6.45 4.60 11.53
N ARG D 29 6.39 3.50 10.77
CA ARG D 29 5.85 3.45 9.42
C ARG D 29 4.90 2.27 9.34
N ALA D 30 3.94 2.37 8.42
CA ALA D 30 3.02 1.28 8.07
C ALA D 30 3.81 0.08 7.56
N PHE D 31 3.35 -1.12 7.97
CA PHE D 31 3.75 -2.37 7.34
C PHE D 31 3.45 -2.25 5.85
N VAL D 32 4.17 -3.01 5.03
CA VAL D 32 3.77 -3.17 3.64
C VAL D 32 2.73 -4.29 3.59
N ARG D 33 1.83 -4.17 2.61
CA ARG D 33 0.81 -5.16 2.32
C ARG D 33 1.23 -5.94 1.08
N TRP D 34 1.45 -7.26 1.27
CA TRP D 34 1.68 -8.16 0.14
C TRP D 34 0.37 -8.63 -0.51
N LEU D 35 -0.73 -8.54 0.24
CA LEU D 35 -2.07 -8.88 -0.23
C LEU D 35 -3.01 -7.76 0.18
N PRO D 36 -4.07 -7.46 -0.61
CA PRO D 36 -5.14 -6.61 -0.12
C PRO D 36 -5.72 -7.11 1.20
N ALA D 37 -5.97 -6.16 2.12
CA ALA D 37 -6.50 -6.52 3.43
C ALA D 37 -7.95 -6.97 3.27
N GLU D 38 -8.40 -7.81 4.22
CA GLU D 38 -9.75 -8.35 4.29
C GLU D 38 -10.39 -7.98 5.63
N TYR D 39 -11.27 -6.98 5.59
CA TYR D 39 -12.05 -6.54 6.72
C TYR D 39 -13.52 -6.74 6.42
N GLU D 40 -14.27 -6.95 7.50
CA GLU D 40 -15.72 -7.12 7.51
C GLU D 40 -16.45 -6.10 6.65
N ASP D 41 -16.03 -4.83 6.72
CA ASP D 41 -16.64 -3.72 6.02
C ASP D 41 -15.77 -3.28 4.83
N GLY D 42 -14.72 -4.03 4.53
CA GLY D 42 -13.89 -3.66 3.40
C GLY D 42 -12.67 -2.85 3.81
N PHE D 43 -12.80 -2.01 4.86
CA PHE D 43 -11.76 -1.02 5.08
C PHE D 43 -11.22 -0.94 6.53
N SER D 44 -11.93 -1.48 7.53
CA SER D 44 -11.63 -1.19 8.92
C SER D 44 -12.00 -2.27 9.94
N LEU D 45 -13.26 -2.72 9.96
CA LEU D 45 -13.78 -3.53 11.03
C LEU D 45 -13.25 -4.95 10.88
N PRO D 46 -12.75 -5.61 11.96
CA PRO D 46 -12.25 -6.97 11.85
C PRO D 46 -13.39 -7.98 11.71
N TYR D 47 -13.13 -9.08 10.98
CA TYR D 47 -13.99 -10.26 10.99
C TYR D 47 -14.28 -10.68 12.43
N GLY D 48 -15.56 -10.85 12.74
CA GLY D 48 -15.94 -11.25 14.10
C GLY D 48 -16.47 -10.05 14.89
N TRP D 49 -16.40 -8.86 14.28
CA TRP D 49 -16.82 -7.62 14.91
C TRP D 49 -18.34 -7.58 15.05
N THR D 50 -19.05 -7.67 13.94
CA THR D 50 -20.50 -7.56 13.96
C THR D 50 -21.08 -8.97 14.11
N PRO D 51 -21.88 -9.29 15.15
CA PRO D 51 -22.32 -10.68 15.33
C PRO D 51 -23.26 -11.07 14.18
N GLY D 52 -23.07 -12.30 13.67
CA GLY D 52 -23.83 -12.81 12.54
C GLY D 52 -23.49 -12.20 11.16
N VAL D 53 -22.41 -11.41 11.04
CA VAL D 53 -21.77 -11.12 9.76
C VAL D 53 -20.80 -12.26 9.44
N LYS D 54 -21.04 -12.94 8.32
CA LYS D 54 -20.23 -14.06 7.91
C LYS D 54 -18.97 -13.58 7.20
N ARG D 55 -17.96 -14.45 7.19
CA ARG D 55 -16.77 -14.25 6.36
C ARG D 55 -16.86 -15.21 5.19
N ASN D 56 -17.19 -14.66 4.02
CA ASN D 56 -17.07 -15.42 2.81
C ASN D 56 -17.99 -16.66 2.93
N GLY D 57 -19.17 -16.44 3.49
CA GLY D 57 -20.17 -17.49 3.48
C GLY D 57 -20.28 -18.27 4.79
N PHE D 58 -19.31 -18.11 5.72
CA PHE D 58 -19.30 -18.95 6.93
C PHE D 58 -19.28 -18.10 8.21
N PRO D 59 -19.89 -18.52 9.34
CA PRO D 59 -19.68 -17.76 10.58
C PRO D 59 -18.20 -17.74 10.98
N VAL D 60 -17.71 -16.60 11.40
CA VAL D 60 -16.36 -16.44 11.94
C VAL D 60 -16.27 -17.25 13.22
N ALA D 61 -15.23 -18.08 13.33
CA ALA D 61 -15.03 -18.89 14.53
C ALA D 61 -14.41 -18.04 15.64
N LEU D 62 -14.91 -18.18 16.88
CA LEU D 62 -14.24 -17.56 18.02
C LEU D 62 -12.80 -18.09 18.11
N ALA D 63 -11.85 -17.15 18.22
CA ALA D 63 -10.44 -17.48 18.27
C ALA D 63 -10.17 -18.43 19.46
N ARG D 64 -10.84 -18.18 20.58
CA ARG D 64 -10.75 -18.98 21.78
C ARG D 64 -11.35 -20.37 21.54
N ALA D 65 -12.43 -20.48 20.74
CA ALA D 65 -12.97 -21.81 20.37
C ALA D 65 -11.94 -22.60 19.53
N VAL D 66 -11.24 -21.91 18.60
CA VAL D 66 -10.24 -22.52 17.73
C VAL D 66 -9.11 -23.07 18.61
N SER D 67 -8.66 -22.21 19.54
CA SER D 67 -7.64 -22.53 20.52
C SER D 67 -7.99 -23.80 21.33
N ASN D 68 -9.22 -23.87 21.87
CA ASN D 68 -9.71 -25.00 22.67
C ASN D 68 -9.75 -26.30 21.86
N GLU D 69 -10.18 -26.24 20.59
CA GLU D 69 -10.56 -27.44 19.85
C GLU D 69 -9.37 -28.02 19.09
N ILE D 70 -8.37 -27.15 18.80
CA ILE D 70 -7.28 -27.49 17.90
C ILE D 70 -5.94 -27.36 18.60
N VAL D 71 -5.76 -26.31 19.42
CA VAL D 71 -4.44 -26.01 19.96
C VAL D 71 -4.20 -26.73 21.29
N ARG D 72 -5.25 -26.88 22.12
CA ARG D 72 -5.14 -27.53 23.42
C ARG D 72 -4.66 -28.99 23.30
N PHE D 73 -3.78 -29.37 24.21
CA PHE D 73 -3.38 -30.76 24.38
C PHE D 73 -2.94 -30.93 25.83
N PRO D 74 -2.89 -32.17 26.38
CA PRO D 74 -2.27 -32.41 27.68
C PRO D 74 -0.75 -32.23 27.70
N THR D 75 -0.22 -31.41 28.63
CA THR D 75 1.20 -31.04 28.81
C THR D 75 2.14 -32.25 29.01
N ASP D 76 1.61 -33.35 29.59
CA ASP D 76 2.34 -34.58 29.84
C ASP D 76 2.70 -35.31 28.53
N GLN D 77 2.08 -34.91 27.40
CA GLN D 77 2.28 -35.52 26.09
C GLN D 77 3.35 -34.79 25.29
N LEU D 78 3.94 -33.73 25.86
CA LEU D 78 4.83 -32.84 25.12
C LEU D 78 6.01 -33.64 24.57
N THR D 79 6.34 -33.39 23.30
CA THR D 79 7.48 -34.06 22.67
C THR D 79 8.67 -33.11 22.70
N PRO D 80 9.78 -33.45 23.42
CA PRO D 80 11.06 -32.78 23.20
C PRO D 80 11.47 -32.87 21.72
N ASP D 81 11.93 -31.75 21.17
CA ASP D 81 12.63 -31.79 19.91
C ASP D 81 14.06 -32.30 20.11
N GLN D 82 14.34 -33.46 19.52
CA GLN D 82 15.66 -34.06 19.61
C GLN D 82 16.75 -33.16 19.04
N GLU D 83 16.37 -32.28 18.09
CA GLU D 83 17.29 -31.71 17.13
C GLU D 83 17.36 -30.19 17.28
N ARG D 84 16.77 -29.63 18.36
CA ARG D 84 16.73 -28.19 18.53
C ARG D 84 16.76 -27.84 20.02
N SER D 85 17.52 -26.79 20.37
CA SER D 85 17.65 -26.34 21.77
C SER D 85 16.59 -25.28 22.07
N LEU D 86 16.28 -25.04 23.34
CA LEU D 86 15.44 -23.91 23.71
C LEU D 86 16.01 -22.61 23.20
N MET D 87 17.34 -22.53 23.06
CA MET D 87 18.03 -21.39 22.47
C MET D 87 17.49 -21.07 21.07
N PHE D 88 17.08 -22.10 20.32
CA PHE D 88 16.45 -21.98 19.01
C PHE D 88 15.15 -21.19 19.10
N MET D 89 14.34 -21.44 20.13
CA MET D 89 13.12 -20.69 20.40
C MET D 89 13.48 -19.25 20.80
N GLN D 90 14.48 -19.10 21.66
CA GLN D 90 14.77 -17.82 22.27
C GLN D 90 15.36 -16.83 21.27
N TRP D 91 16.31 -17.28 20.45
CA TRP D 91 16.86 -16.41 19.43
C TRP D 91 15.73 -15.95 18.50
N GLY D 92 14.73 -16.82 18.24
CA GLY D 92 13.56 -16.46 17.45
C GLY D 92 12.85 -15.24 18.02
N GLN D 93 12.59 -15.25 19.32
CA GLN D 93 11.82 -14.18 19.95
C GLN D 93 12.68 -12.93 19.95
N LEU D 94 13.97 -13.09 20.25
CA LEU D 94 14.91 -11.98 20.28
C LEU D 94 15.00 -11.32 18.90
N LEU D 95 15.01 -12.15 17.85
CA LEU D 95 15.11 -11.67 16.48
C LEU D 95 13.83 -10.93 16.10
N ASP D 96 12.68 -11.51 16.49
CA ASP D 96 11.40 -10.90 16.24
C ASP D 96 11.39 -9.49 16.78
N HIS D 97 12.09 -9.27 17.90
CA HIS D 97 12.13 -8.00 18.61
C HIS D 97 13.09 -7.00 17.96
N ASP D 98 13.84 -7.48 16.97
CA ASP D 98 14.63 -6.62 16.12
C ASP D 98 13.81 -6.18 14.91
N LEU D 99 12.78 -6.94 14.54
CA LEU D 99 12.11 -6.78 13.27
C LEU D 99 10.84 -5.95 13.40
N ASP D 100 9.98 -6.28 14.38
CA ASP D 100 8.68 -5.63 14.41
C ASP D 100 8.14 -5.53 15.82
N PHE D 101 7.55 -4.38 16.09
CA PHE D 101 6.67 -4.19 17.23
C PHE D 101 5.45 -3.43 16.75
N THR D 102 4.25 -3.93 17.08
CA THR D 102 3.04 -3.31 16.58
C THR D 102 2.36 -2.54 17.71
N PRO D 103 2.47 -1.20 17.78
CA PRO D 103 1.88 -0.43 18.86
C PRO D 103 0.37 -0.55 18.96
N GLU D 104 -0.09 -0.42 20.20
CA GLU D 104 -1.47 -0.39 20.61
C GLU D 104 -1.66 0.82 21.54
N PRO D 105 -2.89 1.38 21.70
CA PRO D 105 -3.16 2.25 22.83
C PRO D 105 -2.96 1.57 24.19
N ALA D 106 -2.43 2.31 25.17
CA ALA D 106 -2.47 1.95 26.59
C ALA D 106 -3.84 2.31 27.18
N ALA D 107 -4.18 1.69 28.33
CA ALA D 107 -5.51 1.75 28.94
C ALA D 107 -5.89 3.14 29.47
N VAL E 1 -14.27 3.02 27.82
CA VAL E 1 -14.06 1.54 27.82
C VAL E 1 -12.57 1.27 28.03
N ASN E 2 -12.24 0.77 29.23
CA ASN E 2 -10.90 0.27 29.52
C ASN E 2 -10.85 -1.22 29.15
N CYS E 3 -10.11 -1.54 28.09
CA CYS E 3 -9.99 -2.86 27.49
C CYS E 3 -9.50 -3.94 28.46
N GLU E 4 -8.68 -3.52 29.45
CA GLU E 4 -8.14 -4.44 30.43
C GLU E 4 -9.21 -5.00 31.35
N THR E 5 -10.30 -4.25 31.62
CA THR E 5 -11.25 -4.56 32.70
C THR E 5 -12.70 -4.63 32.21
N SER E 6 -12.97 -4.13 31.00
CA SER E 6 -14.29 -4.14 30.39
C SER E 6 -14.35 -5.17 29.27
N CYS E 7 -15.57 -5.69 29.07
CA CYS E 7 -15.87 -6.64 28.01
C CYS E 7 -16.69 -6.03 26.87
N VAL E 8 -17.00 -4.71 26.97
CA VAL E 8 -17.69 -3.95 25.94
C VAL E 8 -16.81 -3.85 24.69
N GLN E 9 -17.48 -4.01 23.54
CA GLN E 9 -16.86 -3.92 22.23
C GLN E 9 -17.10 -2.53 21.66
N GLN E 10 -16.17 -1.64 22.01
CA GLN E 10 -16.07 -0.30 21.48
C GLN E 10 -14.62 -0.01 21.18
N PRO E 11 -14.29 0.76 20.10
CA PRO E 11 -12.90 1.01 19.75
C PRO E 11 -12.16 1.67 20.91
N PRO E 12 -10.89 1.27 21.25
CA PRO E 12 -10.09 0.31 20.50
C PRO E 12 -10.10 -1.13 21.00
N CYS E 13 -11.15 -1.50 21.73
CA CYS E 13 -11.23 -2.83 22.35
C CYS E 13 -11.85 -3.80 21.37
N PHE E 14 -11.17 -4.93 21.14
CA PHE E 14 -11.77 -6.03 20.40
C PHE E 14 -11.67 -7.30 21.25
N PRO E 15 -12.37 -7.40 22.40
CA PRO E 15 -12.17 -8.52 23.31
C PRO E 15 -12.57 -9.85 22.69
N LEU E 16 -11.86 -10.93 23.05
CA LEU E 16 -12.21 -12.24 22.54
C LEU E 16 -13.40 -12.79 23.34
N LYS E 17 -14.48 -13.15 22.62
CA LYS E 17 -15.67 -13.70 23.26
C LYS E 17 -15.38 -15.12 23.74
N ILE E 18 -16.18 -15.60 24.69
CA ILE E 18 -15.93 -16.88 25.34
C ILE E 18 -16.91 -17.93 24.81
N PRO E 19 -16.41 -19.09 24.30
CA PRO E 19 -17.29 -20.17 23.85
C PRO E 19 -18.13 -20.80 24.99
N PRO E 20 -19.21 -21.57 24.68
CA PRO E 20 -20.01 -22.20 25.73
C PRO E 20 -19.31 -23.15 26.70
N ASN E 21 -18.30 -23.90 26.25
CA ASN E 21 -17.76 -25.03 26.99
C ASN E 21 -16.31 -24.83 27.41
N ASP E 22 -15.93 -23.59 27.76
CA ASP E 22 -14.53 -23.25 27.92
C ASP E 22 -13.95 -24.13 29.03
N PRO E 23 -12.74 -24.72 28.88
CA PRO E 23 -12.12 -25.47 29.97
C PRO E 23 -11.78 -24.67 31.24
N ARG E 24 -11.66 -23.33 31.11
CA ARG E 24 -11.16 -22.43 32.15
C ARG E 24 -12.18 -21.33 32.45
N ILE E 25 -12.51 -20.50 31.46
CA ILE E 25 -13.37 -19.32 31.61
C ILE E 25 -14.83 -19.78 31.58
N LYS E 26 -15.39 -19.89 32.79
CA LYS E 26 -16.68 -20.53 33.06
C LYS E 26 -17.84 -19.59 32.65
N ASN E 27 -17.64 -18.26 32.82
CA ASN E 27 -18.69 -17.25 32.64
C ASN E 27 -18.64 -16.67 31.21
N GLN E 28 -19.74 -16.82 30.45
CA GLN E 28 -19.81 -16.35 29.07
C GLN E 28 -19.87 -14.83 28.91
N ALA E 29 -20.25 -14.07 29.94
CA ALA E 29 -20.21 -12.61 29.90
C ALA E 29 -18.78 -12.08 30.08
N ASP E 30 -17.80 -12.96 30.34
CA ASP E 30 -16.38 -12.64 30.43
C ASP E 30 -15.75 -12.56 29.03
N CYS E 31 -14.45 -12.26 28.97
CA CYS E 31 -13.74 -12.03 27.72
C CYS E 31 -12.23 -12.11 27.95
N ILE E 32 -11.47 -12.28 26.86
CA ILE E 32 -10.03 -12.09 26.93
C ILE E 32 -9.73 -10.70 26.40
N PRO E 33 -9.14 -9.76 27.22
CA PRO E 33 -8.78 -8.42 26.78
C PRO E 33 -7.93 -8.38 25.52
N PHE E 34 -8.23 -7.43 24.64
CA PHE E 34 -7.48 -7.21 23.40
C PHE E 34 -7.68 -5.77 22.93
N PHE E 35 -6.55 -5.09 22.68
CA PHE E 35 -6.52 -3.75 22.11
C PHE E 35 -6.17 -3.91 20.63
N ARG E 36 -7.02 -3.36 19.74
CA ARG E 36 -6.73 -3.22 18.31
C ARG E 36 -5.43 -2.44 18.13
N SER E 37 -4.51 -2.96 17.30
CA SER E 37 -3.30 -2.27 16.88
C SER E 37 -3.68 -0.89 16.36
N CYS E 38 -2.85 0.11 16.73
CA CYS E 38 -2.93 1.50 16.33
C CYS E 38 -3.00 1.60 14.81
N PRO E 39 -4.03 2.25 14.21
CA PRO E 39 -4.07 2.48 12.76
C PRO E 39 -3.08 3.53 12.26
N ALA E 40 -2.58 3.32 11.01
CA ALA E 40 -1.58 4.21 10.40
C ALA E 40 -2.19 5.58 10.16
N CYS E 41 -3.49 5.55 9.79
CA CYS E 41 -4.28 6.72 9.48
C CYS E 41 -5.54 6.74 10.36
N PRO E 42 -5.45 7.29 11.60
CA PRO E 42 -6.57 7.25 12.56
C PRO E 42 -7.84 7.95 12.07
N GLY E 43 -8.98 7.25 12.16
CA GLY E 43 -10.30 7.82 11.97
C GLY E 43 -10.70 8.04 10.51
N SER E 44 -10.05 7.33 9.56
CA SER E 44 -10.19 7.55 8.13
C SER E 44 -11.28 6.67 7.52
N ASN E 45 -12.14 7.29 6.71
CA ASN E 45 -13.15 6.53 5.98
C ASN E 45 -12.69 6.24 4.54
N ILE E 46 -11.59 6.88 4.07
CA ILE E 46 -10.99 6.65 2.77
C ILE E 46 -10.07 5.41 2.76
N THR E 47 -9.08 5.35 3.69
CA THR E 47 -7.98 4.40 3.57
C THR E 47 -8.37 3.03 4.09
N ILE E 48 -7.67 2.02 3.58
CA ILE E 48 -7.78 0.67 4.10
C ILE E 48 -6.88 0.61 5.34
N ARG E 49 -7.46 0.24 6.49
CA ARG E 49 -6.76 0.35 7.76
C ARG E 49 -5.49 -0.48 7.72
N ASN E 50 -4.39 0.18 8.14
CA ASN E 50 -3.08 -0.50 8.20
C ASN E 50 -2.44 -0.27 9.57
N GLN E 51 -1.51 -1.16 9.95
CA GLN E 51 -0.85 -1.09 11.25
C GLN E 51 0.54 -0.51 11.10
N ILE E 52 1.20 -0.20 12.24
CA ILE E 52 2.48 0.50 12.33
C ILE E 52 3.52 -0.47 12.86
N ASN E 53 4.74 -0.37 12.30
CA ASN E 53 5.94 -0.99 12.82
C ASN E 53 6.72 0.09 13.55
N ALA E 54 6.98 -0.11 14.85
CA ALA E 54 7.64 0.90 15.66
C ALA E 54 9.17 0.73 15.62
N LEU E 55 9.65 -0.35 14.98
CA LEU E 55 11.08 -0.66 14.97
C LEU E 55 11.60 -0.55 13.53
N THR E 56 12.94 -0.53 13.40
CA THR E 56 13.57 -0.74 12.10
C THR E 56 13.31 -2.17 11.64
N SER E 57 12.97 -2.31 10.37
CA SER E 57 12.80 -3.65 9.81
C SER E 57 14.14 -4.39 9.71
N PHE E 58 15.24 -3.65 9.52
CA PHE E 58 16.57 -4.22 9.37
C PHE E 58 16.98 -5.09 10.56
N VAL E 59 17.80 -6.11 10.25
CA VAL E 59 18.50 -6.90 11.25
C VAL E 59 19.74 -6.09 11.63
N ASP E 60 19.59 -5.20 12.63
CA ASP E 60 20.48 -4.07 12.90
C ASP E 60 20.66 -3.85 14.40
N ALA E 61 20.28 -4.89 15.16
CA ALA E 61 20.32 -5.00 16.61
C ALA E 61 19.57 -3.84 17.29
N SER E 62 18.46 -3.40 16.68
CA SER E 62 17.64 -2.30 17.18
C SER E 62 17.04 -2.64 18.55
N MET E 63 16.98 -3.94 18.89
CA MET E 63 16.52 -4.37 20.19
C MET E 63 17.56 -4.08 21.29
N VAL E 64 18.83 -3.87 20.87
CA VAL E 64 19.88 -3.40 21.73
C VAL E 64 19.88 -1.86 21.73
N TYR E 65 19.87 -1.24 20.54
CA TYR E 65 20.22 0.18 20.41
C TYR E 65 19.01 1.10 20.49
N GLY E 66 17.80 0.57 20.25
CA GLY E 66 16.60 1.37 20.05
C GLY E 66 16.38 1.76 18.59
N SER E 67 15.17 2.28 18.30
CA SER E 67 14.75 2.62 16.96
C SER E 67 14.27 4.05 16.87
N GLU E 68 14.29 4.79 18.00
CA GLU E 68 13.96 6.22 18.04
C GLU E 68 15.17 6.91 18.66
N GLU E 69 15.43 8.15 18.24
CA GLU E 69 16.60 8.91 18.69
C GLU E 69 16.60 9.11 20.21
N PRO E 70 15.51 9.54 20.90
CA PRO E 70 15.59 9.78 22.35
C PRO E 70 16.01 8.57 23.21
N LEU E 71 15.35 7.43 22.98
CA LEU E 71 15.67 6.14 23.57
C LEU E 71 17.12 5.72 23.29
N ALA E 72 17.61 5.93 22.06
CA ALA E 72 18.97 5.58 21.69
C ALA E 72 20.01 6.30 22.53
N ARG E 73 19.78 7.59 22.82
CA ARG E 73 20.64 8.41 23.69
C ARG E 73 20.50 7.95 25.14
N ASN E 74 19.27 7.55 25.56
CA ASN E 74 19.02 7.15 26.94
C ASN E 74 19.72 5.83 27.27
N LEU E 75 19.94 4.94 26.27
CA LEU E 75 20.56 3.65 26.50
C LEU E 75 22.08 3.76 26.62
N ARG E 76 22.60 4.97 26.37
CA ARG E 76 24.03 5.21 26.35
C ARG E 76 24.51 5.77 27.69
N ASN E 77 25.73 5.29 28.05
CA ASN E 77 26.49 5.80 29.16
C ASN E 77 27.11 7.13 28.71
N MET E 78 26.57 8.23 29.22
CA MET E 78 26.95 9.57 28.76
C MET E 78 27.93 10.23 29.74
N SER E 79 28.60 9.46 30.60
CA SER E 79 29.47 10.04 31.63
C SER E 79 30.97 9.91 31.33
N ASN E 80 31.31 9.48 30.11
CA ASN E 80 32.67 9.27 29.61
C ASN E 80 32.64 9.20 28.08
N GLN E 81 33.84 9.20 27.47
CA GLN E 81 34.07 9.05 26.04
C GLN E 81 34.44 7.60 25.70
N LEU E 82 33.78 6.62 26.33
CA LEU E 82 34.18 5.23 26.18
C LEU E 82 33.24 4.49 25.21
N GLY E 83 32.11 5.12 24.85
CA GLY E 83 31.21 4.59 23.83
C GLY E 83 30.34 3.44 24.32
N LEU E 84 30.10 3.38 25.63
CA LEU E 84 29.45 2.25 26.28
C LEU E 84 27.95 2.48 26.30
N LEU E 85 27.20 1.37 26.38
CA LEU E 85 25.79 1.40 26.74
C LEU E 85 25.68 1.44 28.26
N ALA E 86 24.70 2.22 28.77
CA ALA E 86 24.35 2.30 30.18
C ALA E 86 24.06 0.92 30.77
N VAL E 87 24.56 0.70 31.99
CA VAL E 87 24.38 -0.56 32.73
C VAL E 87 23.58 -0.24 34.00
N ASN E 88 23.02 -1.28 34.64
CA ASN E 88 22.28 -1.13 35.89
C ASN E 88 23.20 -0.52 36.95
N GLN E 89 22.69 0.45 37.72
CA GLN E 89 23.51 1.19 38.68
C GLN E 89 23.38 0.64 40.09
N ARG E 90 22.54 -0.38 40.29
CA ARG E 90 22.15 -0.81 41.61
C ARG E 90 22.47 -2.29 41.80
N PHE E 91 22.49 -3.05 40.70
CA PHE E 91 22.65 -4.51 40.74
C PHE E 91 23.68 -4.99 39.71
N GLN E 92 24.49 -5.99 40.16
CA GLN E 92 25.43 -6.75 39.33
C GLN E 92 25.09 -8.24 39.32
N ASP E 93 25.61 -8.92 38.29
CA ASP E 93 25.53 -10.36 38.15
C ASP E 93 26.95 -10.92 38.30
N ASN E 94 27.34 -11.12 39.57
CA ASN E 94 28.67 -11.59 39.92
C ASN E 94 29.70 -10.66 39.28
N GLY E 95 29.60 -9.37 39.55
CA GLY E 95 30.55 -8.43 38.95
C GLY E 95 30.35 -8.12 37.45
N ARG E 96 29.33 -8.67 36.76
CA ARG E 96 29.06 -8.33 35.35
C ARG E 96 27.79 -7.49 35.19
N ALA E 97 27.71 -6.75 34.06
CA ALA E 97 26.65 -5.77 33.87
C ALA E 97 25.26 -6.43 33.72
N LEU E 98 24.24 -5.83 34.34
CA LEU E 98 22.83 -6.05 34.06
C LEU E 98 22.24 -4.85 33.31
N LEU E 99 21.10 -5.06 32.64
CA LEU E 99 20.40 -4.01 31.89
C LEU E 99 19.97 -2.88 32.83
N PRO E 100 19.95 -1.59 32.38
CA PRO E 100 19.44 -0.53 33.26
C PRO E 100 17.96 -0.76 33.60
N PHE E 101 17.48 -0.12 34.67
CA PHE E 101 16.07 -0.18 35.02
C PHE E 101 15.29 0.90 34.28
N ASP E 102 14.11 0.49 33.80
CA ASP E 102 13.16 1.36 33.15
C ASP E 102 12.20 1.92 34.19
N ASN E 103 11.65 3.12 33.88
CA ASN E 103 10.69 3.85 34.71
C ASN E 103 9.35 3.92 33.97
N LEU E 104 8.54 2.86 34.11
CA LEU E 104 7.23 2.74 33.46
C LEU E 104 6.13 3.22 34.40
N HIS E 105 5.09 3.82 33.80
CA HIS E 105 3.77 3.90 34.42
C HIS E 105 3.21 2.48 34.41
N ASP E 106 2.72 2.05 35.60
CA ASP E 106 2.15 0.73 35.90
C ASP E 106 3.08 -0.40 35.47
N ASP E 107 4.24 -0.51 36.13
CA ASP E 107 5.31 -1.41 35.71
C ASP E 107 4.85 -2.85 35.93
N PRO E 108 4.70 -3.71 34.87
CA PRO E 108 4.19 -5.07 35.04
C PRO E 108 5.08 -5.95 35.93
N CYS E 109 6.39 -5.71 35.84
CA CYS E 109 7.44 -6.45 36.53
C CYS E 109 7.28 -6.40 38.04
N LEU E 110 6.92 -5.24 38.58
CA LEU E 110 6.69 -5.08 40.01
C LEU E 110 5.52 -5.94 40.50
N LEU E 111 4.68 -6.45 39.60
CA LEU E 111 3.48 -7.15 40.01
C LEU E 111 3.76 -8.65 40.21
N THR E 112 4.95 -9.09 39.79
CA THR E 112 5.24 -10.51 39.73
C THR E 112 5.72 -11.06 41.08
N ASN E 113 6.70 -10.40 41.74
CA ASN E 113 6.99 -10.60 43.16
C ASN E 113 7.04 -9.22 43.82
N ARG E 114 5.88 -8.84 44.38
CA ARG E 114 5.61 -7.55 45.00
C ARG E 114 6.75 -7.15 45.94
N SER E 115 7.12 -8.04 46.89
CA SER E 115 8.11 -7.76 47.92
C SER E 115 9.50 -7.44 47.37
N ALA E 116 9.86 -7.97 46.20
CA ALA E 116 11.21 -7.87 45.66
C ALA E 116 11.47 -6.48 45.07
N ARG E 117 10.40 -5.80 44.61
CA ARG E 117 10.37 -4.44 44.09
C ARG E 117 11.46 -4.27 43.03
N ILE E 118 11.43 -5.17 42.03
CA ILE E 118 12.37 -5.10 40.93
C ILE E 118 11.66 -4.72 39.63
N PRO E 119 11.94 -3.51 39.08
CA PRO E 119 11.22 -2.99 37.93
C PRO E 119 11.67 -3.63 36.62
N CYS E 120 10.99 -3.29 35.50
CA CYS E 120 11.40 -3.78 34.20
C CYS E 120 12.68 -3.14 33.73
N PHE E 121 13.35 -3.86 32.82
CA PHE E 121 14.63 -3.47 32.23
C PHE E 121 14.37 -2.46 31.14
N LEU E 122 15.37 -1.62 30.90
CA LEU E 122 15.43 -0.73 29.74
C LEU E 122 16.38 -1.31 28.69
N ALA E 123 15.80 -1.60 27.53
CA ALA E 123 16.60 -2.01 26.40
C ALA E 123 16.08 -1.28 25.16
N GLY E 124 16.55 -1.67 23.98
CA GLY E 124 16.20 -1.01 22.73
C GLY E 124 14.76 -1.28 22.31
N ASP E 125 14.27 -2.45 22.72
CA ASP E 125 12.89 -2.85 22.54
C ASP E 125 12.28 -2.97 23.93
N THR E 126 10.96 -2.69 24.03
CA THR E 126 10.27 -2.44 25.29
C THR E 126 9.92 -3.75 25.99
N ARG E 127 10.14 -4.89 25.31
CA ARG E 127 9.66 -6.19 25.75
C ARG E 127 10.77 -7.03 26.39
N SER E 128 11.94 -6.43 26.59
CA SER E 128 13.10 -7.12 27.12
C SER E 128 12.82 -7.92 28.40
N SER E 129 11.80 -7.52 29.18
CA SER E 129 11.51 -8.19 30.44
C SER E 129 10.42 -9.26 30.30
N GLU E 130 10.00 -9.63 29.09
CA GLU E 130 8.77 -10.40 28.93
C GLU E 130 8.93 -11.79 29.58
N MET E 131 10.15 -12.30 29.52
CA MET E 131 10.60 -13.60 29.95
C MET E 131 12.06 -13.43 30.38
N PRO E 132 12.54 -14.07 31.46
CA PRO E 132 13.93 -13.96 31.84
C PRO E 132 14.90 -14.50 30.79
N GLU E 133 14.46 -15.45 29.96
CA GLU E 133 15.32 -16.02 28.93
C GLU E 133 15.64 -14.95 27.87
N LEU E 134 14.63 -14.12 27.59
CA LEU E 134 14.76 -13.00 26.68
C LEU E 134 15.70 -11.96 27.26
N THR E 135 15.49 -11.65 28.56
CA THR E 135 16.30 -10.69 29.31
C THR E 135 17.77 -11.10 29.21
N SER E 136 18.01 -12.41 29.32
CA SER E 136 19.35 -12.95 29.34
C SER E 136 20.05 -12.70 28.01
N MET E 137 19.29 -12.85 26.91
CA MET E 137 19.79 -12.57 25.56
C MET E 137 20.13 -11.11 25.36
N HIS E 138 19.26 -10.23 25.90
CA HIS E 138 19.46 -8.79 25.87
C HIS E 138 20.71 -8.40 26.64
N THR E 139 20.89 -9.01 27.83
CA THR E 139 21.97 -8.73 28.77
C THR E 139 23.30 -9.10 28.13
N LEU E 140 23.29 -10.26 27.49
CA LEU E 140 24.42 -10.79 26.76
C LEU E 140 24.89 -9.80 25.71
N LEU E 141 23.94 -9.24 24.94
CA LEU E 141 24.30 -8.36 23.85
C LEU E 141 24.83 -7.01 24.35
N LEU E 142 24.22 -6.50 25.44
CA LEU E 142 24.71 -5.30 26.11
C LEU E 142 26.17 -5.52 26.54
N ARG E 143 26.45 -6.67 27.20
CA ARG E 143 27.80 -6.96 27.63
C ARG E 143 28.75 -6.96 26.43
N GLU E 144 28.31 -7.61 25.36
CA GLU E 144 29.14 -7.76 24.18
C GLU E 144 29.48 -6.39 23.59
N HIS E 145 28.49 -5.48 23.58
CA HIS E 145 28.72 -4.12 23.11
C HIS E 145 29.85 -3.48 23.91
N ASN E 146 29.76 -3.61 25.24
CA ASN E 146 30.72 -2.97 26.13
C ASN E 146 32.10 -3.59 25.97
N ARG E 147 32.15 -4.91 25.72
CA ARG E 147 33.44 -5.57 25.56
C ARG E 147 34.13 -5.08 24.29
N LEU E 148 33.33 -4.96 23.22
CA LEU E 148 33.81 -4.57 21.91
C LEU E 148 34.37 -3.15 21.99
N ALA E 149 33.57 -2.25 22.56
CA ALA E 149 33.94 -0.87 22.81
C ALA E 149 35.24 -0.77 23.61
N THR E 150 35.35 -1.58 24.69
CA THR E 150 36.54 -1.58 25.55
C THR E 150 37.75 -1.92 24.69
N GLU E 151 37.63 -3.03 23.94
CA GLU E 151 38.70 -3.60 23.14
C GLU E 151 39.16 -2.65 22.05
N LEU E 152 38.19 -1.95 21.43
CA LEU E 152 38.44 -0.98 20.37
C LEU E 152 39.19 0.24 20.89
N LYS E 153 38.96 0.60 22.17
CA LYS E 153 39.60 1.71 22.83
C LYS E 153 41.08 1.41 23.02
N SER E 154 41.42 0.14 23.31
CA SER E 154 42.80 -0.34 23.35
C SER E 154 43.46 -0.21 21.99
N LEU E 155 42.78 -0.67 20.92
CA LEU E 155 43.30 -0.67 19.57
C LEU E 155 43.54 0.76 19.09
N ASN E 156 42.56 1.63 19.33
CA ASN E 156 42.48 2.96 18.74
C ASN E 156 42.34 3.98 19.86
N PRO E 157 43.47 4.37 20.52
CA PRO E 157 43.39 5.24 21.68
C PRO E 157 42.66 6.56 21.41
N ARG E 158 42.75 7.09 20.18
CA ARG E 158 42.31 8.45 19.92
C ARG E 158 40.85 8.56 19.46
N TRP E 159 40.12 7.45 19.37
CA TRP E 159 38.71 7.47 19.03
C TRP E 159 37.89 8.02 20.19
N ASP E 160 36.95 8.93 19.89
CA ASP E 160 36.01 9.48 20.87
C ASP E 160 34.89 8.47 21.14
N GLY E 161 33.99 8.80 22.08
CA GLY E 161 32.84 8.03 22.49
C GLY E 161 31.90 7.70 21.34
N GLU E 162 31.71 8.66 20.42
CA GLU E 162 30.83 8.49 19.26
C GLU E 162 31.34 7.35 18.37
N ARG E 163 32.65 7.37 18.07
CA ARG E 163 33.26 6.45 17.13
C ARG E 163 33.24 5.03 17.68
N LEU E 164 33.69 4.87 18.94
CA LEU E 164 33.64 3.64 19.70
C LEU E 164 32.23 3.05 19.70
N TYR E 165 31.20 3.84 20.04
CA TYR E 165 29.83 3.35 20.10
C TYR E 165 29.41 2.82 18.75
N GLN E 166 29.66 3.61 17.70
CA GLN E 166 29.21 3.30 16.36
C GLN E 166 29.84 2.00 15.86
N GLU E 167 31.14 1.84 16.13
CA GLU E 167 31.92 0.72 15.64
C GLU E 167 31.49 -0.58 16.32
N ALA E 168 31.35 -0.53 17.65
CA ALA E 168 30.86 -1.65 18.44
C ALA E 168 29.45 -2.03 17.95
N ARG E 169 28.58 -1.02 17.76
CA ARG E 169 27.24 -1.21 17.26
C ARG E 169 27.21 -1.95 15.93
N LYS E 170 28.08 -1.53 15.01
CA LYS E 170 28.22 -2.11 13.69
C LYS E 170 28.63 -3.58 13.79
N ILE E 171 29.47 -3.92 14.77
CA ILE E 171 29.89 -5.30 14.97
C ILE E 171 28.73 -6.11 15.57
N VAL E 172 28.04 -5.57 16.58
CA VAL E 172 26.91 -6.27 17.21
C VAL E 172 25.84 -6.59 16.14
N GLY E 173 25.55 -5.57 15.33
CA GLY E 173 24.65 -5.73 14.20
C GLY E 173 25.09 -6.84 13.24
N ALA E 174 26.38 -6.90 12.91
CA ALA E 174 26.90 -7.93 12.01
C ALA E 174 26.77 -9.31 12.63
N MET E 175 26.95 -9.40 13.95
CA MET E 175 26.89 -10.67 14.66
C MET E 175 25.46 -11.22 14.62
N VAL E 176 24.49 -10.31 14.78
CA VAL E 176 23.09 -10.71 14.74
C VAL E 176 22.74 -11.25 13.34
N GLN E 177 23.35 -10.66 12.29
CA GLN E 177 23.12 -11.03 10.92
C GLN E 177 23.68 -12.44 10.68
N ILE E 178 24.92 -12.65 11.17
CA ILE E 178 25.63 -13.88 10.91
C ILE E 178 24.90 -15.02 11.62
N ILE E 179 24.60 -14.83 12.92
CA ILE E 179 23.94 -15.89 13.69
C ILE E 179 22.61 -16.20 13.03
N THR E 180 21.87 -15.14 12.66
CA THR E 180 20.54 -15.28 12.07
C THR E 180 20.57 -16.09 10.78
N TYR E 181 21.45 -15.72 9.84
CA TYR E 181 21.37 -16.25 8.47
C TYR E 181 22.22 -17.50 8.26
N ARG E 182 23.34 -17.60 8.98
CA ARG E 182 24.19 -18.77 8.93
C ARG E 182 23.60 -19.90 9.79
N ASP E 183 23.16 -19.60 11.03
CA ASP E 183 22.89 -20.61 12.04
C ASP E 183 21.39 -20.86 12.25
N TYR E 184 20.58 -19.79 12.30
CA TYR E 184 19.18 -19.83 12.72
C TYR E 184 18.24 -20.26 11.59
N LEU E 185 18.21 -19.44 10.50
CA LEU E 185 17.24 -19.54 9.43
C LEU E 185 17.35 -20.92 8.77
N PRO E 186 18.54 -21.54 8.53
CA PRO E 186 18.58 -22.88 7.98
C PRO E 186 17.83 -23.89 8.83
N LEU E 187 17.78 -23.68 10.14
CA LEU E 187 17.14 -24.65 11.00
C LEU E 187 15.64 -24.39 11.09
N VAL E 188 15.20 -23.18 10.73
CA VAL E 188 13.78 -22.83 10.60
C VAL E 188 13.17 -23.42 9.34
N LEU E 189 13.80 -23.11 8.19
CA LEU E 189 13.29 -23.33 6.85
C LEU E 189 13.56 -24.74 6.35
N GLY E 190 14.68 -25.36 6.76
CA GLY E 190 15.17 -26.58 6.14
C GLY E 190 15.97 -26.31 4.86
N PRO E 191 16.89 -27.21 4.46
CA PRO E 191 17.80 -26.98 3.34
C PRO E 191 17.20 -26.53 2.02
N THR E 192 16.08 -27.15 1.60
CA THR E 192 15.37 -26.86 0.38
C THR E 192 14.86 -25.40 0.36
N ALA E 193 14.07 -24.99 1.38
CA ALA E 193 13.50 -23.65 1.42
C ALA E 193 14.62 -22.58 1.56
N MET E 194 15.68 -22.93 2.32
CA MET E 194 16.82 -22.08 2.51
C MET E 194 17.41 -21.73 1.14
N ARG E 195 17.62 -22.73 0.26
CA ARG E 195 18.13 -22.54 -1.10
C ARG E 195 17.12 -21.78 -1.97
N LYS E 196 15.82 -22.03 -1.81
CA LYS E 196 14.82 -21.37 -2.63
C LYS E 196 14.70 -19.89 -2.24
N TYR E 197 14.53 -19.58 -0.94
CA TYR E 197 14.19 -18.24 -0.52
C TYR E 197 15.42 -17.40 -0.22
N LEU E 198 16.57 -18.04 0.08
CA LEU E 198 17.82 -17.35 0.41
C LEU E 198 18.97 -17.93 -0.40
N PRO E 199 18.97 -17.79 -1.77
CA PRO E 199 20.15 -18.10 -2.56
C PRO E 199 21.34 -17.29 -2.06
N THR E 200 22.57 -17.76 -2.35
CA THR E 200 23.81 -17.03 -2.13
C THR E 200 23.61 -15.54 -2.45
N TYR E 201 24.00 -14.73 -1.47
CA TYR E 201 23.95 -13.28 -1.52
C TYR E 201 24.85 -12.79 -2.66
N ARG E 202 24.33 -11.86 -3.48
CA ARG E 202 25.08 -11.22 -4.55
C ARG E 202 25.62 -9.87 -4.04
N SER E 203 24.73 -8.90 -3.95
CA SER E 203 25.08 -7.53 -3.62
C SER E 203 23.82 -6.84 -3.06
N TYR E 204 24.01 -5.66 -2.45
CA TYR E 204 22.90 -4.76 -2.18
C TYR E 204 22.14 -4.39 -3.45
N ASN E 205 20.81 -4.60 -3.39
CA ASN E 205 19.87 -4.18 -4.42
C ASN E 205 18.93 -3.09 -3.86
N ASP E 206 19.07 -1.87 -4.38
CA ASP E 206 18.32 -0.76 -3.81
C ASP E 206 16.86 -0.73 -4.27
N SER E 207 16.41 -1.75 -5.01
CA SER E 207 15.05 -1.84 -5.50
C SER E 207 14.27 -2.90 -4.72
N VAL E 208 14.94 -3.52 -3.76
CA VAL E 208 14.23 -4.47 -2.91
C VAL E 208 13.59 -3.69 -1.75
N ASP E 209 12.27 -3.79 -1.59
CA ASP E 209 11.56 -3.18 -0.48
C ASP E 209 11.92 -3.88 0.84
N PRO E 210 12.63 -3.24 1.81
CA PRO E 210 12.97 -3.92 3.07
C PRO E 210 11.91 -3.87 4.18
N ARG E 211 10.66 -3.41 3.89
CA ARG E 211 9.65 -3.29 4.94
C ARG E 211 9.15 -4.65 5.38
N ILE E 212 8.80 -4.75 6.68
CA ILE E 212 8.09 -5.91 7.19
C ILE E 212 6.68 -5.88 6.58
N ALA E 213 6.30 -7.03 6.01
CA ALA E 213 4.92 -7.28 5.65
C ALA E 213 4.08 -7.62 6.89
N ASN E 214 2.85 -7.11 6.84
CA ASN E 214 1.88 -7.22 7.91
C ASN E 214 1.79 -8.69 8.32
N VAL E 215 1.61 -9.60 7.36
CA VAL E 215 1.50 -11.02 7.62
C VAL E 215 2.69 -11.58 8.40
N PHE E 216 3.90 -11.07 8.17
CA PHE E 216 5.08 -11.61 8.82
C PHE E 216 4.94 -11.50 10.35
N THR E 217 4.35 -10.39 10.84
CA THR E 217 4.16 -10.18 12.27
C THR E 217 3.28 -11.28 12.84
N ASN E 218 2.47 -11.92 11.99
CA ASN E 218 1.62 -13.02 12.43
C ASN E 218 2.27 -14.39 12.17
N ALA E 219 2.93 -14.55 11.02
CA ALA E 219 3.47 -15.83 10.63
C ALA E 219 4.72 -16.14 11.41
N PHE E 220 5.50 -15.12 11.80
CA PHE E 220 6.71 -15.37 12.58
C PHE E 220 6.39 -15.89 13.99
N ARG E 221 5.12 -15.79 14.41
CA ARG E 221 4.67 -16.35 15.67
C ARG E 221 4.56 -17.87 15.57
N TYR E 222 5.07 -18.49 14.50
CA TYR E 222 5.22 -19.94 14.50
C TYR E 222 6.00 -20.35 15.77
N GLY E 223 6.82 -19.41 16.24
CA GLY E 223 7.72 -19.65 17.33
C GLY E 223 6.99 -20.06 18.61
N HIS E 224 5.72 -19.65 18.77
CA HIS E 224 4.93 -20.01 19.94
C HIS E 224 4.74 -21.50 20.09
N THR E 225 4.96 -22.27 19.00
CA THR E 225 4.87 -23.72 19.01
C THR E 225 6.12 -24.36 19.64
N LEU E 226 7.21 -23.59 19.78
CA LEU E 226 8.49 -24.08 20.28
C LEU E 226 8.60 -23.96 21.80
N ILE E 227 7.64 -23.26 22.44
CA ILE E 227 7.77 -22.79 23.82
C ILE E 227 7.53 -23.96 24.77
N GLN E 228 8.42 -24.10 25.75
CA GLN E 228 8.38 -25.19 26.73
C GLN E 228 7.62 -24.67 27.97
N PRO E 229 6.90 -25.53 28.76
CA PRO E 229 6.07 -25.02 29.85
C PRO E 229 6.84 -24.50 31.08
N PHE E 230 8.18 -24.63 31.08
CA PHE E 230 9.04 -24.22 32.18
C PHE E 230 10.22 -23.36 31.72
N MET E 231 10.79 -22.62 32.67
CA MET E 231 12.13 -22.07 32.54
C MET E 231 13.08 -22.94 33.36
N PHE E 232 14.19 -23.35 32.71
CA PHE E 232 15.15 -24.28 33.28
C PHE E 232 16.41 -23.50 33.67
N ARG E 233 16.93 -23.76 34.87
CA ARG E 233 18.21 -23.21 35.29
C ARG E 233 19.16 -24.33 35.66
N LEU E 234 20.42 -24.18 35.21
CA LEU E 234 21.46 -25.19 35.43
C LEU E 234 22.69 -24.54 36.08
N ASP E 235 23.31 -25.22 37.05
CA ASP E 235 24.52 -24.73 37.69
C ASP E 235 25.75 -24.98 36.79
N ASN E 236 26.96 -24.81 37.35
CA ASN E 236 28.18 -24.99 36.56
C ASN E 236 28.57 -26.45 36.33
N ARG E 237 27.81 -27.40 36.88
CA ARG E 237 27.99 -28.80 36.50
C ARG E 237 26.89 -29.23 35.53
N TYR E 238 26.16 -28.23 34.98
CA TYR E 238 24.97 -28.38 34.17
C TYR E 238 23.92 -29.27 34.84
N GLN E 239 23.89 -29.21 36.18
CA GLN E 239 22.92 -29.87 37.04
C GLN E 239 21.82 -28.87 37.35
N PRO E 240 20.57 -29.32 37.68
CA PRO E 240 19.51 -28.40 38.09
C PRO E 240 19.96 -27.56 39.27
N MET E 241 19.76 -26.24 39.15
CA MET E 241 20.03 -25.23 40.17
C MET E 241 18.78 -25.07 41.05
N GLU E 242 18.77 -25.69 42.25
CA GLU E 242 17.68 -25.61 43.24
C GLU E 242 17.97 -24.51 44.28
N PRO E 243 16.95 -23.85 44.90
CA PRO E 243 15.53 -24.11 44.64
C PRO E 243 14.99 -23.39 43.38
N ASN E 244 13.78 -23.82 42.98
CA ASN E 244 13.14 -23.48 41.72
C ASN E 244 14.05 -23.86 40.53
N PRO E 245 14.41 -25.15 40.32
CA PRO E 245 14.87 -25.57 38.98
C PRO E 245 13.62 -25.96 38.19
N ARG E 246 13.38 -25.43 36.99
CA ARG E 246 12.08 -25.69 36.37
C ARG E 246 10.96 -24.86 37.03
N VAL E 247 10.97 -23.54 36.75
CA VAL E 247 9.92 -22.62 37.17
C VAL E 247 8.81 -22.65 36.11
N PRO E 248 7.50 -22.84 36.47
CA PRO E 248 6.42 -22.64 35.48
C PRO E 248 6.46 -21.28 34.77
N LEU E 249 6.23 -21.25 33.45
CA LEU E 249 6.29 -20.02 32.64
C LEU E 249 5.37 -18.91 33.18
N SER E 250 4.17 -19.30 33.65
CA SER E 250 3.19 -18.39 34.23
C SER E 250 3.73 -17.64 35.45
N ARG E 251 4.87 -18.09 36.00
CA ARG E 251 5.51 -17.44 37.12
C ARG E 251 6.82 -16.77 36.68
N VAL E 252 6.99 -16.49 35.38
CA VAL E 252 8.23 -15.93 34.83
C VAL E 252 7.95 -14.74 33.92
N PHE E 253 6.72 -14.63 33.41
CA PHE E 253 6.36 -13.45 32.62
C PHE E 253 6.57 -12.20 33.47
N PHE E 254 7.45 -11.33 32.95
CA PHE E 254 7.84 -10.06 33.55
C PHE E 254 8.56 -10.23 34.90
N ALA E 255 9.06 -11.44 35.18
CA ALA E 255 9.65 -11.72 36.48
C ALA E 255 11.11 -11.27 36.48
N SER E 256 11.32 -9.96 36.35
CA SER E 256 12.67 -9.43 36.18
C SER E 256 13.50 -9.67 37.45
N TRP E 257 12.81 -9.75 38.61
CA TRP E 257 13.41 -10.03 39.90
C TRP E 257 14.23 -11.31 39.89
N ARG E 258 13.79 -12.30 39.09
CA ARG E 258 14.44 -13.59 39.01
C ARG E 258 15.87 -13.44 38.49
N VAL E 259 16.10 -12.51 37.55
CA VAL E 259 17.41 -12.26 36.95
C VAL E 259 18.30 -11.64 38.02
N VAL E 260 17.74 -10.71 38.78
CA VAL E 260 18.53 -9.90 39.69
C VAL E 260 18.81 -10.69 40.96
N LEU E 261 17.80 -11.39 41.49
CA LEU E 261 17.88 -11.96 42.84
C LEU E 261 18.00 -13.48 42.86
N GLU E 262 17.78 -14.18 41.74
CA GLU E 262 17.92 -15.63 41.71
C GLU E 262 19.07 -16.07 40.81
N GLY E 263 20.14 -15.26 40.74
CA GLY E 263 21.43 -15.77 40.34
C GLY E 263 21.82 -15.43 38.91
N GLY E 264 21.26 -14.38 38.31
CA GLY E 264 21.87 -13.81 37.12
C GLY E 264 21.53 -14.63 35.88
N ILE E 265 22.25 -14.36 34.78
CA ILE E 265 21.88 -14.86 33.48
C ILE E 265 22.51 -16.23 33.19
N ASP E 266 23.63 -16.53 33.87
CA ASP E 266 24.37 -17.77 33.69
C ASP E 266 23.43 -18.98 33.72
N PRO E 267 22.66 -19.24 34.82
CA PRO E 267 21.80 -20.42 34.88
C PRO E 267 20.73 -20.50 33.79
N ILE E 268 20.29 -19.33 33.34
CA ILE E 268 19.22 -19.18 32.34
C ILE E 268 19.81 -19.59 30.98
N LEU E 269 20.99 -19.09 30.63
CA LEU E 269 21.66 -19.41 29.37
C LEU E 269 22.02 -20.91 29.29
N ARG E 270 22.46 -21.50 30.41
CA ARG E 270 22.75 -22.92 30.45
C ARG E 270 21.49 -23.71 30.17
N GLY E 271 20.37 -23.29 30.78
CA GLY E 271 19.09 -23.95 30.58
C GLY E 271 18.71 -23.97 29.11
N LEU E 272 19.00 -22.87 28.40
CA LEU E 272 18.64 -22.70 27.01
C LEU E 272 19.50 -23.61 26.11
N MET E 273 20.78 -23.77 26.46
CA MET E 273 21.69 -24.53 25.62
C MET E 273 21.45 -26.03 25.79
N ALA E 274 21.09 -26.45 27.01
CA ALA E 274 21.13 -27.85 27.41
C ALA E 274 19.74 -28.42 27.60
N THR E 275 18.69 -27.71 27.16
CA THR E 275 17.32 -28.25 27.21
C THR E 275 16.81 -28.33 25.77
N PRO E 276 16.05 -29.39 25.38
CA PRO E 276 15.40 -29.40 24.06
C PRO E 276 14.32 -28.31 23.93
N ALA E 277 14.15 -27.75 22.72
CA ALA E 277 12.93 -27.02 22.37
C ALA E 277 11.72 -27.98 22.42
N LYS E 278 10.48 -27.45 22.52
CA LYS E 278 9.30 -28.26 22.25
C LYS E 278 9.21 -28.43 20.73
N LEU E 279 8.83 -29.64 20.31
CA LEU E 279 8.52 -29.91 18.92
C LEU E 279 7.07 -29.49 18.67
N ASN E 280 6.85 -28.77 17.56
CA ASN E 280 5.49 -28.57 17.09
C ASN E 280 4.97 -29.87 16.48
N ARG E 281 3.85 -30.36 17.01
CA ARG E 281 3.17 -31.52 16.41
C ARG E 281 1.71 -31.18 16.23
N GLN E 282 1.04 -31.85 15.29
CA GLN E 282 -0.28 -31.40 14.88
C GLN E 282 -1.33 -31.63 15.98
N ASN E 283 -1.08 -32.52 16.93
CA ASN E 283 -1.97 -32.67 18.05
C ASN E 283 -1.34 -32.13 19.34
N GLN E 284 -0.23 -31.37 19.21
CA GLN E 284 0.53 -30.80 20.31
C GLN E 284 1.08 -29.43 19.89
N ILE E 285 0.19 -28.50 19.54
CA ILE E 285 0.63 -27.28 18.88
C ILE E 285 1.26 -26.31 19.87
N ALA E 286 0.54 -25.94 20.97
CA ALA E 286 1.06 -25.00 21.95
C ALA E 286 0.58 -25.30 23.38
N VAL E 287 1.46 -25.02 24.35
CA VAL E 287 1.31 -25.41 25.75
C VAL E 287 0.34 -24.50 26.48
N ASP E 288 -0.25 -25.07 27.56
CA ASP E 288 -1.21 -24.39 28.43
C ASP E 288 -0.63 -23.19 29.17
N GLU E 289 0.68 -23.21 29.42
CA GLU E 289 1.33 -22.05 30.02
C GLU E 289 1.12 -20.79 29.20
N ILE E 290 1.10 -20.89 27.86
CA ILE E 290 0.82 -19.74 27.02
C ILE E 290 -0.65 -19.69 26.58
N ARG E 291 -1.37 -20.83 26.59
CA ARG E 291 -2.73 -20.88 26.09
C ARG E 291 -3.75 -20.63 27.20
N GLU E 292 -3.34 -20.77 28.47
CA GLU E 292 -4.26 -20.65 29.59
C GLU E 292 -3.78 -19.60 30.58
N ARG E 293 -2.47 -19.36 30.64
CA ARG E 293 -1.91 -18.75 31.84
C ARG E 293 -1.00 -17.59 31.46
N LEU E 294 -1.15 -17.07 30.22
CA LEU E 294 -0.30 -15.99 29.75
C LEU E 294 -0.57 -14.75 30.58
N PHE E 295 0.51 -14.29 31.24
CA PHE E 295 0.57 -13.05 31.99
C PHE E 295 -0.39 -13.06 33.18
N GLU E 296 -0.59 -14.27 33.74
CA GLU E 296 -1.60 -14.54 34.76
C GLU E 296 -1.35 -13.69 36.00
N GLN E 297 -0.07 -13.37 36.25
CA GLN E 297 0.39 -12.68 37.43
C GLN E 297 0.19 -11.15 37.35
N VAL E 298 -0.05 -10.60 36.15
CA VAL E 298 0.01 -9.17 35.92
C VAL E 298 -1.32 -8.60 35.43
N MET E 299 -2.31 -9.48 35.23
CA MET E 299 -3.58 -9.13 34.60
C MET E 299 -4.72 -9.83 35.31
N ARG E 300 -5.96 -9.43 34.99
CA ARG E 300 -7.17 -9.86 35.69
C ARG E 300 -7.55 -11.29 35.36
N ILE E 301 -7.06 -11.77 34.22
CA ILE E 301 -7.33 -13.09 33.70
C ILE E 301 -6.11 -13.51 32.87
N GLY E 302 -5.82 -14.81 32.86
CA GLY E 302 -4.75 -15.35 32.02
C GLY E 302 -5.17 -15.27 30.56
N LEU E 303 -4.23 -14.84 29.72
CA LEU E 303 -4.48 -14.67 28.30
C LEU E 303 -4.25 -15.99 27.59
N ASP E 304 -4.55 -16.01 26.28
CA ASP E 304 -4.44 -17.19 25.45
C ASP E 304 -3.68 -16.75 24.22
N LEU E 305 -2.40 -17.14 24.17
CA LEU E 305 -1.52 -16.56 23.18
C LEU E 305 -1.95 -17.05 21.80
N PRO E 306 -2.20 -18.39 21.55
CA PRO E 306 -2.74 -18.84 20.27
C PRO E 306 -3.98 -18.06 19.85
N ALA E 307 -4.95 -17.91 20.77
CA ALA E 307 -6.14 -17.14 20.47
C ALA E 307 -5.85 -15.67 20.10
N LEU E 308 -4.93 -15.04 20.85
CA LEU E 308 -4.47 -13.68 20.56
C LEU E 308 -3.93 -13.59 19.12
N ASN E 309 -3.18 -14.63 18.68
CA ASN E 309 -2.58 -14.66 17.35
C ASN E 309 -3.66 -14.53 16.29
N MET E 310 -4.76 -15.25 16.52
CA MET E 310 -5.86 -15.36 15.59
C MET E 310 -6.70 -14.09 15.62
N GLN E 311 -6.98 -13.60 16.84
CA GLN E 311 -7.66 -12.32 16.99
C GLN E 311 -6.86 -11.27 16.24
N ARG E 312 -5.52 -11.29 16.43
CA ARG E 312 -4.64 -10.23 15.92
C ARG E 312 -4.65 -10.22 14.39
N SER E 313 -4.72 -11.41 13.78
CA SER E 313 -4.69 -11.50 12.34
C SER E 313 -5.95 -10.85 11.74
N ARG E 314 -7.07 -11.03 12.46
CA ARG E 314 -8.35 -10.46 12.08
C ARG E 314 -8.34 -8.94 12.26
N ASP E 315 -7.74 -8.48 13.35
CA ASP E 315 -7.49 -7.06 13.60
C ASP E 315 -6.68 -6.43 12.45
N HIS E 316 -5.72 -7.19 11.91
CA HIS E 316 -4.82 -6.66 10.91
C HIS E 316 -5.40 -6.83 9.51
N GLY E 317 -6.61 -7.40 9.42
CA GLY E 317 -7.23 -7.68 8.14
C GLY E 317 -6.44 -8.63 7.24
N LEU E 318 -5.82 -9.66 7.83
CA LEU E 318 -5.03 -10.62 7.05
C LEU E 318 -5.96 -11.57 6.29
N PRO E 319 -5.67 -11.80 4.99
CA PRO E 319 -6.34 -12.88 4.25
C PRO E 319 -6.20 -14.23 4.95
N GLY E 320 -7.12 -15.17 4.68
CA GLY E 320 -7.03 -16.51 5.26
C GLY E 320 -6.01 -17.38 4.53
N TYR E 321 -5.98 -18.65 4.95
CA TYR E 321 -4.98 -19.62 4.55
C TYR E 321 -4.86 -19.77 3.04
N ASN E 322 -6.00 -20.00 2.34
CA ASN E 322 -5.95 -20.23 0.90
C ASN E 322 -5.27 -19.10 0.15
N ALA E 323 -5.59 -17.86 0.55
CA ALA E 323 -5.04 -16.73 -0.17
C ALA E 323 -3.51 -16.69 -0.02
N TRP E 324 -2.98 -17.12 1.14
CA TRP E 324 -1.56 -17.14 1.38
C TRP E 324 -0.87 -18.26 0.63
N ARG E 325 -1.51 -19.45 0.62
CA ARG E 325 -1.09 -20.56 -0.23
C ARG E 325 -0.91 -20.08 -1.68
N ARG E 326 -1.95 -19.44 -2.23
CA ARG E 326 -1.93 -18.94 -3.59
C ARG E 326 -0.80 -17.93 -3.78
N PHE E 327 -0.65 -17.02 -2.81
CA PHE E 327 0.43 -16.05 -2.84
C PHE E 327 1.78 -16.76 -3.02
N CYS E 328 2.02 -17.85 -2.29
CA CYS E 328 3.27 -18.60 -2.34
C CYS E 328 3.36 -19.55 -3.53
N GLY E 329 2.28 -19.69 -4.30
CA GLY E 329 2.29 -20.62 -5.41
C GLY E 329 2.06 -22.07 -4.97
N LEU E 330 1.41 -22.30 -3.84
CA LEU E 330 1.14 -23.65 -3.35
C LEU E 330 -0.30 -24.05 -3.62
N PRO E 331 -0.65 -25.35 -3.79
CA PRO E 331 -2.05 -25.74 -4.01
C PRO E 331 -2.99 -25.30 -2.90
N GLN E 332 -4.21 -24.95 -3.29
CA GLN E 332 -5.17 -24.45 -2.34
C GLN E 332 -6.28 -25.46 -2.17
N PRO E 333 -6.42 -26.13 -1.00
CA PRO E 333 -7.48 -27.13 -0.81
C PRO E 333 -8.88 -26.54 -0.71
N GLU E 334 -9.85 -27.06 -1.46
CA GLU E 334 -11.22 -26.52 -1.49
C GLU E 334 -12.11 -27.29 -0.51
N THR E 335 -11.88 -28.62 -0.37
CA THR E 335 -12.74 -29.54 0.39
C THR E 335 -12.02 -30.06 1.65
N VAL E 336 -12.79 -30.77 2.49
CA VAL E 336 -12.26 -31.43 3.67
C VAL E 336 -11.20 -32.49 3.25
N GLY E 337 -11.51 -33.28 2.20
CA GLY E 337 -10.61 -34.26 1.61
C GLY E 337 -9.26 -33.65 1.23
N GLN E 338 -9.31 -32.53 0.49
CA GLN E 338 -8.11 -31.92 -0.06
C GLN E 338 -7.26 -31.29 1.04
N LEU E 339 -7.91 -30.71 2.07
CA LEU E 339 -7.20 -30.16 3.21
C LEU E 339 -6.47 -31.29 3.95
N GLY E 340 -7.13 -32.47 4.05
CA GLY E 340 -6.56 -33.70 4.56
C GLY E 340 -5.19 -34.04 3.94
N THR E 341 -5.11 -33.97 2.59
CA THR E 341 -3.89 -34.25 1.84
C THR E 341 -2.79 -33.24 2.15
N VAL E 342 -3.16 -31.95 2.10
CA VAL E 342 -2.21 -30.86 2.32
C VAL E 342 -1.61 -30.91 3.73
N LEU E 343 -2.40 -31.36 4.71
CA LEU E 343 -2.00 -31.42 6.12
C LEU E 343 -1.52 -32.83 6.48
N ARG E 344 -1.67 -33.82 5.60
CA ARG E 344 -1.27 -35.18 5.89
C ARG E 344 -2.05 -35.68 7.11
N ASN E 345 -3.27 -35.18 7.28
CA ASN E 345 -4.05 -35.43 8.49
C ASN E 345 -5.52 -35.10 8.27
N LEU E 346 -6.31 -36.15 8.07
CA LEU E 346 -7.74 -36.01 7.85
C LEU E 346 -8.43 -35.50 9.12
N LYS E 347 -8.14 -36.08 10.28
CA LYS E 347 -8.74 -35.69 11.54
C LYS E 347 -8.54 -34.18 11.83
N LEU E 348 -7.35 -33.63 11.55
CA LEU E 348 -7.08 -32.21 11.75
C LEU E 348 -7.85 -31.38 10.73
N ALA E 349 -7.93 -31.88 9.48
CA ALA E 349 -8.68 -31.22 8.43
C ALA E 349 -10.14 -31.11 8.85
N ARG E 350 -10.72 -32.21 9.37
CA ARG E 350 -12.10 -32.28 9.84
C ARG E 350 -12.39 -31.23 10.91
N LYS E 351 -11.45 -31.09 11.86
CA LYS E 351 -11.51 -30.14 12.95
C LYS E 351 -11.41 -28.69 12.45
N LEU E 352 -10.54 -28.43 11.47
CA LEU E 352 -10.37 -27.08 10.94
C LEU E 352 -11.61 -26.61 10.18
N MET E 353 -12.26 -27.54 9.44
CA MET E 353 -13.48 -27.29 8.68
C MET E 353 -14.70 -27.03 9.58
N GLU E 354 -14.78 -27.73 10.74
CA GLU E 354 -15.82 -27.58 11.74
C GLU E 354 -15.78 -26.19 12.38
N GLN E 355 -14.57 -25.65 12.60
CA GLN E 355 -14.40 -24.27 13.06
C GLN E 355 -14.68 -23.26 11.94
N TYR E 356 -14.12 -23.46 10.74
CA TYR E 356 -13.93 -22.40 9.76
C TYR E 356 -14.87 -22.46 8.56
N GLY E 357 -15.45 -23.64 8.27
CA GLY E 357 -16.36 -23.87 7.16
C GLY E 357 -15.62 -24.07 5.83
N THR E 358 -14.57 -23.27 5.53
CA THR E 358 -13.84 -23.34 4.29
C THR E 358 -12.35 -23.15 4.59
N PRO E 359 -11.41 -23.76 3.81
CA PRO E 359 -10.00 -23.45 3.97
C PRO E 359 -9.67 -22.00 3.63
N ASN E 360 -10.60 -21.31 2.96
CA ASN E 360 -10.40 -19.90 2.67
C ASN E 360 -10.30 -19.04 3.95
N ASN E 361 -10.92 -19.51 5.04
CA ASN E 361 -11.15 -18.71 6.24
C ASN E 361 -10.19 -19.05 7.36
N ILE E 362 -9.39 -20.12 7.24
CA ILE E 362 -8.45 -20.48 8.29
C ILE E 362 -7.48 -19.32 8.50
N ASP E 363 -7.33 -18.89 9.76
CA ASP E 363 -6.39 -17.84 10.11
C ASP E 363 -4.94 -18.27 9.85
N ILE E 364 -4.13 -17.30 9.42
CA ILE E 364 -2.82 -17.60 8.82
C ILE E 364 -1.96 -18.36 9.82
N TRP E 365 -1.95 -17.93 11.09
CA TRP E 365 -1.16 -18.59 12.11
C TRP E 365 -1.67 -20.01 12.31
N MET E 366 -2.99 -20.17 12.44
CA MET E 366 -3.57 -21.47 12.67
C MET E 366 -3.24 -22.43 11.52
N GLY E 367 -3.38 -21.94 10.28
CA GLY E 367 -3.12 -22.76 9.11
C GLY E 367 -1.64 -23.10 8.99
N GLY E 368 -0.80 -22.07 9.16
CA GLY E 368 0.64 -22.15 9.05
C GLY E 368 1.23 -23.19 10.01
N VAL E 369 0.84 -23.18 11.28
CA VAL E 369 1.43 -24.08 12.26
C VAL E 369 0.79 -25.48 12.18
N SER E 370 -0.33 -25.60 11.48
CA SER E 370 -1.00 -26.88 11.27
C SER E 370 -0.24 -27.73 10.25
N GLU E 371 0.51 -27.06 9.35
CA GLU E 371 1.11 -27.72 8.19
C GLU E 371 2.21 -28.66 8.66
N PRO E 372 2.38 -29.88 8.11
CA PRO E 372 3.54 -30.69 8.49
C PRO E 372 4.85 -30.04 8.05
N LEU E 373 5.88 -30.17 8.89
CA LEU E 373 7.13 -29.44 8.79
C LEU E 373 7.98 -29.98 7.63
N LYS E 374 8.73 -29.09 6.99
CA LYS E 374 9.65 -29.42 5.89
C LYS E 374 10.84 -30.17 6.48
N ARG E 375 11.46 -31.08 5.72
CA ARG E 375 12.58 -31.86 6.20
C ARG E 375 13.66 -30.94 6.78
N LYS E 376 14.05 -31.20 8.04
CA LYS E 376 15.09 -30.52 8.81
C LYS E 376 14.72 -29.06 9.07
N GLY E 377 13.44 -28.70 8.96
CA GLY E 377 12.93 -27.37 9.27
C GLY E 377 11.84 -27.41 10.35
N ARG E 378 11.37 -26.25 10.82
CA ARG E 378 10.38 -26.26 11.89
C ARG E 378 9.13 -25.50 11.48
N VAL E 379 9.02 -25.22 10.17
CA VAL E 379 7.82 -24.68 9.54
C VAL E 379 7.44 -25.55 8.35
N GLY E 380 6.16 -25.53 7.99
CA GLY E 380 5.69 -26.19 6.78
C GLY E 380 5.83 -25.25 5.59
N PRO E 381 5.36 -25.60 4.36
CA PRO E 381 5.66 -24.81 3.18
C PRO E 381 5.18 -23.36 3.21
N LEU E 382 4.01 -23.12 3.83
CA LEU E 382 3.41 -21.80 3.80
C LEU E 382 4.27 -20.80 4.56
N LEU E 383 4.57 -21.14 5.81
CA LEU E 383 5.34 -20.30 6.71
C LEU E 383 6.78 -20.20 6.21
N ALA E 384 7.31 -21.26 5.56
CA ALA E 384 8.64 -21.21 4.97
C ALA E 384 8.68 -20.09 3.93
N CYS E 385 7.58 -20.00 3.18
CA CYS E 385 7.49 -19.03 2.11
C CYS E 385 7.47 -17.61 2.68
N ILE E 386 6.63 -17.35 3.67
CA ILE E 386 6.50 -16.01 4.22
C ILE E 386 7.82 -15.63 4.91
N ILE E 387 8.29 -16.49 5.80
CA ILE E 387 9.50 -16.24 6.57
C ILE E 387 10.68 -16.01 5.61
N GLY E 388 10.86 -16.95 4.67
CA GLY E 388 11.96 -16.88 3.71
C GLY E 388 11.91 -15.60 2.86
N THR E 389 10.72 -15.26 2.34
CA THR E 389 10.58 -14.05 1.53
C THR E 389 11.00 -12.82 2.35
N GLN E 390 10.49 -12.72 3.59
CA GLN E 390 10.79 -11.56 4.41
C GLN E 390 12.31 -11.43 4.64
N PHE E 391 12.97 -12.55 4.95
CA PHE E 391 14.39 -12.45 5.28
C PHE E 391 15.22 -12.16 4.06
N ARG E 392 14.75 -12.59 2.87
CA ARG E 392 15.38 -12.21 1.63
C ARG E 392 15.39 -10.70 1.46
N LYS E 393 14.27 -10.07 1.78
CA LYS E 393 14.09 -8.64 1.60
C LYS E 393 14.97 -7.91 2.58
N LEU E 394 15.06 -8.44 3.80
CA LEU E 394 15.86 -7.87 4.86
C LEU E 394 17.35 -7.89 4.54
N ARG E 395 17.80 -8.92 3.80
CA ARG E 395 19.19 -9.04 3.43
C ARG E 395 19.50 -8.24 2.14
N ASP E 396 18.78 -8.55 1.04
CA ASP E 396 19.05 -7.96 -0.27
C ASP E 396 18.80 -6.44 -0.26
N GLY E 397 17.89 -5.96 0.60
CA GLY E 397 17.48 -4.57 0.61
C GLY E 397 18.11 -3.76 1.75
N ASP E 398 19.13 -4.31 2.40
CA ASP E 398 19.83 -3.61 3.46
C ASP E 398 21.16 -3.07 2.93
N ARG E 399 21.32 -1.75 2.95
CA ARG E 399 22.54 -1.13 2.46
C ARG E 399 23.69 -1.41 3.43
N PHE E 400 23.36 -1.67 4.70
CA PHE E 400 24.40 -1.92 5.70
C PHE E 400 24.60 -3.40 5.98
N TRP E 401 24.16 -4.29 5.07
CA TRP E 401 24.33 -5.73 5.21
C TRP E 401 25.83 -6.05 5.28
N TRP E 402 26.21 -6.99 6.15
CA TRP E 402 27.59 -7.08 6.60
C TRP E 402 28.54 -7.45 5.44
N GLU E 403 28.01 -8.16 4.42
CA GLU E 403 28.79 -8.58 3.28
C GLU E 403 28.69 -7.63 2.10
N ASN E 404 27.93 -6.53 2.25
CA ASN E 404 27.78 -5.60 1.15
C ASN E 404 29.09 -4.84 1.00
N GLU E 405 29.62 -4.80 -0.24
CA GLU E 405 30.77 -4.03 -0.66
C GLU E 405 30.80 -2.67 0.06
N GLY E 406 31.91 -2.41 0.77
CA GLY E 406 32.20 -1.13 1.40
C GLY E 406 31.71 -1.00 2.84
N VAL E 407 31.02 -2.01 3.37
CA VAL E 407 30.54 -1.99 4.75
C VAL E 407 31.69 -2.39 5.67
N PHE E 408 32.21 -3.62 5.49
CA PHE E 408 33.47 -3.96 6.13
C PHE E 408 34.54 -4.19 5.08
N SER E 409 35.81 -4.06 5.50
CA SER E 409 36.94 -4.49 4.69
C SER E 409 36.91 -6.02 4.58
N MET E 410 37.69 -6.55 3.65
CA MET E 410 37.68 -7.99 3.46
C MET E 410 38.19 -8.70 4.72
N GLN E 411 39.26 -8.16 5.34
CA GLN E 411 39.84 -8.69 6.57
C GLN E 411 38.83 -8.68 7.71
N GLN E 412 38.03 -7.61 7.79
CA GLN E 412 37.02 -7.50 8.82
C GLN E 412 35.96 -8.57 8.61
N ARG E 413 35.63 -8.83 7.34
CA ARG E 413 34.61 -9.80 6.98
C ARG E 413 35.09 -11.19 7.35
N GLN E 414 36.39 -11.46 7.09
CA GLN E 414 37.02 -12.73 7.44
C GLN E 414 37.01 -12.89 8.95
N ALA E 415 37.37 -11.83 9.70
CA ALA E 415 37.31 -11.87 11.14
C ALA E 415 35.89 -12.12 11.66
N LEU E 416 34.87 -11.50 11.06
CA LEU E 416 33.49 -11.67 11.47
C LEU E 416 32.99 -13.09 11.25
N ALA E 417 33.49 -13.78 10.23
CA ALA E 417 33.03 -15.12 9.91
C ALA E 417 33.27 -16.08 11.08
N GLN E 418 34.11 -15.68 12.05
CA GLN E 418 34.58 -16.50 13.16
C GLN E 418 33.60 -16.52 14.33
N ILE E 419 32.65 -15.56 14.35
CA ILE E 419 31.78 -15.32 15.48
C ILE E 419 30.76 -16.46 15.56
N SER E 420 30.31 -16.74 16.79
CA SER E 420 29.26 -17.70 17.07
C SER E 420 28.59 -17.28 18.37
N LEU E 421 27.31 -17.63 18.55
CA LEU E 421 26.65 -17.35 19.82
C LEU E 421 27.39 -18.04 20.99
N PRO E 422 27.89 -19.31 20.89
CA PRO E 422 28.74 -19.89 21.94
C PRO E 422 29.91 -19.00 22.36
N ARG E 423 30.63 -18.43 21.39
CA ARG E 423 31.74 -17.52 21.66
C ARG E 423 31.29 -16.35 22.50
N ILE E 424 30.18 -15.70 22.11
CA ILE E 424 29.59 -14.57 22.82
C ILE E 424 29.27 -14.96 24.26
N ILE E 425 28.71 -16.17 24.47
CA ILE E 425 28.40 -16.65 25.81
C ILE E 425 29.68 -16.75 26.66
N CYS E 426 30.75 -17.34 26.11
CA CYS E 426 32.05 -17.43 26.77
C CYS E 426 32.60 -16.08 27.17
N ASP E 427 32.53 -15.09 26.25
CA ASP E 427 33.25 -13.84 26.41
C ASP E 427 32.62 -13.00 27.51
N ASN E 428 31.35 -13.27 27.83
CA ASN E 428 30.53 -12.29 28.53
C ASN E 428 29.80 -12.90 29.71
N THR E 429 30.08 -14.14 30.09
CA THR E 429 29.41 -14.77 31.21
C THR E 429 30.44 -15.58 32.02
N GLY E 430 30.01 -16.17 33.14
CA GLY E 430 30.86 -17.06 33.91
C GLY E 430 30.89 -18.48 33.36
N ILE E 431 30.15 -18.72 32.27
CA ILE E 431 29.93 -20.05 31.71
C ILE E 431 31.22 -20.45 31.00
N THR E 432 31.69 -21.68 31.26
CA THR E 432 32.96 -22.10 30.68
C THR E 432 32.76 -23.30 29.73
N THR E 433 31.55 -23.87 29.73
CA THR E 433 31.21 -24.98 28.88
C THR E 433 30.00 -24.57 28.04
N VAL E 434 30.13 -24.65 26.71
CA VAL E 434 29.08 -24.19 25.80
C VAL E 434 28.76 -25.25 24.75
N SER E 435 27.62 -25.04 24.07
CA SER E 435 27.19 -25.93 23.00
C SER E 435 28.10 -25.81 21.78
N LYS E 436 28.36 -26.97 21.15
CA LYS E 436 29.25 -27.01 20.00
C LYS E 436 28.49 -26.66 18.72
N ASN E 437 29.15 -26.91 17.56
CA ASN E 437 28.58 -27.18 16.24
C ASN E 437 27.65 -26.03 15.92
N ASN E 438 26.33 -26.33 15.84
CA ASN E 438 25.28 -25.34 15.74
C ASN E 438 24.54 -25.26 17.09
N ILE E 439 24.63 -24.08 17.75
CA ILE E 439 24.05 -23.84 19.06
C ILE E 439 22.55 -24.21 19.10
N PHE E 440 21.88 -24.06 17.95
CA PHE E 440 20.43 -24.15 17.86
C PHE E 440 19.99 -25.60 17.73
N MET E 441 20.94 -26.47 17.42
CA MET E 441 20.72 -27.88 17.22
C MET E 441 21.24 -28.65 18.44
N SER E 442 22.48 -28.34 18.89
CA SER E 442 23.08 -28.92 20.09
C SER E 442 22.15 -28.68 21.26
N ASN E 443 21.80 -29.75 22.01
CA ASN E 443 20.83 -29.60 23.08
C ASN E 443 21.04 -30.53 24.28
N SER E 444 22.11 -31.33 24.30
CA SER E 444 22.19 -32.38 25.30
C SER E 444 23.57 -32.39 25.95
N TYR E 445 23.57 -32.21 27.29
CA TYR E 445 24.82 -32.20 28.04
C TYR E 445 25.09 -33.61 28.57
N PRO E 446 26.34 -34.16 28.52
CA PRO E 446 27.55 -33.47 28.07
C PRO E 446 27.84 -33.55 26.58
N ARG E 447 27.12 -34.46 25.89
CA ARG E 447 27.45 -34.98 24.57
C ARG E 447 27.76 -33.84 23.58
N ASP E 448 27.00 -32.74 23.65
CA ASP E 448 27.00 -31.69 22.64
C ASP E 448 27.81 -30.45 23.07
N PHE E 449 28.71 -30.60 24.05
CA PHE E 449 29.30 -29.48 24.78
C PHE E 449 30.82 -29.45 24.70
N VAL E 450 31.39 -28.24 24.71
CA VAL E 450 32.83 -28.00 24.58
C VAL E 450 33.29 -26.96 25.61
N ASN E 451 34.57 -27.06 26.01
CA ASN E 451 35.29 -26.05 26.79
C ASN E 451 35.44 -24.80 25.92
N CYS E 452 35.29 -23.61 26.55
CA CYS E 452 35.34 -22.29 25.91
C CYS E 452 36.67 -22.02 25.21
N SER E 453 37.77 -22.52 25.79
CA SER E 453 39.13 -22.42 25.30
C SER E 453 39.33 -22.99 23.89
N THR E 454 38.33 -23.71 23.33
CA THR E 454 38.47 -24.40 22.05
C THR E 454 37.85 -23.57 20.92
N LEU E 455 37.20 -22.45 21.28
CA LEU E 455 36.50 -21.64 20.30
C LEU E 455 37.34 -20.44 19.86
N PRO E 456 37.39 -20.12 18.53
CA PRO E 456 38.11 -18.93 18.05
C PRO E 456 37.49 -17.64 18.60
N ALA E 457 38.31 -16.77 19.21
CA ALA E 457 37.89 -15.42 19.60
C ALA E 457 37.66 -14.56 18.36
N LEU E 458 36.86 -13.48 18.50
CA LEU E 458 36.76 -12.46 17.45
C LEU E 458 38.05 -11.63 17.45
N ASN E 459 38.80 -11.65 16.33
CA ASN E 459 40.07 -10.96 16.23
C ASN E 459 39.89 -9.56 15.65
N LEU E 460 40.17 -8.55 16.48
CA LEU E 460 39.86 -7.17 16.15
C LEU E 460 41.03 -6.44 15.49
N ALA E 461 42.07 -7.17 15.03
CA ALA E 461 43.30 -6.59 14.51
C ALA E 461 43.02 -5.62 13.34
N SER E 462 42.05 -5.99 12.48
CA SER E 462 41.76 -5.28 11.22
C SER E 462 40.85 -4.04 11.39
N TRP E 463 40.53 -3.67 12.64
CA TRP E 463 39.86 -2.43 13.04
C TRP E 463 40.86 -1.36 13.51
N ARG E 464 42.18 -1.59 13.31
CA ARG E 464 43.28 -0.74 13.76
C ARG E 464 43.52 0.46 12.82
N GLU E 465 44.31 1.45 13.31
CA GLU E 465 44.70 2.73 12.70
C GLU E 465 46.20 2.81 12.33
N ASN F 2 10.93 11.70 30.95
CA ASN F 2 10.69 10.51 31.84
C ASN F 2 12.02 10.00 32.40
N PHE F 3 12.25 10.27 33.70
CA PHE F 3 13.58 10.16 34.31
C PHE F 3 13.85 8.69 34.62
N LEU F 4 15.10 8.25 34.40
CA LEU F 4 15.52 6.86 34.47
C LEU F 4 16.56 6.69 35.58
N GLU F 5 16.50 5.56 36.30
CA GLU F 5 17.32 5.27 37.47
C GLU F 5 18.81 5.50 37.24
N HIS F 6 19.35 5.09 36.09
CA HIS F 6 20.78 5.16 35.79
C HIS F 6 21.24 6.61 35.63
N GLU F 7 20.27 7.53 35.44
CA GLU F 7 20.56 8.95 35.27
C GLU F 7 20.88 9.61 36.61
N LEU F 8 20.44 9.01 37.74
CA LEU F 8 20.88 9.36 39.10
C LEU F 8 22.42 9.44 39.20
N SER F 9 23.12 8.47 38.58
CA SER F 9 24.58 8.40 38.59
C SER F 9 25.24 9.59 37.86
N TYR F 10 24.50 10.25 36.97
CA TYR F 10 24.97 11.40 36.22
C TYR F 10 24.98 12.65 37.11
N ILE F 11 23.96 12.77 37.98
CA ILE F 11 23.87 13.81 39.01
C ILE F 11 25.13 13.78 39.88
N ASP F 12 25.55 12.56 40.27
CA ASP F 12 26.74 12.26 41.07
C ASP F 12 28.02 12.77 40.38
N VAL F 13 28.11 12.61 39.05
CA VAL F 13 29.26 13.05 38.25
C VAL F 13 29.26 14.58 38.15
N LEU F 14 28.06 15.19 38.15
CA LEU F 14 27.90 16.63 38.06
C LEU F 14 28.28 17.32 39.38
N LEU F 15 28.46 16.53 40.46
CA LEU F 15 28.70 17.06 41.79
C LEU F 15 30.12 16.72 42.27
N ASP F 16 30.98 16.30 41.33
CA ASP F 16 32.25 15.64 41.63
C ASP F 16 33.27 16.65 42.15
N LYS F 17 33.60 17.67 41.34
CA LYS F 17 34.59 18.71 41.63
C LYS F 17 36.02 18.17 41.52
N ASN F 18 36.18 16.83 41.48
CA ASN F 18 37.35 16.10 41.00
C ASN F 18 37.10 15.61 39.57
N ALA F 19 35.88 15.84 39.03
CA ALA F 19 35.49 15.45 37.69
C ALA F 19 36.07 16.40 36.65
N ASP F 20 36.23 15.88 35.43
CA ASP F 20 36.75 16.59 34.27
C ASP F 20 35.69 17.54 33.72
N GLN F 21 36.19 18.69 33.18
CA GLN F 21 35.40 19.84 32.72
C GLN F 21 34.49 19.42 31.56
N ALA F 22 35.09 18.67 30.62
CA ALA F 22 34.46 18.15 29.41
C ALA F 22 33.29 17.20 29.74
N THR F 23 33.45 16.28 30.71
CA THR F 23 32.45 15.33 31.16
C THR F 23 31.19 16.03 31.67
N LYS F 24 31.38 17.08 32.48
CA LYS F 24 30.31 17.82 33.13
C LYS F 24 29.46 18.59 32.11
N ASP F 25 30.13 19.16 31.08
CA ASP F 25 29.53 19.91 29.98
C ASP F 25 28.71 18.97 29.06
N ASN F 26 29.22 17.73 28.89
CA ASN F 26 28.60 16.66 28.12
C ASN F 26 27.26 16.26 28.74
N LEU F 27 27.27 16.07 30.07
CA LEU F 27 26.09 15.73 30.85
C LEU F 27 25.06 16.87 30.89
N ARG F 28 25.53 18.13 31.00
CA ARG F 28 24.69 19.34 30.94
C ARG F 28 23.94 19.38 29.62
N SER F 29 24.66 19.07 28.54
CA SER F 29 24.20 19.08 27.17
C SER F 29 23.09 18.03 26.96
N TYR F 30 23.30 16.81 27.49
CA TYR F 30 22.37 15.68 27.51
C TYR F 30 21.09 16.03 28.27
N PHE F 31 21.23 16.72 29.40
CA PHE F 31 20.09 17.11 30.22
C PHE F 31 19.33 18.27 29.58
N ALA F 32 20.05 19.22 28.93
CA ALA F 32 19.46 20.34 28.19
C ALA F 32 18.64 19.86 26.98
N ASP F 33 19.06 18.76 26.35
CA ASP F 33 18.36 18.12 25.23
C ASP F 33 16.99 17.59 25.65
N LYS F 34 16.82 17.23 26.94
CA LYS F 34 15.58 16.73 27.51
C LYS F 34 14.79 17.84 28.21
N GLY F 35 15.22 19.11 28.03
CA GLY F 35 14.57 20.30 28.59
C GLY F 35 14.77 20.48 30.09
N LEU F 36 15.90 19.96 30.65
CA LEU F 36 16.32 20.08 32.06
C LEU F 36 17.64 20.89 32.16
N HIS F 37 17.55 22.18 32.57
CA HIS F 37 18.53 23.22 32.27
C HIS F 37 19.56 23.46 33.38
N SER F 38 19.20 23.16 34.64
CA SER F 38 20.01 23.32 35.84
C SER F 38 20.00 22.03 36.66
N ILE F 39 20.93 21.84 37.61
CA ILE F 39 20.97 20.64 38.46
C ILE F 39 19.66 20.53 39.28
N LYS F 40 19.16 21.69 39.72
CA LYS F 40 17.89 21.87 40.46
C LYS F 40 16.72 21.34 39.63
N ASP F 41 16.72 21.64 38.31
CA ASP F 41 15.71 21.16 37.36
C ASP F 41 15.84 19.64 37.17
N ILE F 42 17.08 19.11 37.17
CA ILE F 42 17.37 17.69 37.04
C ILE F 42 16.90 16.93 38.28
N ILE F 43 17.29 17.39 39.49
CA ILE F 43 16.87 16.74 40.72
C ILE F 43 15.34 16.75 40.82
N ASN F 44 14.72 17.88 40.45
CA ASN F 44 13.28 18.12 40.54
C ASN F 44 12.52 17.09 39.70
N LYS F 45 13.01 16.81 38.48
CA LYS F 45 12.42 15.82 37.56
C LYS F 45 12.55 14.41 38.14
N ALA F 46 13.73 14.10 38.72
CA ALA F 46 13.95 12.84 39.42
C ALA F 46 12.92 12.62 40.53
N LYS F 47 12.64 13.66 41.35
CA LYS F 47 11.67 13.67 42.44
C LYS F 47 10.27 13.34 41.92
N GLN F 48 9.88 14.01 40.83
CA GLN F 48 8.54 14.00 40.26
C GLN F 48 8.25 12.68 39.56
N ASP F 49 9.31 11.95 39.17
CA ASP F 49 9.24 10.67 38.50
C ASP F 49 9.32 9.50 39.50
N GLY F 50 9.25 9.82 40.80
CA GLY F 50 9.10 8.84 41.87
C GLY F 50 10.42 8.36 42.48
N PHE F 51 11.55 9.01 42.12
CA PHE F 51 12.84 8.76 42.78
C PHE F 51 12.98 9.55 44.08
N ASP F 52 13.74 8.97 45.02
CA ASP F 52 14.17 9.65 46.24
C ASP F 52 15.49 10.37 45.96
N VAL F 53 15.46 11.72 46.01
CA VAL F 53 16.60 12.55 45.63
C VAL F 53 17.18 13.30 46.84
N SER F 54 16.72 12.96 48.05
CA SER F 54 17.07 13.66 49.28
C SER F 54 18.57 13.72 49.58
N LYS F 55 19.41 12.88 48.95
CA LYS F 55 20.87 12.91 49.05
C LYS F 55 21.46 14.25 48.54
C1 NAG G . -5.01 -15.68 -10.01
C2 NAG G . -4.16 -16.89 -10.32
C3 NAG G . -3.06 -17.00 -9.26
C4 NAG G . -2.26 -15.70 -9.11
C5 NAG G . -3.16 -14.45 -9.02
C6 NAG G . -2.44 -13.13 -9.27
C7 NAG G . -5.43 -18.66 -11.59
C8 NAG G . -6.19 -19.95 -11.43
N2 NAG G . -5.05 -18.02 -10.45
O3 NAG G . -2.19 -18.08 -9.49
O4 NAG G . -1.43 -15.79 -7.96
O5 NAG G . -4.22 -14.49 -10.00
O6 NAG G . -1.92 -13.12 -10.62
O7 NAG G . -5.19 -18.19 -12.69
C1 NAG G . -0.10 -15.42 -8.10
C2 NAG G . 0.34 -14.86 -6.77
C3 NAG G . 1.85 -14.64 -6.78
C4 NAG G . 2.58 -15.91 -7.18
C5 NAG G . 2.07 -16.32 -8.56
C6 NAG G . 2.67 -17.57 -9.14
C7 NAG G . -1.45 -13.63 -5.67
C8 NAG G . -2.15 -12.31 -5.50
N2 NAG G . -0.43 -13.66 -6.54
O3 NAG G . 2.35 -14.12 -5.55
O4 NAG G . 3.96 -15.64 -7.25
O5 NAG G . 0.66 -16.58 -8.42
O6 NAG G . 2.38 -18.70 -8.35
O7 NAG G . -1.78 -14.64 -5.05
C1 BMA G . 4.79 -16.33 -6.37
C2 BMA G . 6.11 -16.73 -7.01
C3 BMA G . 7.04 -17.37 -5.98
C4 BMA G . 7.21 -16.54 -4.69
C5 BMA G . 5.85 -16.03 -4.17
C6 BMA G . 5.95 -14.96 -3.12
O2 BMA G . 6.74 -15.59 -7.57
O3 BMA G . 8.30 -17.56 -6.63
O4 BMA G . 7.80 -17.35 -3.65
O5 BMA G . 5.06 -15.46 -5.27
O6 BMA G . 6.69 -13.81 -3.53
C1 MAN G . 8.99 -18.73 -6.31
C2 MAN G . 10.46 -18.39 -6.63
C3 MAN G . 10.62 -18.23 -8.16
C4 MAN G . 10.14 -19.52 -8.87
C5 MAN G . 8.64 -19.85 -8.46
C6 MAN G . 8.02 -21.10 -9.04
O2 MAN G . 11.34 -19.36 -6.05
O3 MAN G . 11.95 -17.76 -8.46
O4 MAN G . 10.18 -19.37 -10.29
O5 MAN G . 8.53 -19.92 -6.99
O6 MAN G . 8.52 -22.24 -8.40
C1 MAN G . 5.98 -12.79 -4.16
C2 MAN G . 6.69 -12.46 -5.47
C3 MAN G . 8.04 -11.88 -5.15
C4 MAN G . 7.87 -10.57 -4.32
C5 MAN G . 7.01 -10.80 -3.05
C6 MAN G . 6.48 -9.51 -2.44
O2 MAN G . 5.87 -11.62 -6.29
O3 MAN G . 8.72 -11.66 -6.39
O4 MAN G . 9.12 -10.07 -3.88
O5 MAN G . 5.84 -11.63 -3.33
O6 MAN G . 5.35 -9.01 -3.16
C1 FUC G . -1.05 -12.09 -11.01
C2 FUC G . 0.05 -12.71 -11.89
C3 FUC G . -0.60 -13.32 -13.14
C4 FUC G . -1.39 -12.26 -13.90
C5 FUC G . -2.45 -11.67 -12.96
C6 FUC G . -3.33 -10.59 -13.55
O2 FUC G . 0.84 -13.69 -11.20
O3 FUC G . 0.40 -13.92 -13.97
O4 FUC G . -0.46 -11.26 -14.34
O5 FUC G . -1.82 -11.14 -11.76
C1 NAG H . -37.90 11.32 -19.69
C2 NAG H . -37.47 12.67 -20.24
C3 NAG H . -38.67 13.35 -20.92
C4 NAG H . -39.19 12.46 -22.04
C5 NAG H . -39.65 11.15 -21.41
C6 NAG H . -40.04 10.12 -22.45
C7 NAG H . -35.58 13.68 -18.92
C8 NAG H . -35.35 14.45 -17.66
N2 NAG H . -36.87 13.55 -19.25
O3 NAG H . -38.21 14.58 -21.43
O4 NAG H . -40.23 13.10 -22.81
O5 NAG H . -38.57 10.53 -20.68
O6 NAG H . -38.90 9.79 -23.28
O7 NAG H . -34.64 13.21 -19.56
C1 NAG H . -40.06 13.62 -24.11
C2 NAG H . -41.42 13.81 -24.80
C3 NAG H . -41.36 14.66 -26.09
C4 NAG H . -40.53 15.94 -25.96
C5 NAG H . -39.17 15.59 -25.30
C6 NAG H . -38.32 16.80 -24.96
C7 NAG H . -42.69 11.70 -24.34
C8 NAG H . -42.65 10.29 -24.84
N2 NAG H . -42.11 12.58 -25.16
O3 NAG H . -42.69 14.95 -26.51
O4 NAG H . -40.42 16.64 -27.20
O5 NAG H . -39.38 14.88 -24.05
O6 NAG H . -39.04 17.66 -24.03
O7 NAG H . -43.22 12.04 -23.28
C1 NAG I . -20.51 33.00 -30.06
C2 NAG I . -19.93 32.95 -31.46
C3 NAG I . -20.92 33.55 -32.45
C4 NAG I . -22.30 32.90 -32.29
C5 NAG I . -22.72 33.09 -30.82
C6 NAG I . -24.13 32.69 -30.39
C7 NAG I . -17.47 32.91 -31.80
C8 NAG I . -16.27 33.37 -31.04
N2 NAG I . -18.61 33.55 -31.48
O3 NAG I . -20.38 33.33 -33.75
O4 NAG I . -23.26 33.52 -33.15
O5 NAG I . -21.77 32.37 -30.01
O6 NAG I . -24.44 31.38 -30.82
O7 NAG I . -17.41 32.03 -32.66
C1 NAG I . -23.70 32.90 -34.32
C2 NAG I . -24.98 33.62 -34.76
C3 NAG I . -25.38 33.15 -36.17
C4 NAG I . -24.24 33.34 -37.18
C5 NAG I . -22.94 32.71 -36.65
C6 NAG I . -21.69 33.03 -37.46
C7 NAG I . -26.29 34.51 -32.87
C8 NAG I . -27.36 34.18 -31.87
N2 NAG I . -26.05 33.58 -33.79
O3 NAG I . -26.54 33.87 -36.57
O4 NAG I . -24.62 32.79 -38.45
O5 NAG I . -22.66 33.13 -35.28
O6 NAG I . -21.07 34.27 -37.08
O7 NAG I . -25.67 35.58 -32.84
C1 NAG J . 16.68 -6.11 -7.61
C2 NAG J . 16.90 -6.94 -8.87
C3 NAG J . 15.70 -6.68 -9.76
C4 NAG J . 14.37 -6.97 -9.05
C5 NAG J . 14.30 -6.28 -7.68
C6 NAG J . 13.18 -6.78 -6.79
C7 NAG J . 19.21 -7.38 -9.58
C8 NAG J . 20.33 -7.01 -10.50
N2 NAG J . 18.12 -6.59 -9.58
O3 NAG J . 15.85 -7.34 -11.00
O4 NAG J . 13.35 -6.40 -9.88
O5 NAG J . 15.49 -6.47 -6.91
O6 NAG J . 13.39 -8.15 -6.55
O7 NAG J . 19.28 -8.37 -8.86
C1 NAG J . 12.25 -7.19 -10.19
C2 NAG J . 11.03 -6.28 -10.35
C3 NAG J . 9.85 -7.13 -10.79
C4 NAG J . 10.19 -7.88 -12.07
C5 NAG J . 11.43 -8.73 -11.86
C6 NAG J . 11.95 -9.37 -13.12
C7 NAG J . 11.16 -4.20 -9.00
C8 NAG J . 11.00 -3.75 -7.59
N2 NAG J . 10.77 -5.46 -9.18
O3 NAG J . 8.70 -6.32 -11.00
O4 NAG J . 9.08 -8.72 -12.42
O5 NAG J . 12.50 -7.85 -11.43
O6 NAG J . 12.26 -8.40 -14.09
O7 NAG J . 11.64 -3.47 -9.88
C1 BMA J . 8.50 -8.42 -13.64
C2 BMA J . 8.07 -9.71 -14.30
C3 BMA J . 7.33 -9.37 -15.58
C4 BMA J . 6.17 -8.36 -15.39
C5 BMA J . 6.66 -7.13 -14.59
C6 BMA J . 5.54 -6.31 -14.03
O2 BMA J . 7.31 -10.50 -13.40
O3 BMA J . 6.92 -10.62 -16.10
O4 BMA J . 5.73 -7.86 -16.65
O5 BMA J . 7.39 -7.55 -13.41
O6 BMA J . 4.73 -7.17 -13.19
C1 MAN J . 6.97 -10.74 -17.51
C2 MAN J . 6.27 -12.08 -17.68
C3 MAN J . 7.30 -13.18 -17.32
C4 MAN J . 8.57 -13.11 -18.26
C5 MAN J . 9.21 -11.69 -18.25
C6 MAN J . 10.20 -11.49 -19.42
O2 MAN J . 5.60 -12.12 -18.95
O3 MAN J . 6.63 -14.44 -17.19
O4 MAN J . 9.61 -14.01 -17.88
O5 MAN J . 8.18 -10.61 -18.29
O6 MAN J . 10.12 -10.26 -20.16
C1 MAN J . 4.94 -7.24 -11.80
C2 MAN J . 4.81 -8.70 -11.36
C3 MAN J . 3.34 -9.13 -11.59
C4 MAN J . 2.35 -8.19 -10.89
C5 MAN J . 2.56 -6.74 -11.35
C6 MAN J . 1.77 -5.71 -10.54
O2 MAN J . 5.47 -8.94 -10.09
O3 MAN J . 3.15 -10.46 -11.11
O4 MAN J . 1.01 -8.54 -11.16
O5 MAN J . 3.96 -6.43 -11.14
O6 MAN J . 2.08 -5.74 -9.13
C1 FUC J . 12.36 -8.85 -5.90
C2 FUC J . 12.18 -10.18 -6.64
C3 FUC J . 13.47 -11.02 -6.56
C4 FUC J . 13.87 -11.25 -5.11
C5 FUC J . 14.10 -9.87 -4.51
C6 FUC J . 14.63 -9.89 -3.09
O2 FUC J . 11.83 -10.00 -8.00
O3 FUC J . 13.36 -12.25 -7.29
O4 FUC J . 12.84 -12.00 -4.40
O5 FUC J . 12.85 -9.09 -4.57
C1 NAG K . 29.56 4.30 32.70
C2 NAG K . 28.68 3.72 33.80
C3 NAG K . 29.38 3.73 35.15
C4 NAG K . 30.79 3.18 35.08
C5 NAG K . 31.53 3.95 33.98
C6 NAG K . 33.00 3.63 33.78
C7 NAG K . 26.34 3.70 33.32
C8 NAG K . 25.01 4.33 33.53
N2 NAG K . 27.37 4.33 33.88
O3 NAG K . 28.62 2.91 36.03
O4 NAG K . 31.40 3.33 36.38
O5 NAG K . 30.85 3.68 32.74
O6 NAG K . 33.23 2.78 32.66
O7 NAG K . 26.49 2.65 32.69
C1 NAG K . 31.75 2.15 37.05
C2 NAG K . 33.00 2.32 37.93
C3 NAG K . 33.07 1.34 39.13
C4 NAG K . 31.72 0.80 39.66
C5 NAG K . 30.79 0.49 38.48
C6 NAG K . 29.41 -0.01 38.83
C7 NAG K . 35.01 2.99 36.48
C8 NAG K . 36.08 2.37 35.62
N2 NAG K . 34.09 2.13 36.96
O3 NAG K . 33.84 1.85 40.22
O4 NAG K . 31.94 -0.29 40.56
O5 NAG K . 30.60 1.73 37.78
O6 NAG K . 28.59 1.08 39.29
O7 NAG K . 34.98 4.20 36.68
CHA HEM L . -4.93 14.08 -17.22
CHB HEM L . -6.36 17.16 -20.62
CHC HEM L . -6.63 13.62 -23.74
CHD HEM L . -5.35 10.45 -20.43
C1A HEM L . -5.22 15.29 -17.83
C2A HEM L . -5.24 16.56 -17.27
C3A HEM L . -5.68 17.42 -18.26
C4A HEM L . -5.90 16.65 -19.40
CMA HEM L . -5.90 18.91 -18.15
CAA HEM L . -4.83 16.95 -15.87
CBA HEM L . -3.40 17.52 -15.90
CGA HEM L . -2.67 17.64 -14.55
O1A HEM L . -2.91 18.74 -14.00
O2A HEM L . -1.94 16.69 -14.08
C1B HEM L . -6.63 16.49 -21.77
C2B HEM L . -7.25 17.00 -22.90
C3B HEM L . -7.36 15.95 -23.82
C4B HEM L . -6.76 14.88 -23.19
CMB HEM L . -7.75 18.41 -23.09
CAB HEM L . -7.96 15.84 -25.14
CBB HEM L . -8.61 16.70 -25.89
C1C HEM L . -6.25 12.44 -23.17
C2C HEM L . -6.09 11.20 -23.86
C3C HEM L . -5.70 10.25 -22.90
C4C HEM L . -5.67 10.94 -21.69
CMC HEM L . -6.26 10.98 -25.34
CAC HEM L . -5.38 8.82 -23.15
CBC HEM L . -5.32 8.15 -24.28
C1D HEM L . -5.28 11.15 -19.21
C2D HEM L . -5.26 10.57 -17.97
C3D HEM L . -5.16 11.61 -17.08
C4D HEM L . -5.10 12.78 -17.79
CMD HEM L . -5.39 9.09 -17.68
CAD HEM L . -5.18 11.55 -15.58
CBD HEM L . -6.64 11.45 -15.15
CGD HEM L . -6.68 11.43 -13.63
O1D HEM L . -6.43 10.30 -13.08
O2D HEM L . -6.97 12.50 -13.00
NA HEM L . -5.59 15.36 -19.16
NB HEM L . -6.27 15.21 -21.94
NC HEM L . -5.99 12.31 -21.87
ND HEM L . -5.14 12.50 -19.12
FE HEM L . -5.36 13.90 -20.76
I IOD M . 2.79 3.21 -8.58
CA CA N . -15.08 2.69 -14.17
CL CL O . -10.07 18.09 -17.42
CL CL P . -7.79 31.76 -13.31
CHA HEM Q . 3.71 -11.42 19.63
CHB HEM Q . 4.32 -13.35 23.82
CHC HEM Q . 7.92 -15.98 22.01
CHD HEM Q . 7.31 -13.91 17.78
C1A HEM Q . 3.42 -11.74 20.92
C2A HEM Q . 2.42 -11.22 21.75
C3A HEM Q . 2.59 -11.75 22.98
C4A HEM Q . 3.70 -12.60 22.86
CMA HEM Q . 1.76 -11.47 24.20
CAA HEM Q . 1.34 -10.25 21.33
CBA HEM Q . 0.03 -11.01 21.11
CGA HEM Q . -1.06 -10.15 20.47
O1A HEM Q . -1.17 -10.16 19.22
O2A HEM Q . -1.78 -9.50 21.26
C1B HEM Q . 5.43 -14.15 23.75
C2B HEM Q . 6.09 -14.72 24.85
C3B HEM Q . 7.11 -15.52 24.30
C4B HEM Q . 7.07 -15.34 22.93
CMB HEM Q . 5.71 -14.54 26.30
CAB HEM Q . 8.19 -16.28 24.87
CBB HEM Q . 8.73 -16.29 26.03
C1C HEM Q . 8.05 -15.76 20.64
C2C HEM Q . 8.89 -16.47 19.72
C3C HEM Q . 8.67 -15.87 18.47
C4C HEM Q . 7.77 -14.82 18.70
CMC HEM Q . 9.77 -17.66 20.02
CAC HEM Q . 9.28 -16.20 17.19
CBC HEM Q . 10.20 -17.08 16.90
C1D HEM Q . 6.37 -12.92 17.93
C2D HEM Q . 6.09 -11.94 17.04
C3D HEM Q . 5.07 -11.21 17.58
C4D HEM Q . 4.74 -11.78 18.78
CMD HEM Q . 6.82 -11.69 15.74
CAD HEM Q . 4.44 -9.96 17.02
CBD HEM Q . 5.40 -8.77 17.21
CGD HEM Q . 4.72 -7.43 16.99
O1D HEM Q . 4.77 -6.87 15.89
O2D HEM Q . 4.10 -6.97 17.97
NA HEM Q . 4.17 -12.60 21.59
NB HEM Q . 6.02 -14.50 22.58
NC HEM Q . 7.35 -14.77 20.01
ND HEM Q . 5.49 -12.85 18.97
FE HEM Q . 5.44 -13.99 20.67
I IOD R . 0.15 -8.50 4.24
C1 NAG S . 10.10 -13.28 46.39
C2 NAG S . 10.51 -14.75 46.57
C3 NAG S . 11.18 -15.01 47.93
C4 NAG S . 12.44 -14.18 48.06
C5 NAG S . 11.96 -12.72 47.97
C6 NAG S . 13.10 -11.72 48.01
C7 NAG S . 9.66 -16.82 45.54
C8 NAG S . 10.72 -17.86 45.82
N2 NAG S . 9.52 -15.78 46.37
O3 NAG S . 11.45 -16.36 48.29
O4 NAG S . 13.15 -14.50 49.28
O5 NAG S . 11.21 -12.44 46.74
O6 NAG S . 14.05 -12.04 47.00
O7 NAG S . 8.89 -16.91 44.60
CA CA T . 15.63 -3.65 13.47
CL CL U . 5.16 -8.93 24.67
#